data_9C9I
#
_entry.id   9C9I
#
_cell.length_a   94.241
_cell.length_b   94.241
_cell.length_c   199.386
_cell.angle_alpha   90.00
_cell.angle_beta   90.00
_cell.angle_gamma   90.00
#
_symmetry.space_group_name_H-M   'P 41'
#
loop_
_entity.id
_entity.type
_entity.pdbx_description
1 polymer 'WD repeat domain phosphoinositide-interacting protein 3'
2 polymer Hamartin
#
loop_
_entity_poly.entity_id
_entity_poly.type
_entity_poly.pdbx_seq_one_letter_code
_entity_poly.pdbx_strand_id
1 'polypeptide(L)'
;MHHHHHHGLLYAGFNQDHGCFACGMENGFRVYNTDPLKEKEKQEFLEGGVGHVEMLFRCNYLALVGGGKKKVMIWDDLKK
KTVIEIEFSTEVKAVKLRRDRIVVVLDSMIKVFTFTHNPHQLHVFETCYNPKGLCVLCPNSNNSLLAFPGTHTGHVQLVD
LASTEKPPVDIPAHEGVLSCIALNLQGTRIATASEKGTLIRIFDTSSGHLIQELRRGSQAANIYCINFNQDASLICVSSD
HGTVHIFAAEDPKSKWSFSKFQVPSGSPCICAFGTEPNAVIAICADGSYYKFLFNPKGECIRDVYAQFLEMTDDKL
;
A,C,E,G
2 'polypeptide(L)' (UNK)(UNK)(UNK)(UNK)(UNK)(UNK)(UNK)(UNK)(UNK)(UNK)(UNK)AHSKELNKLPLPSKSVDWTHFGG X,B,D,F,H
#
# COMPACT_ATOMS: atom_id res chain seq x y z
N HIS A 7 -14.98 -13.30 -6.17
CA HIS A 7 -15.28 -12.72 -4.86
C HIS A 7 -16.48 -13.41 -4.22
N GLY A 8 -17.56 -13.57 -4.99
CA GLY A 8 -18.78 -14.18 -4.50
C GLY A 8 -19.63 -13.31 -3.62
N LEU A 9 -19.18 -12.09 -3.29
CA LEU A 9 -19.93 -11.21 -2.40
C LEU A 9 -21.05 -10.51 -3.17
N LEU A 10 -22.30 -10.78 -2.78
CA LEU A 10 -23.46 -10.14 -3.38
C LEU A 10 -24.12 -9.10 -2.50
N TYR A 11 -23.94 -9.18 -1.19
CA TYR A 11 -24.55 -8.22 -0.28
C TYR A 11 -23.76 -8.17 1.01
N ALA A 12 -23.79 -7.00 1.66
CA ALA A 12 -23.18 -6.82 2.97
C ALA A 12 -23.99 -5.77 3.72
N GLY A 13 -24.31 -6.05 4.98
CA GLY A 13 -25.11 -5.14 5.76
C GLY A 13 -24.88 -5.32 7.24
N PHE A 14 -24.94 -4.21 7.96
CA PHE A 14 -24.79 -4.22 9.41
C PHE A 14 -26.10 -4.63 10.07
N ASN A 15 -26.00 -5.07 11.32
CA ASN A 15 -27.20 -5.35 12.10
C ASN A 15 -27.70 -4.06 12.75
N GLN A 16 -28.44 -4.18 13.84
CA GLN A 16 -29.09 -3.01 14.43
C GLN A 16 -28.19 -2.26 15.40
N ASP A 17 -27.23 -2.92 16.03
CA ASP A 17 -26.27 -2.25 16.89
C ASP A 17 -24.91 -2.08 16.23
N HIS A 18 -24.81 -2.41 14.93
CA HIS A 18 -23.59 -2.33 14.14
C HIS A 18 -22.46 -3.18 14.71
N GLY A 19 -22.74 -4.03 15.69
CA GLY A 19 -21.72 -4.92 16.22
C GLY A 19 -21.42 -6.12 15.35
N CYS A 20 -22.36 -6.52 14.50
CA CYS A 20 -22.17 -7.60 13.55
C CYS A 20 -22.55 -7.12 12.17
N PHE A 21 -22.06 -7.84 11.16
CA PHE A 21 -22.50 -7.61 9.78
C PHE A 21 -22.55 -8.95 9.07
N ALA A 22 -23.54 -9.10 8.20
CA ALA A 22 -23.77 -10.34 7.47
C ALA A 22 -23.52 -10.12 5.99
N CYS A 23 -23.19 -11.21 5.29
CA CYS A 23 -22.85 -11.16 3.88
C CYS A 23 -23.69 -12.19 3.12
N GLY A 24 -24.32 -11.76 2.04
CA GLY A 24 -24.98 -12.66 1.13
C GLY A 24 -24.01 -13.10 0.04
N MET A 25 -23.90 -14.41 -0.13
CA MET A 25 -22.94 -14.99 -1.07
C MET A 25 -23.67 -15.86 -2.09
N GLU A 26 -22.94 -16.23 -3.14
CA GLU A 26 -23.52 -17.08 -4.19
C GLU A 26 -23.67 -18.51 -3.72
N ASN A 27 -22.95 -18.93 -2.68
CA ASN A 27 -23.06 -20.27 -2.13
C ASN A 27 -23.84 -20.33 -0.83
N GLY A 28 -24.15 -19.18 -0.23
CA GLY A 28 -24.85 -19.13 1.03
C GLY A 28 -24.76 -17.78 1.70
N PHE A 29 -24.43 -17.76 2.99
CA PHE A 29 -24.28 -16.51 3.71
C PHE A 29 -23.20 -16.67 4.78
N ARG A 30 -22.65 -15.53 5.20
CA ARG A 30 -21.65 -15.48 6.26
C ARG A 30 -22.01 -14.37 7.22
N VAL A 31 -21.76 -14.60 8.51
CA VAL A 31 -22.02 -13.63 9.56
C VAL A 31 -20.70 -13.34 10.28
N TYR A 32 -20.35 -12.06 10.36
CA TYR A 32 -19.10 -11.63 10.95
C TYR A 32 -19.35 -10.71 12.13
N ASN A 33 -18.36 -10.64 13.02
CA ASN A 33 -18.34 -9.66 14.09
C ASN A 33 -17.61 -8.41 13.58
N THR A 34 -18.24 -7.25 13.75
CA THR A 34 -17.67 -6.01 13.21
C THR A 34 -16.34 -5.68 13.86
N ASP A 35 -16.33 -5.55 15.19
CA ASP A 35 -15.13 -5.17 15.91
C ASP A 35 -15.01 -5.98 17.19
N PRO A 36 -14.01 -6.87 17.30
CA PRO A 36 -12.97 -7.19 16.30
C PRO A 36 -13.50 -8.07 15.17
N LEU A 37 -12.81 -8.11 14.04
CA LEU A 37 -13.26 -8.91 12.91
C LEU A 37 -13.11 -10.39 13.22
N LYS A 38 -14.21 -11.14 13.12
CA LYS A 38 -14.17 -12.58 13.34
C LYS A 38 -15.35 -13.21 12.63
N GLU A 39 -15.10 -14.34 11.97
CA GLU A 39 -16.15 -15.09 11.28
C GLU A 39 -16.94 -15.92 12.29
N LYS A 40 -18.21 -15.59 12.46
CA LYS A 40 -19.06 -16.31 13.41
C LYS A 40 -19.74 -17.54 12.79
N GLU A 41 -20.27 -17.41 11.58
CA GLU A 41 -20.96 -18.52 10.94
C GLU A 41 -20.90 -18.36 9.43
N LYS A 42 -20.75 -19.48 8.74
CA LYS A 42 -20.78 -19.52 7.27
C LYS A 42 -21.63 -20.73 6.89
N GLN A 43 -22.89 -20.48 6.55
CA GLN A 43 -23.83 -21.55 6.20
C GLN A 43 -23.93 -21.59 4.68
N GLU A 44 -23.06 -22.38 4.06
CA GLU A 44 -23.09 -22.57 2.62
C GLU A 44 -24.20 -23.54 2.23
N PHE A 45 -24.08 -24.16 1.06
CA PHE A 45 -25.04 -25.14 0.55
C PHE A 45 -26.42 -24.53 0.31
N LEU A 46 -26.68 -23.34 0.86
CA LEU A 46 -27.86 -22.58 0.49
C LEU A 46 -27.76 -22.18 -0.97
N GLU A 47 -28.41 -22.92 -1.85
CA GLU A 47 -28.30 -22.69 -3.28
C GLU A 47 -29.37 -21.68 -3.72
N GLY A 48 -28.94 -20.69 -4.50
CA GLY A 48 -29.84 -19.65 -4.96
C GLY A 48 -29.14 -18.32 -5.12
N GLY A 49 -28.22 -18.01 -4.20
CA GLY A 49 -27.54 -16.73 -4.22
C GLY A 49 -28.24 -15.69 -3.36
N VAL A 50 -27.77 -15.50 -2.13
CA VAL A 50 -28.41 -14.59 -1.20
C VAL A 50 -28.04 -13.16 -1.55
N GLY A 51 -29.03 -12.33 -1.83
CA GLY A 51 -28.79 -10.96 -2.21
C GLY A 51 -29.14 -9.96 -1.12
N HIS A 52 -29.68 -10.45 -0.01
CA HIS A 52 -30.03 -9.59 1.11
C HIS A 52 -30.11 -10.44 2.37
N VAL A 53 -29.41 -10.00 3.42
CA VAL A 53 -29.45 -10.66 4.72
C VAL A 53 -29.80 -9.62 5.77
N GLU A 54 -30.81 -9.91 6.57
CA GLU A 54 -31.20 -9.07 7.70
C GLU A 54 -31.04 -9.85 8.99
N MET A 55 -30.45 -9.21 9.99
CA MET A 55 -30.24 -9.82 11.29
C MET A 55 -31.16 -9.17 12.33
N LEU A 56 -31.51 -9.93 13.36
CA LEU A 56 -32.23 -9.42 14.51
C LEU A 56 -31.29 -9.52 15.71
N PHE A 57 -30.36 -8.56 15.79
CA PHE A 57 -29.28 -8.60 16.77
C PHE A 57 -28.54 -9.93 16.66
N ARG A 58 -28.10 -10.49 17.78
CA ARG A 58 -27.30 -11.71 17.77
C ARG A 58 -28.12 -12.96 18.06
N CYS A 59 -29.38 -12.99 17.63
CA CYS A 59 -30.21 -14.17 17.82
C CYS A 59 -29.98 -15.14 16.66
N ASN A 60 -30.85 -16.14 16.52
CA ASN A 60 -30.65 -17.21 15.55
C ASN A 60 -31.46 -17.03 14.27
N TYR A 61 -32.31 -16.02 14.20
CA TYR A 61 -33.17 -15.81 13.03
C TYR A 61 -32.53 -14.82 12.08
N LEU A 62 -32.41 -15.21 10.81
CA LEU A 62 -31.91 -14.35 9.74
C LEU A 62 -32.92 -14.32 8.61
N ALA A 63 -33.16 -13.12 8.08
CA ALA A 63 -34.03 -12.95 6.93
C ALA A 63 -33.19 -12.98 5.66
N LEU A 64 -33.50 -13.93 4.76
CA LEU A 64 -32.74 -14.13 3.55
C LEU A 64 -33.63 -13.95 2.33
N VAL A 65 -33.11 -13.24 1.32
CA VAL A 65 -33.79 -13.05 0.06
C VAL A 65 -33.01 -13.84 -1.00
N GLY A 66 -33.69 -14.77 -1.65
CA GLY A 66 -33.05 -15.65 -2.60
C GLY A 66 -32.57 -14.95 -3.86
N GLY A 67 -32.05 -15.75 -4.78
CA GLY A 67 -31.55 -15.20 -6.03
C GLY A 67 -32.67 -14.63 -6.90
N GLY A 68 -33.82 -15.32 -6.93
CA GLY A 68 -34.96 -14.81 -7.68
C GLY A 68 -35.54 -13.54 -7.12
N LYS A 69 -35.17 -13.19 -5.88
CA LYS A 69 -35.59 -11.96 -5.22
C LYS A 69 -37.11 -11.86 -5.07
N LYS A 70 -37.81 -12.99 -5.14
CA LYS A 70 -39.27 -13.01 -5.02
C LYS A 70 -39.74 -13.80 -3.81
N LYS A 71 -38.85 -14.14 -2.89
CA LYS A 71 -39.19 -15.04 -1.80
C LYS A 71 -38.37 -14.67 -0.57
N VAL A 72 -39.05 -14.22 0.48
CA VAL A 72 -38.41 -13.93 1.76
C VAL A 72 -38.42 -15.19 2.61
N MET A 73 -37.26 -15.56 3.14
CA MET A 73 -37.10 -16.79 3.90
C MET A 73 -36.43 -16.49 5.23
N ILE A 74 -37.13 -16.78 6.32
CA ILE A 74 -36.57 -16.66 7.66
C ILE A 74 -35.86 -17.98 7.99
N TRP A 75 -34.60 -17.87 8.42
CA TRP A 75 -33.72 -19.01 8.58
C TRP A 75 -33.32 -19.12 10.06
N ASP A 76 -33.63 -20.25 10.67
CA ASP A 76 -33.25 -20.53 12.06
C ASP A 76 -31.89 -21.22 12.03
N ASP A 77 -30.84 -20.48 12.37
CA ASP A 77 -29.49 -21.04 12.34
C ASP A 77 -29.30 -22.11 13.40
N LEU A 78 -30.04 -22.04 14.51
CA LEU A 78 -29.99 -23.10 15.50
C LEU A 78 -30.52 -24.40 14.92
N LYS A 79 -31.73 -24.36 14.35
CA LYS A 79 -32.32 -25.53 13.73
C LYS A 79 -31.74 -25.83 12.35
N LYS A 80 -30.98 -24.89 11.77
CA LYS A 80 -30.36 -25.05 10.45
C LYS A 80 -31.42 -25.39 9.40
N LYS A 81 -32.47 -24.58 9.35
CA LYS A 81 -33.57 -24.79 8.41
C LYS A 81 -34.35 -23.50 8.27
N THR A 82 -35.14 -23.43 7.21
CA THR A 82 -36.03 -22.29 6.97
C THR A 82 -37.34 -22.52 7.69
N VAL A 83 -37.76 -21.54 8.50
CA VAL A 83 -38.93 -21.70 9.36
C VAL A 83 -40.11 -20.94 8.78
N ILE A 84 -39.85 -19.83 8.09
CA ILE A 84 -40.88 -19.00 7.48
C ILE A 84 -40.47 -18.71 6.04
N GLU A 85 -41.45 -18.69 5.13
CA GLU A 85 -41.20 -18.41 3.73
C GLU A 85 -42.38 -17.60 3.18
N ILE A 86 -42.13 -16.34 2.86
CA ILE A 86 -43.12 -15.45 2.25
C ILE A 86 -42.66 -15.15 0.83
N GLU A 87 -43.50 -15.49 -0.14
CA GLU A 87 -43.20 -15.24 -1.54
C GLU A 87 -44.03 -14.07 -2.06
N PHE A 88 -43.50 -13.38 -3.06
CA PHE A 88 -44.14 -12.20 -3.62
C PHE A 88 -44.12 -12.28 -5.15
N SER A 89 -45.16 -11.71 -5.76
CA SER A 89 -45.22 -11.66 -7.22
C SER A 89 -44.20 -10.70 -7.80
N THR A 90 -43.93 -9.60 -7.09
CA THR A 90 -42.90 -8.65 -7.49
C THR A 90 -41.59 -9.01 -6.78
N GLU A 91 -40.54 -8.26 -7.08
CA GLU A 91 -39.22 -8.51 -6.51
C GLU A 91 -39.08 -7.83 -5.15
N VAL A 92 -38.44 -8.54 -4.22
CA VAL A 92 -38.21 -8.03 -2.88
C VAL A 92 -36.89 -7.26 -2.86
N LYS A 93 -36.96 -5.99 -2.47
CA LYS A 93 -35.77 -5.15 -2.47
C LYS A 93 -35.04 -5.15 -1.14
N ALA A 94 -35.76 -5.31 -0.03
CA ALA A 94 -35.14 -5.33 1.28
C ALA A 94 -36.10 -5.95 2.28
N VAL A 95 -35.55 -6.41 3.40
CA VAL A 95 -36.32 -6.98 4.50
C VAL A 95 -35.75 -6.44 5.80
N LYS A 96 -36.62 -5.94 6.68
CA LYS A 96 -36.22 -5.45 7.99
C LYS A 96 -36.91 -6.29 9.06
N LEU A 97 -36.20 -6.52 10.16
CA LEU A 97 -36.65 -7.45 11.19
C LEU A 97 -36.78 -6.76 12.54
N ARG A 98 -37.69 -7.29 13.35
CA ARG A 98 -37.88 -6.89 14.74
C ARG A 98 -38.63 -8.02 15.43
N ARG A 99 -38.61 -8.02 16.76
CA ARG A 99 -39.06 -9.19 17.51
C ARG A 99 -40.51 -9.56 17.22
N ASP A 100 -41.36 -8.58 16.89
CA ASP A 100 -42.77 -8.86 16.65
C ASP A 100 -43.24 -8.55 15.24
N ARG A 101 -42.40 -7.99 14.37
CA ARG A 101 -42.82 -7.60 13.03
C ARG A 101 -41.76 -7.97 12.01
N ILE A 102 -42.21 -8.37 10.82
CA ILE A 102 -41.35 -8.61 9.67
C ILE A 102 -41.74 -7.62 8.58
N VAL A 103 -40.81 -6.73 8.24
CA VAL A 103 -41.06 -5.67 7.28
C VAL A 103 -40.38 -6.04 5.96
N VAL A 104 -41.16 -6.05 4.89
CA VAL A 104 -40.68 -6.40 3.56
C VAL A 104 -40.76 -5.18 2.66
N VAL A 105 -39.66 -4.86 1.98
CA VAL A 105 -39.57 -3.69 1.12
C VAL A 105 -39.71 -4.14 -0.33
N LEU A 106 -40.69 -3.57 -1.03
CA LEU A 106 -40.87 -3.80 -2.46
C LEU A 106 -40.53 -2.52 -3.22
N ASP A 107 -40.55 -2.62 -4.55
CA ASP A 107 -40.21 -1.47 -5.37
C ASP A 107 -41.24 -0.35 -5.29
N SER A 108 -42.43 -0.62 -4.73
CA SER A 108 -43.49 0.38 -4.68
C SER A 108 -44.23 0.47 -3.35
N MET A 109 -44.05 -0.48 -2.43
CA MET A 109 -44.79 -0.45 -1.18
C MET A 109 -44.02 -1.18 -0.09
N ILE A 110 -44.43 -0.94 1.15
CA ILE A 110 -43.86 -1.58 2.33
C ILE A 110 -44.97 -2.36 3.02
N LYS A 111 -44.75 -3.66 3.23
CA LYS A 111 -45.73 -4.52 3.88
C LYS A 111 -45.17 -5.02 5.20
N VAL A 112 -45.96 -4.88 6.26
CA VAL A 112 -45.57 -5.29 7.60
C VAL A 112 -46.36 -6.54 7.97
N PHE A 113 -45.64 -7.63 8.25
CA PHE A 113 -46.23 -8.89 8.65
C PHE A 113 -45.93 -9.17 10.13
N THR A 114 -46.49 -10.26 10.62
CA THR A 114 -46.19 -10.74 11.96
C THR A 114 -45.06 -11.77 11.90
N PHE A 115 -44.38 -11.92 13.03
CA PHE A 115 -43.29 -12.90 13.14
C PHE A 115 -43.78 -14.25 13.63
N THR A 116 -44.91 -14.72 13.10
CA THR A 116 -45.47 -16.02 13.45
C THR A 116 -45.17 -17.03 12.33
N HIS A 117 -45.53 -18.29 12.60
CA HIS A 117 -45.24 -19.35 11.64
C HIS A 117 -45.92 -19.09 10.30
N ASN A 118 -47.15 -18.58 10.33
CA ASN A 118 -47.87 -18.13 9.14
C ASN A 118 -48.11 -16.63 9.30
N PRO A 119 -47.24 -15.79 8.74
CA PRO A 119 -47.34 -14.35 8.98
C PRO A 119 -48.66 -13.77 8.49
N HIS A 120 -49.01 -12.65 9.11
CA HIS A 120 -50.29 -11.97 8.90
C HIS A 120 -50.00 -10.53 8.55
N GLN A 121 -50.24 -10.14 7.29
CA GLN A 121 -49.91 -8.80 6.86
C GLN A 121 -50.73 -7.77 7.62
N LEU A 122 -50.05 -6.93 8.40
CA LEU A 122 -50.72 -5.99 9.29
C LEU A 122 -50.97 -4.64 8.62
N HIS A 123 -49.98 -4.11 7.91
CA HIS A 123 -50.12 -2.80 7.29
C HIS A 123 -49.49 -2.81 5.91
N VAL A 124 -49.94 -1.86 5.08
CA VAL A 124 -49.38 -1.62 3.76
C VAL A 124 -49.14 -0.12 3.64
N PHE A 125 -47.90 0.27 3.37
CA PHE A 125 -47.55 1.67 3.18
C PHE A 125 -47.01 1.87 1.77
N GLU A 126 -47.43 2.97 1.15
CA GLU A 126 -47.04 3.27 -0.22
C GLU A 126 -45.78 4.14 -0.24
N THR A 127 -44.89 3.84 -1.17
CA THR A 127 -43.65 4.59 -1.36
C THR A 127 -43.51 4.97 -2.82
N CYS A 128 -42.54 5.84 -3.10
CA CYS A 128 -42.16 6.11 -4.48
C CYS A 128 -41.42 4.90 -5.05
N TYR A 129 -40.94 5.04 -6.28
CA TYR A 129 -40.12 3.97 -6.85
C TYR A 129 -38.83 3.84 -6.03
N ASN A 130 -38.70 2.72 -5.32
CA ASN A 130 -37.61 2.51 -4.36
C ASN A 130 -36.81 1.28 -4.77
N PRO A 131 -36.01 1.38 -5.84
CA PRO A 131 -35.22 0.21 -6.27
C PRO A 131 -34.06 -0.09 -5.34
N LYS A 132 -33.57 0.90 -4.59
CA LYS A 132 -32.52 0.66 -3.61
C LYS A 132 -33.04 -0.09 -2.39
N GLY A 133 -34.34 -0.02 -2.12
CA GLY A 133 -34.88 -0.63 -0.92
C GLY A 133 -34.70 0.20 0.32
N LEU A 134 -34.74 1.53 0.19
CA LEU A 134 -34.53 2.40 1.34
C LEU A 134 -35.63 2.20 2.37
N CYS A 135 -35.24 1.86 3.59
CA CYS A 135 -36.17 1.66 4.70
C CYS A 135 -35.39 1.42 5.99
N VAL A 136 -35.86 1.99 7.09
CA VAL A 136 -35.23 1.79 8.40
C VAL A 136 -36.33 1.49 9.42
N LEU A 137 -36.01 0.63 10.38
CA LEU A 137 -36.97 0.18 11.37
C LEU A 137 -36.28 0.09 12.72
N CYS A 138 -36.77 0.87 13.68
CA CYS A 138 -36.17 0.87 15.01
C CYS A 138 -36.49 -0.42 15.73
N PRO A 139 -35.48 -1.21 16.13
CA PRO A 139 -35.75 -2.45 16.86
C PRO A 139 -35.95 -2.27 18.35
N ASN A 140 -35.63 -1.09 18.89
CA ASN A 140 -35.76 -0.84 20.31
C ASN A 140 -37.18 -1.16 20.79
N SER A 141 -37.27 -1.82 21.94
CA SER A 141 -38.58 -2.26 22.43
C SER A 141 -39.52 -1.09 22.64
N ASN A 142 -39.00 0.04 23.11
CA ASN A 142 -39.82 1.22 23.37
C ASN A 142 -40.07 2.07 22.13
N ASN A 143 -39.71 1.60 20.95
CA ASN A 143 -39.85 2.41 19.73
C ASN A 143 -39.97 1.48 18.53
N SER A 144 -41.18 1.39 17.99
CA SER A 144 -41.43 0.64 16.76
C SER A 144 -41.62 1.59 15.58
N LEU A 145 -40.60 2.41 15.34
CA LEU A 145 -40.67 3.41 14.28
C LEU A 145 -40.27 2.79 12.94
N LEU A 146 -41.02 3.15 11.91
CA LEU A 146 -40.75 2.73 10.54
C LEU A 146 -40.67 3.96 9.66
N ALA A 147 -39.57 4.07 8.91
CA ALA A 147 -39.35 5.21 8.02
C ALA A 147 -39.03 4.70 6.62
N PHE A 148 -39.63 5.33 5.63
CA PHE A 148 -39.51 4.90 4.24
C PHE A 148 -39.67 6.12 3.34
N PRO A 149 -39.17 6.04 2.11
CA PRO A 149 -39.44 7.12 1.15
C PRO A 149 -40.93 7.28 0.91
N GLY A 150 -41.39 8.53 0.94
CA GLY A 150 -42.77 8.82 0.60
C GLY A 150 -42.98 8.90 -0.90
N THR A 151 -44.24 9.09 -1.29
CA THR A 151 -44.53 9.26 -2.71
C THR A 151 -44.07 10.62 -3.21
N HIS A 152 -44.00 11.62 -2.33
CA HIS A 152 -43.47 12.93 -2.69
C HIS A 152 -41.95 12.82 -2.84
N THR A 153 -41.47 12.97 -4.07
CA THR A 153 -40.05 12.82 -4.38
C THR A 153 -39.18 13.74 -3.53
N GLY A 154 -38.42 13.16 -2.61
CA GLY A 154 -37.60 13.90 -1.68
C GLY A 154 -38.12 13.89 -0.26
N HIS A 155 -39.38 13.52 -0.05
CA HIS A 155 -39.98 13.51 1.28
C HIS A 155 -39.80 12.14 1.92
N VAL A 156 -39.75 12.14 3.25
CA VAL A 156 -39.66 10.93 4.05
C VAL A 156 -40.92 10.83 4.90
N GLN A 157 -41.50 9.63 4.96
CA GLN A 157 -42.70 9.38 5.73
C GLN A 157 -42.36 8.48 6.91
N LEU A 158 -42.73 8.92 8.11
CA LEU A 158 -42.46 8.18 9.34
C LEU A 158 -43.78 7.65 9.92
N VAL A 159 -43.74 6.43 10.43
CA VAL A 159 -44.92 5.76 10.97
C VAL A 159 -44.51 4.98 12.20
N ASP A 160 -45.29 5.11 13.29
CA ASP A 160 -45.09 4.31 14.48
C ASP A 160 -45.87 3.01 14.32
N LEU A 161 -45.15 1.89 14.23
CA LEU A 161 -45.79 0.60 14.00
C LEU A 161 -46.68 0.16 15.16
N ALA A 162 -46.46 0.71 16.35
CA ALA A 162 -47.32 0.38 17.49
C ALA A 162 -48.62 1.18 17.44
N SER A 163 -48.52 2.51 17.54
CA SER A 163 -49.69 3.39 17.47
C SER A 163 -49.83 3.86 16.02
N THR A 164 -50.36 2.97 15.19
CA THR A 164 -50.48 3.26 13.76
C THR A 164 -51.57 4.28 13.47
N GLU A 165 -52.58 4.38 14.35
CA GLU A 165 -53.70 5.28 14.10
C GLU A 165 -53.28 6.74 14.05
N LYS A 166 -52.15 7.11 14.64
CA LYS A 166 -51.67 8.48 14.57
C LYS A 166 -51.26 8.82 13.14
N PRO A 167 -51.53 10.03 12.67
CA PRO A 167 -51.14 10.40 11.32
C PRO A 167 -49.64 10.29 11.14
N PRO A 168 -49.18 9.94 9.95
CA PRO A 168 -47.74 9.86 9.71
C PRO A 168 -47.09 11.24 9.68
N VAL A 169 -45.77 11.23 9.62
CA VAL A 169 -44.97 12.46 9.60
C VAL A 169 -44.29 12.55 8.25
N ASP A 170 -44.70 13.52 7.44
CA ASP A 170 -44.11 13.76 6.13
C ASP A 170 -43.03 14.84 6.27
N ILE A 171 -41.77 14.44 6.17
CA ILE A 171 -40.64 15.34 6.32
C ILE A 171 -40.20 15.77 4.92
N PRO A 172 -40.35 17.05 4.55
CA PRO A 172 -39.80 17.50 3.27
C PRO A 172 -38.29 17.61 3.31
N ALA A 173 -37.60 16.46 3.32
CA ALA A 173 -36.16 16.41 3.48
C ALA A 173 -35.44 17.08 2.31
N HIS A 174 -35.37 16.39 1.17
CA HIS A 174 -34.66 16.89 0.01
C HIS A 174 -35.64 17.22 -1.11
N GLU A 175 -35.11 17.72 -2.22
CA GLU A 175 -35.90 18.05 -3.39
C GLU A 175 -35.76 17.04 -4.51
N GLY A 176 -34.69 16.24 -4.52
CA GLY A 176 -34.51 15.18 -5.47
C GLY A 176 -34.76 13.80 -4.88
N VAL A 177 -34.47 12.78 -5.69
CA VAL A 177 -34.69 11.40 -5.28
C VAL A 177 -33.76 11.05 -4.13
N LEU A 178 -34.33 10.43 -3.09
CA LEU A 178 -33.53 10.02 -1.94
C LEU A 178 -32.61 8.87 -2.32
N SER A 179 -31.37 8.92 -1.82
CA SER A 179 -30.39 7.89 -2.09
C SER A 179 -30.00 7.08 -0.86
N CYS A 180 -30.27 7.58 0.34
CA CYS A 180 -29.87 6.90 1.55
C CYS A 180 -30.63 7.47 2.73
N ILE A 181 -30.99 6.62 3.69
CA ILE A 181 -31.59 7.03 4.95
C ILE A 181 -30.97 6.22 6.07
N ALA A 182 -30.92 6.80 7.27
CA ALA A 182 -30.31 6.15 8.41
C ALA A 182 -31.03 6.56 9.68
N LEU A 183 -31.17 5.61 10.60
CA LEU A 183 -31.79 5.86 11.90
C LEU A 183 -30.75 5.66 13.00
N ASN A 184 -30.77 6.56 13.98
CA ASN A 184 -29.86 6.43 15.11
C ASN A 184 -30.25 5.23 15.97
N LEU A 185 -29.33 4.80 16.83
CA LEU A 185 -29.55 3.61 17.65
C LEU A 185 -30.73 3.79 18.58
N GLN A 186 -30.96 5.02 19.08
CA GLN A 186 -32.08 5.28 19.97
C GLN A 186 -33.40 5.46 19.24
N GLY A 187 -33.39 5.52 17.92
CA GLY A 187 -34.62 5.71 17.17
C GLY A 187 -35.21 7.10 17.26
N THR A 188 -34.40 8.10 17.63
CA THR A 188 -34.90 9.46 17.81
C THR A 188 -34.49 10.42 16.70
N ARG A 189 -33.45 10.10 15.93
CA ARG A 189 -32.97 10.98 14.87
C ARG A 189 -32.77 10.18 13.58
N ILE A 190 -33.08 10.81 12.45
CA ILE A 190 -32.99 10.18 11.15
C ILE A 190 -32.12 11.05 10.25
N ALA A 191 -31.25 10.42 9.47
CA ALA A 191 -30.39 11.09 8.51
C ALA A 191 -30.89 10.84 7.10
N THR A 192 -30.78 11.86 6.24
CA THR A 192 -31.28 11.77 4.87
C THR A 192 -30.20 12.25 3.91
N ALA A 193 -30.30 11.80 2.66
CA ALA A 193 -29.36 12.18 1.62
C ALA A 193 -30.04 12.05 0.27
N SER A 194 -29.86 13.05 -0.59
CA SER A 194 -30.43 13.04 -1.93
C SER A 194 -29.45 12.41 -2.91
N GLU A 195 -29.86 12.33 -4.18
CA GLU A 195 -28.99 11.74 -5.19
C GLU A 195 -27.81 12.65 -5.52
N LYS A 196 -27.98 13.96 -5.33
CA LYS A 196 -26.85 14.87 -5.53
C LYS A 196 -25.74 14.61 -4.53
N GLY A 197 -26.10 14.22 -3.30
CA GLY A 197 -25.11 13.80 -2.33
C GLY A 197 -24.17 14.90 -1.86
N THR A 198 -24.60 16.15 -1.92
CA THR A 198 -23.79 17.26 -1.43
C THR A 198 -24.20 17.74 -0.05
N LEU A 199 -25.43 17.46 0.37
CA LEU A 199 -25.95 17.91 1.66
C LEU A 199 -26.58 16.73 2.38
N ILE A 200 -26.25 16.59 3.67
CA ILE A 200 -26.82 15.56 4.52
C ILE A 200 -27.63 16.25 5.62
N ARG A 201 -28.85 15.77 5.85
CA ARG A 201 -29.78 16.41 6.76
C ARG A 201 -30.25 15.42 7.82
N ILE A 202 -30.24 15.85 9.08
CA ILE A 202 -30.69 15.05 10.20
C ILE A 202 -31.95 15.68 10.78
N PHE A 203 -33.00 14.90 10.93
CA PHE A 203 -34.27 15.37 11.45
C PHE A 203 -34.63 14.62 12.72
N ASP A 204 -35.61 15.17 13.45
CA ASP A 204 -36.13 14.54 14.66
C ASP A 204 -37.31 13.65 14.28
N THR A 205 -37.23 12.38 14.68
CA THR A 205 -38.27 11.42 14.30
C THR A 205 -39.59 11.66 15.02
N SER A 206 -39.56 12.30 16.19
CA SER A 206 -40.77 12.60 16.93
C SER A 206 -41.30 14.01 16.66
N SER A 207 -40.59 14.80 15.86
CA SER A 207 -41.04 16.15 15.52
C SER A 207 -41.09 16.33 14.01
N GLY A 208 -39.93 16.25 13.35
CA GLY A 208 -39.86 16.42 11.92
C GLY A 208 -39.22 17.73 11.50
N HIS A 209 -38.23 18.17 12.27
CA HIS A 209 -37.52 19.42 12.01
C HIS A 209 -36.05 19.15 11.77
N LEU A 210 -35.44 19.98 10.93
CA LEU A 210 -34.02 19.85 10.59
C LEU A 210 -33.18 20.12 11.82
N ILE A 211 -32.68 19.05 12.45
CA ILE A 211 -31.79 19.20 13.60
C ILE A 211 -30.47 19.80 13.17
N GLN A 212 -29.87 19.28 12.10
CA GLN A 212 -28.58 19.74 11.64
C GLN A 212 -28.41 19.38 10.17
N GLU A 213 -27.83 20.30 9.40
CA GLU A 213 -27.48 20.08 8.01
C GLU A 213 -25.96 20.09 7.87
N LEU A 214 -25.43 19.12 7.11
CA LEU A 214 -24.00 18.97 6.94
C LEU A 214 -23.67 18.86 5.46
N ARG A 215 -22.48 19.34 5.10
CA ARG A 215 -21.99 19.35 3.72
C ARG A 215 -20.73 18.50 3.64
N ARG A 216 -20.69 17.62 2.64
CA ARG A 216 -19.53 16.76 2.45
C ARG A 216 -18.62 17.22 1.32
N GLY A 217 -19.15 17.85 0.28
CA GLY A 217 -18.32 18.29 -0.82
C GLY A 217 -19.16 19.04 -1.84
N SER A 218 -18.47 19.65 -2.80
CA SER A 218 -19.12 20.42 -3.85
C SER A 218 -19.52 19.56 -5.05
N GLN A 219 -18.72 18.55 -5.38
CA GLN A 219 -19.01 17.69 -6.52
C GLN A 219 -20.13 16.71 -6.16
N ALA A 220 -21.04 16.51 -7.11
CA ALA A 220 -22.15 15.59 -6.89
C ALA A 220 -21.65 14.16 -6.81
N ALA A 221 -21.91 13.50 -5.68
CA ALA A 221 -21.50 12.12 -5.46
C ALA A 221 -22.70 11.30 -4.99
N ASN A 222 -22.66 10.01 -5.27
CA ASN A 222 -23.73 9.10 -4.87
C ASN A 222 -23.44 8.54 -3.49
N ILE A 223 -24.31 8.87 -2.52
CA ILE A 223 -24.14 8.40 -1.15
C ILE A 223 -24.54 6.95 -1.06
N TYR A 224 -23.74 6.16 -0.34
CA TYR A 224 -23.98 4.73 -0.18
C TYR A 224 -24.52 4.39 1.20
N CYS A 225 -23.81 4.75 2.26
CA CYS A 225 -24.18 4.33 3.60
C CYS A 225 -24.03 5.50 4.57
N ILE A 226 -24.93 5.58 5.54
CA ILE A 226 -24.91 6.59 6.59
C ILE A 226 -25.24 5.89 7.91
N ASN A 227 -24.55 6.29 8.98
CA ASN A 227 -24.76 5.68 10.28
C ASN A 227 -24.32 6.62 11.39
N PHE A 228 -25.09 6.65 12.47
CA PHE A 228 -24.73 7.41 13.66
C PHE A 228 -23.82 6.57 14.56
N ASN A 229 -23.39 7.17 15.66
CA ASN A 229 -22.76 6.44 16.74
C ASN A 229 -23.81 6.20 17.83
N GLN A 230 -23.36 5.74 19.01
CA GLN A 230 -24.31 5.41 20.07
C GLN A 230 -25.06 6.64 20.55
N ASP A 231 -24.33 7.68 20.93
CA ASP A 231 -24.94 8.90 21.47
C ASP A 231 -25.45 9.84 20.37
N ALA A 232 -25.39 9.43 19.11
CA ALA A 232 -25.85 10.25 17.98
C ALA A 232 -25.13 11.59 17.91
N SER A 233 -23.89 11.64 18.40
CA SER A 233 -23.09 12.86 18.34
C SER A 233 -22.25 12.93 17.08
N LEU A 234 -21.76 11.81 16.59
CA LEU A 234 -21.01 11.73 15.35
C LEU A 234 -21.79 10.94 14.32
N ILE A 235 -21.41 11.10 13.06
CA ILE A 235 -22.07 10.42 11.95
C ILE A 235 -21.04 10.21 10.84
N CYS A 236 -21.10 9.05 10.20
CA CYS A 236 -20.17 8.69 9.13
C CYS A 236 -20.95 8.44 7.85
N VAL A 237 -20.46 9.00 6.75
CA VAL A 237 -21.13 8.94 5.45
C VAL A 237 -20.15 8.40 4.43
N SER A 238 -20.56 7.36 3.70
CA SER A 238 -19.74 6.75 2.66
C SER A 238 -20.23 7.18 1.28
N SER A 239 -19.29 7.45 0.38
CA SER A 239 -19.61 7.89 -0.97
C SER A 239 -18.79 7.08 -1.97
N ASP A 240 -18.73 7.57 -3.20
CA ASP A 240 -18.08 6.82 -4.28
C ASP A 240 -16.59 6.67 -4.05
N HIS A 241 -16.04 5.58 -4.59
CA HIS A 241 -14.62 5.26 -4.48
C HIS A 241 -14.18 5.06 -3.03
N GLY A 242 -15.04 4.39 -2.24
CA GLY A 242 -14.70 4.07 -0.86
C GLY A 242 -14.35 5.26 0.01
N THR A 243 -14.92 6.42 -0.29
CA THR A 243 -14.63 7.63 0.46
C THR A 243 -15.61 7.76 1.62
N VAL A 244 -15.08 7.96 2.83
CA VAL A 244 -15.87 8.06 4.04
C VAL A 244 -15.58 9.41 4.69
N HIS A 245 -16.64 10.13 5.03
CA HIS A 245 -16.56 11.40 5.75
C HIS A 245 -17.14 11.21 7.15
N ILE A 246 -16.45 11.74 8.16
CA ILE A 246 -16.89 11.67 9.54
C ILE A 246 -17.25 13.08 9.99
N PHE A 247 -18.52 13.29 10.33
CA PHE A 247 -19.01 14.59 10.76
C PHE A 247 -19.31 14.57 12.25
N ALA A 248 -19.49 15.77 12.79
CA ALA A 248 -20.04 15.97 14.13
C ALA A 248 -21.46 16.48 14.00
N ALA A 249 -22.38 15.90 14.77
CA ALA A 249 -23.80 16.18 14.60
C ALA A 249 -24.37 17.12 15.65
N GLU A 250 -23.75 17.24 16.82
CA GLU A 250 -24.33 18.05 17.89
C GLU A 250 -23.55 19.34 18.11
N ASP A 251 -23.30 20.07 17.04
CA ASP A 251 -22.67 21.39 17.11
C ASP A 251 -22.92 22.16 15.82
N PRO A 252 -23.86 23.12 15.83
CA PRO A 252 -24.12 23.90 14.61
C PRO A 252 -22.90 24.68 14.12
N LYS A 253 -21.86 24.82 14.92
CA LYS A 253 -20.63 25.49 14.50
C LYS A 253 -19.78 24.65 13.55
N SER A 254 -20.27 23.48 13.12
CA SER A 254 -19.53 22.60 12.22
C SER A 254 -20.44 22.22 11.06
N LYS A 255 -20.00 22.55 9.85
CA LYS A 255 -20.74 22.20 8.63
C LYS A 255 -20.03 21.13 7.80
N TRP A 256 -18.72 20.98 7.95
CA TRP A 256 -17.95 20.03 7.17
C TRP A 256 -17.58 18.83 8.03
N SER A 257 -16.98 17.83 7.39
CA SER A 257 -16.51 16.64 8.09
C SER A 257 -15.13 16.89 8.69
N PHE A 258 -14.97 16.62 9.98
CA PHE A 258 -13.69 16.82 10.63
C PHE A 258 -12.67 15.76 10.25
N SER A 259 -13.08 14.70 9.56
CA SER A 259 -12.16 13.66 9.10
C SER A 259 -12.70 13.06 7.82
N LYS A 260 -11.79 12.57 6.97
CA LYS A 260 -12.16 11.97 5.70
C LYS A 260 -11.04 11.03 5.27
N PHE A 261 -11.40 9.80 4.91
CA PHE A 261 -10.43 8.82 4.47
C PHE A 261 -11.01 8.04 3.29
N GLN A 262 -10.13 7.26 2.65
CA GLN A 262 -10.50 6.39 1.55
C GLN A 262 -9.94 5.00 1.81
N VAL A 263 -10.74 3.98 1.55
CA VAL A 263 -10.29 2.60 1.70
C VAL A 263 -9.17 2.35 0.69
N PRO A 264 -8.20 1.50 1.00
CA PRO A 264 -7.05 1.35 0.09
C PRO A 264 -7.42 0.90 -1.31
N SER A 265 -8.36 -0.03 -1.44
CA SER A 265 -8.76 -0.53 -2.74
C SER A 265 -9.65 0.45 -3.51
N GLY A 266 -10.19 1.48 -2.85
CA GLY A 266 -11.10 2.39 -3.51
C GLY A 266 -12.45 1.81 -3.84
N SER A 267 -12.75 0.59 -3.38
CA SER A 267 -14.05 -0.01 -3.62
C SER A 267 -15.10 0.64 -2.72
N PRO A 268 -16.32 0.84 -3.22
CA PRO A 268 -17.36 1.44 -2.36
C PRO A 268 -17.66 0.56 -1.17
N CYS A 269 -18.03 1.21 -0.06
CA CYS A 269 -18.12 0.53 1.23
C CYS A 269 -19.30 1.05 2.03
N ILE A 270 -19.64 0.31 3.08
CA ILE A 270 -20.59 0.75 4.09
C ILE A 270 -19.81 1.07 5.35
N CYS A 271 -20.28 2.07 6.09
CA CYS A 271 -19.54 2.58 7.24
C CYS A 271 -20.39 2.51 8.50
N ALA A 272 -19.71 2.26 9.62
CA ALA A 272 -20.33 2.27 10.94
C ALA A 272 -19.23 2.40 11.98
N PHE A 273 -19.59 2.93 13.14
CA PHE A 273 -18.63 3.11 14.22
C PHE A 273 -18.39 1.80 14.94
N GLY A 274 -17.14 1.61 15.39
CA GLY A 274 -16.71 0.38 16.00
C GLY A 274 -16.79 0.40 17.52
N THR A 275 -16.04 -0.52 18.13
CA THR A 275 -16.04 -0.63 19.59
C THR A 275 -15.46 0.62 20.24
N GLU A 276 -14.25 1.00 19.83
CA GLU A 276 -13.65 2.21 20.36
C GLU A 276 -14.46 3.43 19.95
N PRO A 277 -14.56 4.45 20.81
CA PRO A 277 -15.37 5.62 20.45
C PRO A 277 -14.81 6.43 19.29
N ASN A 278 -13.54 6.24 18.94
CA ASN A 278 -12.91 6.94 17.83
C ASN A 278 -12.65 6.02 16.65
N ALA A 279 -13.46 4.99 16.49
CA ALA A 279 -13.27 3.99 15.45
C ALA A 279 -14.38 4.09 14.41
N VAL A 280 -14.02 3.82 13.15
CA VAL A 280 -14.97 3.74 12.04
C VAL A 280 -14.59 2.52 11.21
N ILE A 281 -15.57 1.63 10.98
CA ILE A 281 -15.35 0.40 10.23
C ILE A 281 -15.96 0.57 8.84
N ALA A 282 -15.28 0.04 7.83
CA ALA A 282 -15.71 0.15 6.45
C ALA A 282 -15.66 -1.22 5.80
N ILE A 283 -16.81 -1.69 5.32
CA ILE A 283 -16.93 -2.98 4.65
C ILE A 283 -17.11 -2.71 3.17
N CYS A 284 -16.09 -3.03 2.38
CA CYS A 284 -16.08 -2.72 0.96
C CYS A 284 -16.64 -3.89 0.14
N ALA A 285 -17.06 -3.57 -1.08
CA ALA A 285 -17.70 -4.56 -1.94
C ALA A 285 -16.73 -5.63 -2.44
N ASP A 286 -15.44 -5.33 -2.49
CA ASP A 286 -14.43 -6.28 -2.97
C ASP A 286 -13.95 -7.22 -1.87
N GLY A 287 -14.68 -7.31 -0.77
CA GLY A 287 -14.26 -8.18 0.32
C GLY A 287 -13.20 -7.60 1.23
N SER A 288 -13.13 -6.28 1.33
CA SER A 288 -12.13 -5.60 2.13
C SER A 288 -12.73 -5.11 3.43
N TYR A 289 -11.96 -5.26 4.52
CA TYR A 289 -12.33 -4.75 5.83
C TYR A 289 -11.33 -3.68 6.22
N TYR A 290 -11.82 -2.52 6.66
CA TYR A 290 -10.96 -1.40 6.97
C TYR A 290 -11.41 -0.74 8.26
N LYS A 291 -10.49 -0.62 9.21
CA LYS A 291 -10.74 0.04 10.48
C LYS A 291 -9.91 1.31 10.57
N PHE A 292 -10.56 2.42 10.91
CA PHE A 292 -9.94 3.73 10.94
C PHE A 292 -10.09 4.34 12.33
N LEU A 293 -8.98 4.73 12.93
CA LEU A 293 -8.96 5.40 14.22
C LEU A 293 -8.53 6.84 14.03
N PHE A 294 -9.29 7.78 14.59
CA PHE A 294 -9.03 9.19 14.40
C PHE A 294 -8.81 9.89 15.74
N ASN A 295 -8.07 10.99 15.69
CA ASN A 295 -7.83 11.86 16.83
C ASN A 295 -8.88 12.97 16.86
N PRO A 296 -8.99 13.71 17.97
CA PRO A 296 -10.00 14.77 18.05
C PRO A 296 -9.96 15.77 16.90
N LYS A 297 -8.78 16.03 16.33
CA LYS A 297 -8.69 16.94 15.19
C LYS A 297 -9.09 16.27 13.89
N GLY A 298 -9.12 14.94 13.84
CA GLY A 298 -9.50 14.20 12.65
C GLY A 298 -8.37 13.40 12.02
N GLU A 299 -7.12 13.58 12.49
CA GLU A 299 -5.99 12.88 11.93
C GLU A 299 -6.10 11.39 12.18
N CYS A 300 -5.39 10.61 11.35
CA CYS A 300 -5.38 9.17 11.50
C CYS A 300 -4.35 8.73 12.54
N ILE A 301 -4.73 7.74 13.35
CA ILE A 301 -3.84 7.21 14.38
C ILE A 301 -3.39 5.81 13.98
N ARG A 302 -4.28 4.83 14.16
CA ARG A 302 -4.04 3.48 13.67
C ARG A 302 -4.80 3.26 12.37
N ASP A 303 -4.65 2.07 11.80
CA ASP A 303 -5.20 1.77 10.49
C ASP A 303 -5.09 0.27 10.26
N VAL A 304 -6.20 -0.44 10.32
CA VAL A 304 -6.24 -1.89 10.15
C VAL A 304 -6.92 -2.22 8.84
N TYR A 305 -6.33 -3.14 8.08
CA TYR A 305 -6.88 -3.58 6.80
C TYR A 305 -6.75 -5.09 6.70
N ALA A 306 -7.80 -5.74 6.20
CA ALA A 306 -7.79 -7.19 6.04
C ALA A 306 -8.85 -7.58 5.01
N GLN A 307 -8.78 -8.82 4.56
CA GLN A 307 -9.75 -9.41 3.63
C GLN A 307 -10.61 -10.38 4.43
N PHE A 308 -11.82 -9.94 4.79
CA PHE A 308 -12.66 -10.74 5.69
C PHE A 308 -13.16 -12.01 5.02
N LEU A 309 -13.34 -11.98 3.70
CA LEU A 309 -13.79 -13.17 2.99
C LEU A 309 -12.75 -14.29 2.97
N GLU A 310 -11.51 -13.99 3.37
CA GLU A 310 -10.47 -15.00 3.41
C GLU A 310 -10.08 -15.32 4.85
N MET A 311 -11.06 -15.52 5.71
CA MET A 311 -10.80 -15.84 7.11
C MET A 311 -11.77 -16.91 7.61
N HIS B 7 -17.47 -3.50 -15.57
CA HIS B 7 -17.89 -2.72 -16.73
C HIS B 7 -18.32 -3.68 -17.84
N GLY B 8 -19.20 -4.62 -17.49
CA GLY B 8 -19.66 -5.63 -18.42
C GLY B 8 -18.75 -6.83 -18.58
N LEU B 9 -17.52 -6.77 -18.09
CA LEU B 9 -16.60 -7.89 -18.22
C LEU B 9 -17.03 -9.05 -17.33
N LEU B 10 -17.15 -10.24 -17.93
CA LEU B 10 -17.53 -11.44 -17.20
C LEU B 10 -16.48 -12.54 -17.23
N TYR B 11 -15.51 -12.47 -18.15
CA TYR B 11 -14.47 -13.47 -18.26
C TYR B 11 -13.35 -12.91 -19.13
N ALA B 12 -12.14 -13.40 -18.91
CA ALA B 12 -10.99 -13.04 -19.73
C ALA B 12 -9.99 -14.18 -19.68
N GLY B 13 -9.62 -14.70 -20.83
CA GLY B 13 -8.70 -15.82 -20.90
C GLY B 13 -7.84 -15.74 -22.14
N PHE B 14 -6.60 -16.20 -22.00
CA PHE B 14 -5.68 -16.25 -23.12
C PHE B 14 -5.96 -17.46 -24.00
N ASN B 15 -5.47 -17.41 -25.24
CA ASN B 15 -5.59 -18.55 -26.12
C ASN B 15 -4.50 -19.58 -25.80
N GLN B 16 -4.06 -20.34 -26.78
CA GLN B 16 -3.10 -21.41 -26.52
C GLN B 16 -1.66 -20.98 -26.71
N ASP B 17 -1.40 -19.98 -27.56
CA ASP B 17 -0.06 -19.42 -27.71
C ASP B 17 0.11 -18.11 -26.98
N HIS B 18 -0.88 -17.71 -26.17
CA HIS B 18 -0.85 -16.48 -25.38
C HIS B 18 -0.69 -15.23 -26.23
N GLY B 19 -0.96 -15.34 -27.53
CA GLY B 19 -0.85 -14.20 -28.42
C GLY B 19 -2.14 -13.41 -28.48
N CYS B 20 -3.25 -14.06 -28.17
CA CYS B 20 -4.55 -13.42 -28.13
C CYS B 20 -5.24 -13.75 -26.81
N PHE B 21 -6.17 -12.89 -26.42
CA PHE B 21 -7.01 -13.15 -25.26
C PHE B 21 -8.43 -12.68 -25.56
N ALA B 22 -9.41 -13.44 -25.09
CA ALA B 22 -10.81 -13.17 -25.32
C ALA B 22 -11.47 -12.64 -24.05
N CYS B 23 -12.57 -11.93 -24.23
CA CYS B 23 -13.29 -11.31 -23.12
C CYS B 23 -14.78 -11.55 -23.31
N GLY B 24 -15.39 -12.27 -22.35
CA GLY B 24 -16.82 -12.49 -22.37
C GLY B 24 -17.55 -11.36 -21.68
N MET B 25 -18.54 -10.79 -22.35
CA MET B 25 -19.31 -9.66 -21.85
C MET B 25 -20.77 -10.05 -21.69
N GLU B 26 -21.57 -9.11 -21.19
CA GLU B 26 -23.01 -9.32 -21.09
C GLU B 26 -23.69 -9.11 -22.44
N ASN B 27 -23.09 -8.31 -23.32
CA ASN B 27 -23.65 -8.09 -24.66
C ASN B 27 -23.10 -9.05 -25.70
N GLY B 28 -21.93 -9.64 -25.45
CA GLY B 28 -21.33 -10.56 -26.38
C GLY B 28 -19.93 -10.97 -25.97
N PHE B 29 -18.99 -11.00 -26.92
CA PHE B 29 -17.61 -11.33 -26.63
C PHE B 29 -16.69 -10.45 -27.45
N ARG B 30 -15.44 -10.36 -27.01
CA ARG B 30 -14.42 -9.56 -27.69
C ARG B 30 -13.12 -10.34 -27.75
N VAL B 31 -12.43 -10.25 -28.88
CA VAL B 31 -11.15 -10.94 -29.09
C VAL B 31 -10.09 -9.87 -29.32
N TYR B 32 -9.04 -9.90 -28.48
CA TYR B 32 -7.94 -8.95 -28.57
C TYR B 32 -6.64 -9.67 -28.86
N ASN B 33 -5.72 -8.93 -29.48
CA ASN B 33 -4.34 -9.40 -29.63
C ASN B 33 -3.56 -9.02 -28.38
N THR B 34 -2.95 -10.00 -27.73
CA THR B 34 -2.30 -9.77 -26.44
C THR B 34 -1.21 -8.70 -26.56
N ASP B 35 -0.15 -8.98 -27.32
CA ASP B 35 0.92 -8.01 -27.47
C ASP B 35 1.45 -8.03 -28.89
N PRO B 36 1.39 -6.90 -29.62
CA PRO B 36 0.86 -5.60 -29.20
C PRO B 36 -0.66 -5.59 -29.05
N LEU B 37 -1.21 -4.74 -28.18
CA LEU B 37 -2.64 -4.75 -27.92
C LEU B 37 -3.40 -4.21 -29.12
N LYS B 38 -4.30 -5.03 -29.66
CA LYS B 38 -5.14 -4.62 -30.79
C LYS B 38 -6.45 -5.38 -30.72
N GLU B 39 -7.56 -4.64 -30.78
CA GLU B 39 -8.89 -5.25 -30.78
C GLU B 39 -9.15 -5.87 -32.14
N LYS B 40 -9.26 -7.19 -32.19
CA LYS B 40 -9.45 -7.89 -33.46
C LYS B 40 -10.92 -8.02 -33.84
N GLU B 41 -11.79 -8.30 -32.87
CA GLU B 41 -13.21 -8.48 -33.15
C GLU B 41 -14.01 -8.19 -31.89
N LYS B 42 -15.19 -7.60 -32.07
CA LYS B 42 -16.12 -7.34 -30.97
C LYS B 42 -17.51 -7.73 -31.45
N GLN B 43 -18.07 -8.77 -30.86
CA GLN B 43 -19.39 -9.27 -31.22
C GLN B 43 -20.40 -8.86 -30.16
N GLU B 44 -21.52 -8.29 -30.60
CA GLU B 44 -22.62 -7.93 -29.70
C GLU B 44 -23.70 -9.00 -29.84
N PHE B 45 -23.46 -10.13 -29.17
CA PHE B 45 -24.38 -11.26 -29.27
C PHE B 45 -25.73 -10.93 -28.64
N LEU B 46 -25.72 -10.35 -27.44
CA LEU B 46 -26.92 -9.96 -26.71
C LEU B 46 -27.88 -11.12 -26.50
N GLU B 47 -27.38 -12.35 -26.53
CA GLU B 47 -28.19 -13.54 -26.28
C GLU B 47 -27.79 -14.08 -24.91
N GLY B 48 -28.37 -13.50 -23.88
CA GLY B 48 -28.00 -13.83 -22.51
C GLY B 48 -26.69 -13.21 -22.11
N GLY B 49 -25.65 -14.05 -21.97
CA GLY B 49 -24.33 -13.56 -21.62
C GLY B 49 -23.29 -14.57 -22.02
N VAL B 50 -22.03 -14.14 -21.94
CA VAL B 50 -20.88 -14.98 -22.25
C VAL B 50 -20.01 -15.06 -21.02
N GLY B 51 -19.98 -16.25 -20.39
CA GLY B 51 -19.22 -16.43 -19.16
C GLY B 51 -17.90 -17.16 -19.36
N HIS B 52 -17.69 -17.71 -20.56
CA HIS B 52 -16.45 -18.42 -20.87
C HIS B 52 -16.23 -18.40 -22.37
N VAL B 53 -15.03 -17.98 -22.79
CA VAL B 53 -14.66 -17.95 -24.20
C VAL B 53 -13.42 -18.83 -24.36
N GLU B 54 -13.53 -19.85 -25.20
CA GLU B 54 -12.40 -20.70 -25.54
C GLU B 54 -12.04 -20.53 -27.01
N MET B 55 -10.79 -20.19 -27.27
CA MET B 55 -10.29 -20.04 -28.63
C MET B 55 -9.45 -21.26 -29.01
N LEU B 56 -9.26 -21.43 -30.31
CA LEU B 56 -8.40 -22.47 -30.86
C LEU B 56 -7.35 -21.78 -31.71
N PHE B 57 -6.32 -21.26 -31.06
CA PHE B 57 -5.29 -20.40 -31.69
C PHE B 57 -6.03 -19.21 -32.30
N ARG B 58 -5.71 -18.79 -33.52
CA ARG B 58 -6.36 -17.66 -34.17
C ARG B 58 -7.38 -18.10 -35.22
N CYS B 59 -8.01 -19.26 -35.03
CA CYS B 59 -8.96 -19.78 -35.99
C CYS B 59 -10.32 -19.12 -35.76
N ASN B 60 -11.33 -19.58 -36.50
CA ASN B 60 -12.65 -18.94 -36.50
C ASN B 60 -13.62 -19.53 -35.50
N TYR B 61 -13.32 -20.70 -34.92
CA TYR B 61 -14.23 -21.36 -34.00
C TYR B 61 -13.95 -20.92 -32.57
N LEU B 62 -15.01 -20.49 -31.88
CA LEU B 62 -14.92 -20.08 -30.48
C LEU B 62 -15.96 -20.84 -29.68
N ALA B 63 -15.53 -21.47 -28.59
CA ALA B 63 -16.45 -22.12 -27.67
C ALA B 63 -16.99 -21.10 -26.68
N LEU B 64 -18.31 -21.06 -26.52
CA LEU B 64 -18.96 -20.07 -25.67
C LEU B 64 -19.89 -20.76 -24.69
N VAL B 65 -19.87 -20.30 -23.44
CA VAL B 65 -20.78 -20.76 -22.40
C VAL B 65 -21.80 -19.65 -22.16
N GLY B 66 -23.08 -19.98 -22.38
CA GLY B 66 -24.13 -18.98 -22.35
C GLY B 66 -24.36 -18.39 -20.97
N GLY B 67 -25.33 -17.47 -20.92
CA GLY B 67 -25.67 -16.84 -19.65
C GLY B 67 -26.22 -17.82 -18.64
N GLY B 68 -27.06 -18.76 -19.09
CA GLY B 68 -27.57 -19.79 -18.23
C GLY B 68 -26.53 -20.78 -17.73
N LYS B 69 -25.32 -20.74 -18.29
CA LYS B 69 -24.20 -21.58 -17.89
C LYS B 69 -24.50 -23.07 -18.04
N LYS B 70 -25.52 -23.42 -18.82
CA LYS B 70 -25.91 -24.81 -19.02
C LYS B 70 -25.82 -25.24 -20.48
N LYS B 71 -25.33 -24.37 -21.36
CA LYS B 71 -25.29 -24.65 -22.79
C LYS B 71 -23.92 -24.28 -23.35
N VAL B 72 -23.32 -25.21 -24.09
CA VAL B 72 -22.06 -24.98 -24.76
C VAL B 72 -22.33 -24.74 -26.24
N MET B 73 -21.85 -23.61 -26.77
CA MET B 73 -22.14 -23.20 -28.13
C MET B 73 -20.83 -22.90 -28.86
N ILE B 74 -20.55 -23.67 -29.90
CA ILE B 74 -19.41 -23.39 -30.77
C ILE B 74 -19.83 -22.32 -31.78
N TRP B 75 -19.08 -21.22 -31.83
CA TRP B 75 -19.43 -20.07 -32.63
C TRP B 75 -18.44 -19.91 -33.78
N ASP B 76 -18.94 -20.01 -35.01
CA ASP B 76 -18.13 -19.82 -36.21
C ASP B 76 -18.15 -18.34 -36.53
N ASP B 77 -17.09 -17.62 -36.15
CA ASP B 77 -17.04 -16.19 -36.39
C ASP B 77 -16.97 -15.86 -37.88
N LEU B 78 -16.40 -16.75 -38.69
CA LEU B 78 -16.40 -16.55 -40.13
C LEU B 78 -17.82 -16.58 -40.69
N LYS B 79 -18.57 -17.63 -40.34
CA LYS B 79 -19.97 -17.73 -40.74
C LYS B 79 -20.89 -16.87 -39.90
N LYS B 80 -20.40 -16.33 -38.78
CA LYS B 80 -21.18 -15.47 -37.89
C LYS B 80 -22.47 -16.19 -37.43
N LYS B 81 -22.34 -17.49 -37.17
CA LYS B 81 -23.47 -18.30 -36.74
C LYS B 81 -22.98 -19.33 -35.72
N THR B 82 -23.92 -19.99 -35.06
CA THR B 82 -23.63 -21.06 -34.12
C THR B 82 -23.74 -22.39 -34.83
N VAL B 83 -22.71 -23.23 -34.72
CA VAL B 83 -22.63 -24.46 -35.48
C VAL B 83 -22.94 -25.67 -34.61
N ILE B 84 -22.56 -25.62 -33.34
CA ILE B 84 -22.78 -26.71 -32.40
C ILE B 84 -23.37 -26.14 -31.12
N GLU B 85 -24.31 -26.87 -30.53
CA GLU B 85 -24.96 -26.45 -29.28
C GLU B 85 -25.25 -27.69 -28.45
N ILE B 86 -24.64 -27.79 -27.28
CA ILE B 86 -24.80 -28.92 -26.38
C ILE B 86 -25.40 -28.42 -25.07
N GLU B 87 -26.42 -29.11 -24.59
CA GLU B 87 -27.08 -28.77 -23.33
C GLU B 87 -26.77 -29.84 -22.29
N PHE B 88 -26.62 -29.40 -21.04
CA PHE B 88 -26.27 -30.29 -19.94
C PHE B 88 -27.23 -30.07 -18.78
N SER B 89 -27.31 -31.09 -17.90
CA SER B 89 -28.18 -31.00 -16.74
C SER B 89 -27.58 -30.10 -15.66
N THR B 90 -26.27 -30.16 -15.46
CA THR B 90 -25.60 -29.31 -14.49
C THR B 90 -25.07 -28.06 -15.19
N GLU B 91 -24.32 -27.24 -14.46
CA GLU B 91 -23.75 -26.02 -15.01
C GLU B 91 -22.38 -26.30 -15.60
N VAL B 92 -22.11 -25.69 -16.75
CA VAL B 92 -20.82 -25.84 -17.43
C VAL B 92 -19.84 -24.82 -16.85
N LYS B 93 -18.74 -25.31 -16.28
CA LYS B 93 -17.74 -24.44 -15.69
C LYS B 93 -16.72 -23.94 -16.70
N ALA B 94 -16.24 -24.82 -17.57
CA ALA B 94 -15.25 -24.44 -18.58
C ALA B 94 -15.37 -25.37 -19.77
N VAL B 95 -14.90 -24.87 -20.93
CA VAL B 95 -14.87 -25.65 -22.16
C VAL B 95 -13.49 -25.47 -22.78
N LYS B 96 -12.85 -26.57 -23.15
CA LYS B 96 -11.55 -26.55 -23.80
C LYS B 96 -11.68 -27.14 -25.19
N LEU B 97 -10.98 -26.55 -26.16
CA LEU B 97 -11.12 -26.90 -27.56
C LEU B 97 -9.86 -27.53 -28.12
N ARG B 98 -10.05 -28.37 -29.13
CA ARG B 98 -8.98 -29.01 -29.88
C ARG B 98 -9.54 -29.36 -31.25
N ARG B 99 -8.66 -29.45 -32.25
CA ARG B 99 -9.11 -29.61 -33.62
C ARG B 99 -10.01 -30.83 -33.79
N ASP B 100 -9.83 -31.87 -32.97
CA ASP B 100 -10.62 -33.08 -33.09
C ASP B 100 -11.49 -33.38 -31.87
N ARG B 101 -11.39 -32.58 -30.81
CA ARG B 101 -12.08 -32.87 -29.56
C ARG B 101 -12.70 -31.60 -28.99
N ILE B 102 -13.81 -31.77 -28.27
CA ILE B 102 -14.46 -30.70 -27.53
C ILE B 102 -14.59 -31.17 -26.08
N VAL B 103 -13.83 -30.56 -25.18
CA VAL B 103 -13.79 -30.97 -23.78
C VAL B 103 -14.66 -30.00 -22.98
N VAL B 104 -15.67 -30.55 -22.32
CA VAL B 104 -16.57 -29.78 -21.47
C VAL B 104 -16.27 -30.13 -20.02
N VAL B 105 -16.11 -29.11 -19.18
CA VAL B 105 -15.75 -29.27 -17.78
C VAL B 105 -16.97 -28.91 -16.94
N LEU B 106 -17.45 -29.87 -16.16
CA LEU B 106 -18.57 -29.64 -15.26
C LEU B 106 -18.05 -29.52 -13.82
N ASP B 107 -18.99 -29.36 -12.88
CA ASP B 107 -18.61 -29.18 -11.47
C ASP B 107 -18.05 -30.46 -10.85
N SER B 108 -18.31 -31.62 -11.43
CA SER B 108 -17.85 -32.87 -10.86
C SER B 108 -17.35 -33.89 -11.87
N MET B 109 -17.35 -33.56 -13.16
CA MET B 109 -16.91 -34.50 -14.18
C MET B 109 -16.53 -33.72 -15.43
N ILE B 110 -15.91 -34.43 -16.38
CA ILE B 110 -15.46 -33.86 -17.64
C ILE B 110 -15.90 -34.80 -18.76
N LYS B 111 -16.61 -34.25 -19.75
CA LYS B 111 -17.11 -35.02 -20.88
C LYS B 111 -16.37 -34.60 -22.14
N VAL B 112 -15.83 -35.58 -22.87
CA VAL B 112 -15.07 -35.33 -24.09
C VAL B 112 -15.96 -35.66 -25.27
N PHE B 113 -16.19 -34.68 -26.14
CA PHE B 113 -17.05 -34.83 -27.31
C PHE B 113 -16.24 -34.73 -28.59
N THR B 114 -16.89 -35.05 -29.70
CA THR B 114 -16.31 -34.91 -31.02
C THR B 114 -16.58 -33.51 -31.57
N PHE B 115 -15.74 -33.09 -32.50
CA PHE B 115 -15.90 -31.79 -33.15
C PHE B 115 -16.69 -31.92 -34.45
N THR B 116 -17.81 -32.65 -34.39
CA THR B 116 -18.71 -32.82 -35.52
C THR B 116 -19.99 -32.03 -35.27
N HIS B 117 -20.81 -31.93 -36.32
CA HIS B 117 -22.06 -31.17 -36.22
C HIS B 117 -22.97 -31.75 -35.15
N ASN B 118 -23.11 -33.07 -35.11
CA ASN B 118 -23.81 -33.75 -34.03
C ASN B 118 -22.78 -34.41 -33.13
N PRO B 119 -22.46 -33.82 -31.97
CA PRO B 119 -21.36 -34.36 -31.16
C PRO B 119 -21.70 -35.71 -30.56
N HIS B 120 -20.65 -36.52 -30.37
CA HIS B 120 -20.77 -37.83 -29.76
C HIS B 120 -19.88 -37.87 -28.52
N GLN B 121 -20.47 -38.17 -27.38
CA GLN B 121 -19.72 -38.29 -26.13
C GLN B 121 -18.74 -39.45 -26.21
N LEU B 122 -17.44 -39.14 -26.17
CA LEU B 122 -16.41 -40.15 -26.30
C LEU B 122 -15.98 -40.71 -24.94
N HIS B 123 -15.62 -39.84 -24.01
CA HIS B 123 -15.19 -40.26 -22.69
C HIS B 123 -15.83 -39.35 -21.63
N VAL B 124 -15.89 -39.87 -20.41
CA VAL B 124 -16.34 -39.11 -19.24
C VAL B 124 -15.40 -39.44 -18.10
N PHE B 125 -14.65 -38.45 -17.64
CA PHE B 125 -13.74 -38.61 -16.51
C PHE B 125 -14.32 -37.86 -15.32
N GLU B 126 -14.53 -38.57 -14.21
CA GLU B 126 -15.04 -37.95 -13.00
C GLU B 126 -13.91 -37.20 -12.29
N THR B 127 -14.25 -36.04 -11.73
CA THR B 127 -13.29 -35.21 -11.04
C THR B 127 -13.80 -34.92 -9.63
N CYS B 128 -12.97 -34.23 -8.85
CA CYS B 128 -13.41 -33.72 -7.56
C CYS B 128 -14.27 -32.47 -7.79
N TYR B 129 -14.70 -31.84 -6.71
CA TYR B 129 -15.46 -30.61 -6.83
C TYR B 129 -14.60 -29.53 -7.49
N ASN B 130 -14.90 -29.21 -8.74
CA ASN B 130 -14.09 -28.30 -9.56
C ASN B 130 -14.97 -27.14 -10.00
N PRO B 131 -15.26 -26.19 -9.10
CA PRO B 131 -16.04 -25.02 -9.51
C PRO B 131 -15.23 -24.03 -10.32
N LYS B 132 -13.90 -23.99 -10.11
CA LYS B 132 -13.04 -23.07 -10.85
C LYS B 132 -12.93 -23.44 -12.33
N GLY B 133 -13.41 -24.61 -12.73
CA GLY B 133 -13.25 -25.04 -14.11
C GLY B 133 -11.84 -25.42 -14.49
N LEU B 134 -11.08 -25.97 -13.54
CA LEU B 134 -9.68 -26.29 -13.78
C LEU B 134 -9.58 -27.43 -14.80
N CYS B 135 -8.85 -27.19 -15.87
CA CYS B 135 -8.62 -28.17 -16.92
C CYS B 135 -7.66 -27.59 -17.95
N VAL B 136 -6.76 -28.43 -18.44
CA VAL B 136 -5.82 -28.05 -19.49
C VAL B 136 -5.84 -29.13 -20.57
N LEU B 137 -5.75 -28.70 -21.82
CA LEU B 137 -5.80 -29.59 -22.96
C LEU B 137 -4.80 -29.12 -24.00
N CYS B 138 -3.85 -29.99 -24.35
CA CYS B 138 -2.82 -29.63 -25.32
C CYS B 138 -3.42 -29.61 -26.73
N PRO B 139 -3.39 -28.48 -27.44
CA PRO B 139 -3.94 -28.45 -28.80
C PRO B 139 -2.96 -28.91 -29.87
N ASN B 140 -1.72 -29.26 -29.49
CA ASN B 140 -0.73 -29.66 -30.48
C ASN B 140 -1.16 -30.93 -31.21
N SER B 141 -0.74 -31.03 -32.47
CA SER B 141 -1.16 -32.14 -33.31
C SER B 141 -0.57 -33.48 -32.83
N ASN B 142 0.64 -33.46 -32.27
CA ASN B 142 1.31 -34.68 -31.83
C ASN B 142 1.12 -34.95 -30.34
N ASN B 143 0.31 -34.16 -29.65
CA ASN B 143 0.13 -34.31 -28.20
C ASN B 143 -1.32 -33.96 -27.87
N SER B 144 -2.12 -34.99 -27.60
CA SER B 144 -3.52 -34.82 -27.20
C SER B 144 -3.68 -35.00 -25.70
N LEU B 145 -2.86 -34.30 -24.92
CA LEU B 145 -2.85 -34.49 -23.47
C LEU B 145 -3.99 -33.73 -22.80
N LEU B 146 -4.61 -34.38 -21.82
CA LEU B 146 -5.69 -33.78 -21.03
C LEU B 146 -5.38 -34.01 -19.56
N ALA B 147 -5.23 -32.92 -18.82
CA ALA B 147 -4.96 -32.98 -17.38
C ALA B 147 -6.05 -32.22 -16.63
N PHE B 148 -6.58 -32.84 -15.59
CA PHE B 148 -7.72 -32.31 -14.86
C PHE B 148 -7.57 -32.67 -13.39
N PRO B 149 -8.23 -31.95 -12.49
CA PRO B 149 -8.19 -32.30 -11.07
C PRO B 149 -8.74 -33.71 -10.83
N GLY B 150 -7.87 -34.59 -10.35
CA GLY B 150 -8.30 -35.93 -10.00
C GLY B 150 -9.24 -35.93 -8.81
N THR B 151 -9.90 -37.07 -8.63
CA THR B 151 -10.80 -37.22 -7.48
C THR B 151 -10.04 -37.27 -6.17
N HIS B 152 -8.74 -37.55 -6.21
CA HIS B 152 -7.87 -37.37 -5.06
C HIS B 152 -7.55 -35.88 -4.96
N THR B 153 -8.12 -35.21 -3.96
CA THR B 153 -8.01 -33.76 -3.84
C THR B 153 -6.55 -33.34 -3.81
N GLY B 154 -6.16 -32.47 -4.74
CA GLY B 154 -4.81 -32.01 -4.87
C GLY B 154 -4.01 -32.71 -5.96
N HIS B 155 -4.45 -33.90 -6.38
CA HIS B 155 -3.76 -34.65 -7.40
C HIS B 155 -4.26 -34.25 -8.79
N VAL B 156 -3.40 -34.41 -9.78
CA VAL B 156 -3.71 -34.08 -11.16
C VAL B 156 -3.64 -35.36 -11.98
N GLN B 157 -4.73 -35.68 -12.67
CA GLN B 157 -4.81 -36.87 -13.49
C GLN B 157 -4.56 -36.49 -14.95
N LEU B 158 -3.70 -37.26 -15.61
CA LEU B 158 -3.29 -36.98 -16.99
C LEU B 158 -3.80 -38.09 -17.90
N VAL B 159 -4.35 -37.69 -19.05
CA VAL B 159 -4.92 -38.62 -20.01
C VAL B 159 -4.44 -38.26 -21.40
N ASP B 160 -4.09 -39.28 -22.19
CA ASP B 160 -3.72 -39.11 -23.59
C ASP B 160 -4.99 -39.36 -24.43
N LEU B 161 -5.58 -38.29 -24.93
CA LEU B 161 -6.81 -38.42 -25.71
C LEU B 161 -6.60 -39.14 -27.03
N ALA B 162 -5.36 -39.31 -27.47
CA ALA B 162 -5.10 -40.13 -28.66
C ALA B 162 -5.03 -41.61 -28.27
N SER B 163 -4.12 -41.95 -27.37
CA SER B 163 -4.00 -43.31 -26.84
C SER B 163 -4.72 -43.35 -25.50
N THR B 164 -6.05 -43.37 -25.57
CA THR B 164 -6.88 -43.43 -24.35
C THR B 164 -6.82 -44.79 -23.69
N GLU B 165 -6.25 -45.80 -24.34
CA GLU B 165 -6.21 -47.14 -23.77
C GLU B 165 -5.17 -47.27 -22.66
N LYS B 166 -4.05 -46.55 -22.77
CA LYS B 166 -3.00 -46.64 -21.77
C LYS B 166 -3.54 -46.14 -20.42
N PRO B 167 -3.04 -46.68 -19.31
CA PRO B 167 -3.47 -46.21 -18.00
C PRO B 167 -3.13 -44.74 -17.82
N PRO B 168 -4.01 -43.95 -17.20
CA PRO B 168 -3.70 -42.54 -16.97
C PRO B 168 -2.59 -42.37 -15.95
N VAL B 169 -2.17 -41.12 -15.74
CA VAL B 169 -1.08 -40.80 -14.81
C VAL B 169 -1.63 -39.88 -13.74
N ASP B 170 -1.64 -40.36 -12.49
CA ASP B 170 -2.07 -39.58 -11.35
C ASP B 170 -0.84 -38.99 -10.67
N ILE B 171 -0.70 -37.67 -10.74
CA ILE B 171 0.46 -36.97 -10.20
C ILE B 171 0.12 -36.50 -8.79
N PRO B 172 0.82 -36.98 -7.76
CA PRO B 172 0.56 -36.49 -6.40
C PRO B 172 1.09 -35.09 -6.16
N ALA B 173 0.46 -34.10 -6.79
CA ALA B 173 0.91 -32.72 -6.70
C ALA B 173 0.74 -32.16 -5.30
N HIS B 174 -0.50 -31.94 -4.88
CA HIS B 174 -0.81 -31.38 -3.57
C HIS B 174 -1.84 -32.26 -2.87
N GLU B 175 -2.23 -31.84 -1.67
CA GLU B 175 -3.27 -32.53 -0.91
C GLU B 175 -4.45 -31.63 -0.56
N GLY B 176 -4.35 -30.32 -0.81
CA GLY B 176 -5.48 -29.43 -0.70
C GLY B 176 -6.12 -29.19 -2.06
N VAL B 177 -7.26 -28.51 -2.04
CA VAL B 177 -7.98 -28.23 -3.28
C VAL B 177 -7.10 -27.40 -4.20
N LEU B 178 -6.97 -27.84 -5.45
CA LEU B 178 -6.14 -27.14 -6.40
C LEU B 178 -6.75 -25.79 -6.75
N SER B 179 -5.89 -24.78 -6.89
CA SER B 179 -6.33 -23.44 -7.24
C SER B 179 -6.00 -23.04 -8.67
N CYS B 180 -5.03 -23.70 -9.30
CA CYS B 180 -4.62 -23.36 -10.65
C CYS B 180 -3.75 -24.49 -11.20
N ILE B 181 -3.92 -24.78 -12.49
CA ILE B 181 -3.07 -25.71 -13.22
C ILE B 181 -2.74 -25.10 -14.57
N ALA B 182 -1.48 -25.15 -14.95
CA ALA B 182 -1.00 -24.57 -16.20
C ALA B 182 -0.19 -25.59 -16.97
N LEU B 183 -0.19 -25.45 -18.30
CA LEU B 183 0.49 -26.37 -19.19
C LEU B 183 1.40 -25.58 -20.12
N ASN B 184 2.64 -26.05 -20.29
CA ASN B 184 3.60 -25.35 -21.13
C ASN B 184 3.18 -25.46 -22.60
N LEU B 185 3.82 -24.64 -23.44
CA LEU B 185 3.45 -24.59 -24.86
C LEU B 185 3.72 -25.92 -25.54
N GLN B 186 4.82 -26.58 -25.19
CA GLN B 186 5.19 -27.84 -25.82
C GLN B 186 4.37 -29.03 -25.34
N GLY B 187 3.60 -28.87 -24.26
CA GLY B 187 2.85 -29.97 -23.72
C GLY B 187 3.63 -30.95 -22.88
N THR B 188 4.85 -30.58 -22.46
CA THR B 188 5.73 -31.49 -21.76
C THR B 188 5.80 -31.24 -20.26
N ARG B 189 5.40 -30.07 -19.78
CA ARG B 189 5.50 -29.71 -18.37
C ARG B 189 4.20 -29.08 -17.88
N ILE B 190 3.85 -29.37 -16.64
CA ILE B 190 2.62 -28.88 -16.03
C ILE B 190 2.97 -28.24 -14.68
N ALA B 191 2.27 -27.17 -14.34
CA ALA B 191 2.48 -26.44 -13.08
C ALA B 191 1.21 -26.48 -12.24
N THR B 192 1.38 -26.71 -10.94
CA THR B 192 0.25 -26.88 -10.02
C THR B 192 0.40 -25.92 -8.85
N ALA B 193 -0.71 -25.71 -8.15
CA ALA B 193 -0.76 -24.84 -6.98
C ALA B 193 -2.07 -25.10 -6.24
N SER B 194 -1.97 -25.35 -4.94
CA SER B 194 -3.13 -25.60 -4.11
C SER B 194 -3.65 -24.30 -3.51
N GLU B 195 -4.91 -24.33 -3.05
CA GLU B 195 -5.53 -23.13 -2.49
C GLU B 195 -4.86 -22.72 -1.19
N LYS B 196 -4.69 -23.65 -0.27
CA LYS B 196 -4.10 -23.36 1.03
C LYS B 196 -2.60 -23.60 1.07
N GLY B 197 -2.01 -24.09 -0.02
CA GLY B 197 -0.61 -24.43 -0.04
C GLY B 197 0.30 -23.21 -0.09
N THR B 198 1.60 -23.48 0.00
CA THR B 198 2.63 -22.45 -0.05
C THR B 198 3.68 -22.75 -1.11
N LEU B 199 3.44 -23.72 -1.99
CA LEU B 199 4.44 -24.18 -2.94
C LEU B 199 3.84 -24.24 -4.34
N ILE B 200 4.68 -23.92 -5.32
CA ILE B 200 4.36 -24.10 -6.74
C ILE B 200 5.26 -25.20 -7.27
N ARG B 201 4.67 -26.19 -7.93
CA ARG B 201 5.40 -27.36 -8.39
C ARG B 201 5.19 -27.57 -9.88
N ILE B 202 6.26 -27.94 -10.57
CA ILE B 202 6.26 -28.17 -12.01
C ILE B 202 6.65 -29.62 -12.26
N PHE B 203 5.77 -30.37 -12.91
CA PHE B 203 5.99 -31.79 -13.18
C PHE B 203 6.17 -32.04 -14.67
N ASP B 204 6.73 -33.20 -14.97
CA ASP B 204 6.86 -33.67 -16.35
C ASP B 204 5.62 -34.48 -16.71
N THR B 205 4.96 -34.09 -17.79
CA THR B 205 3.68 -34.71 -18.15
C THR B 205 3.84 -36.14 -18.64
N SER B 206 5.02 -36.52 -19.12
CA SER B 206 5.25 -37.87 -19.63
C SER B 206 5.83 -38.81 -18.59
N SER B 207 6.13 -38.32 -17.39
CA SER B 207 6.65 -39.18 -16.33
C SER B 207 6.08 -38.87 -14.95
N GLY B 208 5.49 -37.71 -14.72
CA GLY B 208 4.96 -37.39 -13.41
C GLY B 208 6.01 -37.10 -12.36
N HIS B 209 7.17 -36.59 -12.78
CA HIS B 209 8.27 -36.32 -11.87
C HIS B 209 8.39 -34.82 -11.65
N LEU B 210 8.78 -34.45 -10.42
CA LEU B 210 8.92 -33.06 -10.04
C LEU B 210 10.16 -32.46 -10.71
N ILE B 211 9.95 -31.61 -11.72
CA ILE B 211 11.06 -30.95 -12.37
C ILE B 211 11.62 -29.84 -11.50
N GLN B 212 10.74 -29.06 -10.86
CA GLN B 212 11.17 -27.92 -10.06
C GLN B 212 10.11 -27.61 -9.02
N GLU B 213 10.54 -27.29 -7.81
CA GLU B 213 9.67 -26.85 -6.74
C GLU B 213 9.97 -25.40 -6.40
N LEU B 214 8.94 -24.57 -6.40
CA LEU B 214 9.08 -23.15 -6.12
C LEU B 214 8.19 -22.77 -4.94
N ARG B 215 8.56 -21.71 -4.25
CA ARG B 215 7.86 -21.27 -3.05
C ARG B 215 7.00 -20.05 -3.35
N ARG B 216 5.74 -20.12 -2.93
CA ARG B 216 4.84 -18.99 -3.06
C ARG B 216 5.21 -17.91 -2.05
N GLY B 217 4.84 -16.67 -2.36
CA GLY B 217 5.17 -15.57 -1.48
C GLY B 217 4.49 -15.69 -0.13
N SER B 218 5.06 -14.96 0.84
CA SER B 218 4.53 -15.00 2.20
C SER B 218 3.14 -14.37 2.26
N GLN B 219 2.92 -13.30 1.48
CA GLN B 219 1.62 -12.66 1.40
C GLN B 219 0.93 -12.91 0.06
N ALA B 220 1.48 -13.81 -0.77
CA ALA B 220 0.88 -14.05 -2.08
C ALA B 220 -0.48 -14.72 -1.97
N ALA B 221 -0.67 -15.58 -0.97
CA ALA B 221 -1.97 -16.18 -0.67
C ALA B 221 -2.58 -16.89 -1.88
N ASN B 222 -3.68 -16.33 -2.39
CA ASN B 222 -4.45 -16.99 -3.45
C ASN B 222 -3.76 -16.83 -4.80
N ILE B 223 -3.66 -17.92 -5.55
CA ILE B 223 -3.07 -17.93 -6.88
C ILE B 223 -4.20 -18.00 -7.90
N TYR B 224 -4.23 -17.05 -8.83
CA TYR B 224 -5.28 -16.99 -9.84
C TYR B 224 -4.86 -17.59 -11.17
N CYS B 225 -3.72 -17.17 -11.71
CA CYS B 225 -3.29 -17.61 -13.03
C CYS B 225 -1.80 -17.90 -13.00
N ILE B 226 -1.39 -18.95 -13.73
CA ILE B 226 0.00 -19.35 -13.89
C ILE B 226 0.24 -19.61 -15.37
N ASN B 227 1.43 -19.25 -15.85
CA ASN B 227 1.73 -19.42 -17.27
C ASN B 227 3.24 -19.53 -17.47
N PHE B 228 3.64 -20.38 -18.41
CA PHE B 228 5.05 -20.56 -18.76
C PHE B 228 5.47 -19.52 -19.80
N ASN B 229 6.75 -19.56 -20.16
CA ASN B 229 7.27 -18.85 -21.31
C ASN B 229 7.55 -19.85 -22.43
N GLN B 230 8.16 -19.37 -23.51
CA GLN B 230 8.37 -20.22 -24.68
C GLN B 230 9.29 -21.40 -24.36
N ASP B 231 10.52 -21.11 -23.94
CA ASP B 231 11.49 -22.16 -23.64
C ASP B 231 11.25 -22.83 -22.28
N ALA B 232 10.13 -22.54 -21.63
CA ALA B 232 9.76 -23.13 -20.34
C ALA B 232 10.80 -22.88 -19.26
N SER B 233 11.62 -21.83 -19.42
CA SER B 233 12.65 -21.52 -18.45
C SER B 233 12.15 -20.62 -17.33
N LEU B 234 11.15 -19.79 -17.60
CA LEU B 234 10.55 -18.89 -16.61
C LEU B 234 9.08 -19.26 -16.43
N ILE B 235 8.42 -18.55 -15.51
CA ILE B 235 7.02 -18.79 -15.21
C ILE B 235 6.51 -17.59 -14.43
N CYS B 236 5.29 -17.17 -14.74
CA CYS B 236 4.68 -16.00 -14.10
C CYS B 236 3.41 -16.41 -13.38
N VAL B 237 3.18 -15.81 -12.21
CA VAL B 237 2.07 -16.17 -11.33
C VAL B 237 1.41 -14.88 -10.84
N SER B 238 0.08 -14.87 -10.82
CA SER B 238 -0.70 -13.73 -10.36
C SER B 238 -1.43 -14.07 -9.06
N SER B 239 -1.65 -13.05 -8.25
CA SER B 239 -2.22 -13.25 -6.92
C SER B 239 -3.33 -12.23 -6.67
N ASP B 240 -3.62 -11.97 -5.39
CA ASP B 240 -4.80 -11.25 -4.94
C ASP B 240 -4.91 -9.84 -5.53
N HIS B 241 -4.02 -8.94 -5.13
CA HIS B 241 -4.09 -7.55 -5.56
C HIS B 241 -3.22 -7.29 -6.79
N GLY B 242 -3.37 -8.13 -7.81
CA GLY B 242 -2.63 -7.98 -9.05
C GLY B 242 -1.14 -8.12 -8.89
N THR B 243 -0.70 -8.66 -7.75
CA THR B 243 0.72 -8.87 -7.52
C THR B 243 1.19 -10.05 -8.35
N VAL B 244 2.11 -9.81 -9.28
CA VAL B 244 2.59 -10.82 -10.20
C VAL B 244 4.04 -11.14 -9.85
N HIS B 245 4.30 -12.41 -9.55
CA HIS B 245 5.65 -12.90 -9.31
C HIS B 245 6.09 -13.75 -10.49
N ILE B 246 7.34 -13.56 -10.91
CA ILE B 246 7.94 -14.36 -11.96
C ILE B 246 9.08 -15.17 -11.36
N PHE B 247 9.17 -16.44 -11.75
CA PHE B 247 10.13 -17.38 -11.17
C PHE B 247 10.98 -17.99 -12.29
N ALA B 248 11.99 -18.75 -11.86
CA ALA B 248 12.80 -19.55 -12.76
C ALA B 248 12.35 -21.01 -12.65
N ALA B 249 12.05 -21.63 -13.79
CA ALA B 249 11.46 -22.96 -13.80
C ALA B 249 12.48 -24.08 -13.98
N GLU B 250 13.69 -23.77 -14.45
CA GLU B 250 14.71 -24.80 -14.67
C GLU B 250 15.93 -24.60 -13.78
N ASP B 251 15.90 -23.65 -12.86
CA ASP B 251 17.06 -23.35 -12.03
C ASP B 251 16.89 -24.02 -10.67
N PRO B 252 17.68 -25.04 -10.35
CA PRO B 252 17.50 -25.70 -9.04
C PRO B 252 17.93 -24.85 -7.87
N LYS B 253 18.86 -23.91 -8.08
CA LYS B 253 19.33 -23.07 -6.99
C LYS B 253 18.46 -21.83 -6.85
N SER B 254 17.19 -21.95 -7.24
CA SER B 254 16.24 -20.84 -7.13
C SER B 254 14.91 -21.40 -6.65
N LYS B 255 14.40 -20.87 -5.55
CA LYS B 255 13.10 -21.27 -5.01
C LYS B 255 12.10 -20.13 -4.87
N TRP B 256 12.55 -18.88 -4.86
CA TRP B 256 11.67 -17.73 -4.75
C TRP B 256 11.66 -16.96 -6.06
N SER B 257 10.74 -16.00 -6.15
CA SER B 257 10.65 -15.16 -7.33
C SER B 257 11.78 -14.15 -7.37
N PHE B 258 12.40 -14.00 -8.53
CA PHE B 258 13.47 -13.04 -8.72
C PHE B 258 12.97 -11.68 -9.18
N SER B 259 11.67 -11.53 -9.43
CA SER B 259 11.09 -10.26 -9.80
C SER B 259 9.62 -10.25 -9.42
N LYS B 260 9.11 -9.07 -9.09
CA LYS B 260 7.73 -8.93 -8.63
C LYS B 260 7.22 -7.55 -9.01
N PHE B 261 6.01 -7.49 -9.54
CA PHE B 261 5.34 -6.23 -9.81
C PHE B 261 3.89 -6.35 -9.41
N GLN B 262 3.21 -5.20 -9.36
CA GLN B 262 1.82 -5.13 -8.96
C GLN B 262 1.09 -4.12 -9.83
N VAL B 263 -0.12 -4.46 -10.25
CA VAL B 263 -0.94 -3.49 -10.98
C VAL B 263 -1.42 -2.41 -10.01
N PRO B 264 -1.39 -1.13 -10.39
CA PRO B 264 -1.76 -0.09 -9.42
C PRO B 264 -3.18 -0.20 -8.90
N SER B 265 -4.14 -0.62 -9.74
CA SER B 265 -5.53 -0.68 -9.32
C SER B 265 -5.78 -1.80 -8.31
N GLY B 266 -4.91 -2.80 -8.24
CA GLY B 266 -5.10 -3.90 -7.32
C GLY B 266 -6.16 -4.89 -7.69
N SER B 267 -6.71 -4.80 -8.90
CA SER B 267 -7.72 -5.75 -9.35
C SER B 267 -7.05 -7.06 -9.77
N PRO B 268 -7.73 -8.20 -9.55
CA PRO B 268 -7.16 -9.48 -9.97
C PRO B 268 -6.89 -9.49 -11.47
N CYS B 269 -5.88 -10.26 -11.86
CA CYS B 269 -5.41 -10.23 -13.24
C CYS B 269 -4.89 -11.61 -13.64
N ILE B 270 -4.84 -11.82 -14.96
CA ILE B 270 -4.20 -12.98 -15.55
C ILE B 270 -2.89 -12.53 -16.18
N CYS B 271 -1.85 -13.36 -16.06
CA CYS B 271 -0.52 -13.00 -16.52
C CYS B 271 -0.06 -13.96 -17.60
N ALA B 272 0.73 -13.44 -18.54
CA ALA B 272 1.32 -14.24 -19.60
C ALA B 272 2.44 -13.42 -20.23
N PHE B 273 3.47 -14.13 -20.69
CA PHE B 273 4.60 -13.47 -21.33
C PHE B 273 4.20 -12.93 -22.70
N GLY B 274 4.84 -11.83 -23.10
CA GLY B 274 4.55 -11.16 -24.34
C GLY B 274 5.50 -11.54 -25.46
N THR B 275 5.57 -10.67 -26.47
CA THR B 275 6.43 -10.92 -27.61
C THR B 275 7.90 -10.87 -27.22
N GLU B 276 8.29 -9.85 -26.46
CA GLU B 276 9.66 -9.76 -25.98
C GLU B 276 9.92 -10.82 -24.91
N PRO B 277 11.12 -11.39 -24.86
CA PRO B 277 11.39 -12.46 -23.89
C PRO B 277 11.46 -11.99 -22.44
N ASN B 278 11.45 -10.67 -22.19
CA ASN B 278 11.48 -10.13 -20.85
C ASN B 278 10.25 -9.28 -20.56
N ALA B 279 9.14 -9.57 -21.25
CA ALA B 279 7.90 -8.83 -21.10
C ALA B 279 6.83 -9.71 -20.48
N VAL B 280 5.96 -9.10 -19.68
CA VAL B 280 4.87 -9.79 -19.02
C VAL B 280 3.60 -8.96 -19.21
N ILE B 281 2.56 -9.58 -19.77
CA ILE B 281 1.29 -8.92 -20.02
C ILE B 281 0.30 -9.31 -18.93
N ALA B 282 -0.46 -8.34 -18.45
CA ALA B 282 -1.43 -8.55 -17.37
C ALA B 282 -2.78 -8.00 -17.79
N ILE B 283 -3.80 -8.85 -17.77
CA ILE B 283 -5.18 -8.46 -18.08
C ILE B 283 -5.97 -8.50 -16.77
N CYS B 284 -6.36 -7.34 -16.28
CA CYS B 284 -7.06 -7.23 -15.01
C CYS B 284 -8.58 -7.21 -15.22
N ALA B 285 -9.30 -7.59 -14.17
CA ALA B 285 -10.75 -7.72 -14.24
C ALA B 285 -11.46 -6.36 -14.29
N ASP B 286 -10.78 -5.28 -13.92
CA ASP B 286 -11.38 -3.95 -14.00
C ASP B 286 -11.29 -3.35 -15.39
N GLY B 287 -10.80 -4.10 -16.37
CA GLY B 287 -10.65 -3.57 -17.71
C GLY B 287 -9.34 -2.88 -17.97
N SER B 288 -8.29 -3.21 -17.23
CA SER B 288 -6.99 -2.57 -17.34
C SER B 288 -5.98 -3.51 -17.97
N TYR B 289 -5.17 -2.98 -18.88
CA TYR B 289 -4.13 -3.72 -19.57
C TYR B 289 -2.77 -3.19 -19.13
N TYR B 290 -1.85 -4.08 -18.81
CA TYR B 290 -0.52 -3.69 -18.37
C TYR B 290 0.54 -4.51 -19.09
N LYS B 291 1.62 -3.85 -19.49
CA LYS B 291 2.79 -4.50 -20.08
C LYS B 291 4.01 -4.08 -19.25
N PHE B 292 4.61 -5.04 -18.56
CA PHE B 292 5.75 -4.78 -17.70
C PHE B 292 6.96 -5.54 -18.24
N LEU B 293 8.08 -4.83 -18.38
CA LEU B 293 9.33 -5.41 -18.83
C LEU B 293 10.33 -5.42 -17.66
N PHE B 294 10.99 -6.55 -17.48
CA PHE B 294 11.93 -6.74 -16.37
C PHE B 294 13.33 -6.96 -16.90
N ASN B 295 14.32 -6.60 -16.10
CA ASN B 295 15.71 -6.85 -16.39
C ASN B 295 16.13 -8.19 -15.81
N PRO B 296 17.28 -8.74 -16.24
CA PRO B 296 17.75 -10.00 -15.64
C PRO B 296 17.85 -9.96 -14.12
N LYS B 297 18.12 -8.80 -13.53
CA LYS B 297 18.15 -8.66 -12.08
C LYS B 297 16.77 -8.41 -11.48
N GLY B 298 15.72 -8.37 -12.30
CA GLY B 298 14.38 -8.13 -11.80
C GLY B 298 13.95 -6.68 -11.77
N GLU B 299 14.62 -5.81 -12.52
CA GLU B 299 14.29 -4.39 -12.54
C GLU B 299 13.10 -4.18 -13.47
N CYS B 300 11.92 -4.04 -12.90
CA CYS B 300 10.69 -3.95 -13.66
C CYS B 300 10.31 -2.50 -13.93
N ILE B 301 9.85 -2.24 -15.16
CA ILE B 301 9.44 -0.91 -15.58
C ILE B 301 8.05 -1.00 -16.19
N ARG B 302 7.14 -0.13 -15.76
CA ARG B 302 5.79 -0.07 -16.30
C ARG B 302 5.86 0.68 -17.63
N ASP B 303 5.98 -0.07 -18.72
CA ASP B 303 6.21 0.54 -20.02
C ASP B 303 4.91 0.96 -20.69
N VAL B 304 3.90 0.08 -20.68
CA VAL B 304 2.66 0.31 -21.39
C VAL B 304 1.49 0.08 -20.44
N TYR B 305 0.52 1.00 -20.45
CA TYR B 305 -0.71 0.87 -19.68
C TYR B 305 -1.86 1.45 -20.48
N ALA B 306 -2.98 0.71 -20.51
CA ALA B 306 -4.17 1.16 -21.23
C ALA B 306 -5.37 0.44 -20.63
N GLN B 307 -6.55 0.71 -21.19
CA GLN B 307 -7.79 0.06 -20.80
C GLN B 307 -8.36 -0.63 -22.04
N PHE B 308 -8.23 -1.96 -22.10
CA PHE B 308 -8.64 -2.70 -23.29
C PHE B 308 -10.15 -2.66 -23.52
N LEU B 309 -10.94 -2.39 -22.47
CA LEU B 309 -12.38 -2.31 -22.63
C LEU B 309 -12.82 -1.07 -23.40
N GLU B 310 -11.93 -0.09 -23.60
CA GLU B 310 -12.27 1.14 -24.30
C GLU B 310 -11.49 1.31 -25.60
N MET B 311 -10.80 0.28 -26.06
CA MET B 311 -10.04 0.36 -27.31
C MET B 311 -10.97 0.49 -28.51
N HIS C 7 15.76 12.05 5.83
CA HIS C 7 15.58 13.28 6.59
C HIS C 7 16.42 13.26 7.86
N GLY C 8 17.74 13.22 7.70
CA GLY C 8 18.67 13.23 8.82
C GLY C 8 19.14 11.87 9.27
N LEU C 9 18.50 10.79 8.81
CA LEU C 9 18.88 9.45 9.23
C LEU C 9 20.22 9.07 8.60
N LEU C 10 21.27 9.01 9.41
CA LEU C 10 22.60 8.61 8.95
C LEU C 10 23.03 7.25 9.47
N TYR C 11 22.43 6.75 10.55
CA TYR C 11 22.80 5.44 11.07
C TYR C 11 21.62 4.87 11.85
N ALA C 12 21.58 3.54 11.91
CA ALA C 12 20.59 2.83 12.71
C ALA C 12 21.16 1.46 13.06
N GLY C 13 21.18 1.14 14.36
CA GLY C 13 21.72 -0.12 14.79
C GLY C 13 21.08 -0.66 16.05
N PHE C 14 20.92 -1.97 16.13
CA PHE C 14 20.35 -2.61 17.30
C PHE C 14 21.38 -2.66 18.43
N ASN C 15 20.87 -2.80 19.66
CA ASN C 15 21.77 -2.98 20.80
C ASN C 15 22.18 -4.44 20.89
N GLN C 16 22.47 -4.93 22.10
CA GLN C 16 22.99 -6.28 22.26
C GLN C 16 21.91 -7.33 22.44
N ASP C 17 20.78 -6.97 23.04
CA ASP C 17 19.66 -7.89 23.18
C ASP C 17 18.61 -7.68 22.10
N HIS C 18 18.86 -6.79 21.14
CA HIS C 18 17.96 -6.42 20.07
C HIS C 18 16.67 -5.78 20.57
N GLY C 19 16.57 -5.52 21.87
CA GLY C 19 15.38 -4.89 22.43
C GLY C 19 15.27 -3.41 22.15
N CYS C 20 16.39 -2.75 21.86
CA CYS C 20 16.41 -1.34 21.50
C CYS C 20 17.23 -1.16 20.23
N PHE C 21 17.00 -0.05 19.55
CA PHE C 21 17.85 0.35 18.44
C PHE C 21 18.07 1.85 18.49
N ALA C 22 19.29 2.27 18.22
CA ALA C 22 19.66 3.67 18.23
C ALA C 22 19.80 4.18 16.80
N CYS C 23 19.66 5.49 16.65
CA CYS C 23 19.71 6.14 15.36
C CYS C 23 20.66 7.32 15.40
N GLY C 24 21.49 7.44 14.37
CA GLY C 24 22.38 8.58 14.23
C GLY C 24 21.79 9.65 13.32
N MET C 25 21.46 10.79 13.90
CA MET C 25 20.86 11.90 13.15
C MET C 25 21.91 12.95 12.81
N GLU C 26 21.49 13.93 12.01
CA GLU C 26 22.37 15.04 11.69
C GLU C 26 22.37 16.09 12.79
N ASN C 27 21.29 16.19 13.56
CA ASN C 27 21.22 17.10 14.70
C ASN C 27 21.55 16.44 16.02
N GLY C 28 21.59 15.10 16.07
CA GLY C 28 21.89 14.39 17.29
C GLY C 28 21.68 12.90 17.16
N PHE C 29 21.03 12.28 18.15
CA PHE C 29 20.76 10.86 18.12
C PHE C 29 19.41 10.58 18.75
N ARG C 30 18.87 9.40 18.44
CA ARG C 30 17.58 8.96 18.95
C ARG C 30 17.68 7.51 19.41
N VAL C 31 16.97 7.18 20.48
CA VAL C 31 16.95 5.83 21.02
C VAL C 31 15.50 5.36 21.07
N TYR C 32 15.23 4.20 20.48
CA TYR C 32 13.89 3.65 20.40
C TYR C 32 13.85 2.27 21.05
N ASN C 33 12.65 1.88 21.48
CA ASN C 33 12.39 0.51 21.90
C ASN C 33 11.92 -0.28 20.70
N THR C 34 12.57 -1.42 20.45
CA THR C 34 12.32 -2.17 19.22
C THR C 34 10.89 -2.68 19.15
N ASP C 35 10.50 -3.50 20.13
CA ASP C 35 9.17 -4.09 20.13
C ASP C 35 8.61 -4.08 21.55
N PRO C 36 7.55 -3.31 21.83
CA PRO C 36 6.79 -2.45 20.90
C PRO C 36 7.55 -1.17 20.55
N LEU C 37 7.23 -0.55 19.42
CA LEU C 37 7.94 0.65 18.97
C LEU C 37 7.57 1.83 19.87
N LYS C 38 8.58 2.41 20.51
CA LYS C 38 8.38 3.59 21.35
C LYS C 38 9.67 4.39 21.38
N GLU C 39 9.55 5.71 21.24
CA GLU C 39 10.71 6.59 21.28
C GLU C 39 11.10 6.85 22.73
N LYS C 40 12.32 6.50 23.10
CA LYS C 40 12.79 6.67 24.47
C LYS C 40 13.47 8.01 24.69
N GLU C 41 14.35 8.42 23.78
CA GLU C 41 15.10 9.65 23.95
C GLU C 41 15.46 10.23 22.59
N LYS C 42 15.50 11.56 22.53
CA LYS C 42 15.95 12.29 21.35
C LYS C 42 16.78 13.48 21.82
N GLN C 43 18.09 13.43 21.58
CA GLN C 43 19.02 14.43 22.07
C GLN C 43 19.67 15.14 20.89
N GLU C 44 19.78 16.46 21.00
CA GLU C 44 20.50 17.27 20.01
C GLU C 44 21.98 17.28 20.37
N PHE C 45 22.82 17.04 19.36
CA PHE C 45 24.28 16.98 19.56
C PHE C 45 24.93 17.48 18.27
N LEU C 46 25.00 18.80 18.12
CA LEU C 46 25.50 19.42 16.90
C LEU C 46 27.01 19.25 16.75
N GLU C 47 27.46 18.00 16.63
CA GLU C 47 28.87 17.71 16.38
C GLU C 47 29.04 17.17 14.97
N GLY C 48 28.40 17.81 13.99
CA GLY C 48 28.44 17.34 12.63
C GLY C 48 27.57 16.15 12.34
N GLY C 49 26.63 15.80 13.23
CA GLY C 49 25.78 14.67 13.04
C GLY C 49 26.43 13.36 13.44
N VAL C 50 25.66 12.46 14.04
CA VAL C 50 26.18 11.17 14.47
C VAL C 50 26.03 10.16 13.35
N GLY C 51 27.10 9.43 13.06
CA GLY C 51 27.08 8.43 12.01
C GLY C 51 27.19 7.01 12.54
N HIS C 52 27.30 6.88 13.86
CA HIS C 52 27.37 5.57 14.49
C HIS C 52 27.03 5.73 15.97
N VAL C 53 26.07 4.95 16.44
CA VAL C 53 25.66 4.96 17.83
C VAL C 53 25.71 3.53 18.35
N GLU C 54 26.50 3.31 19.40
CA GLU C 54 26.60 2.02 20.05
C GLU C 54 25.99 2.11 21.44
N MET C 55 25.13 1.14 21.77
CA MET C 55 24.46 1.08 23.06
C MET C 55 25.06 -0.05 23.89
N LEU C 56 25.04 0.14 25.21
CA LEU C 56 25.41 -0.90 26.16
C LEU C 56 24.13 -1.30 26.90
N PHE C 57 23.30 -2.09 26.22
CA PHE C 57 21.97 -2.46 26.70
C PHE C 57 21.18 -1.19 27.05
N ARG C 58 20.36 -1.25 28.09
CA ARG C 58 19.49 -0.12 28.45
C ARG C 58 20.12 0.79 29.49
N CYS C 59 21.45 0.95 29.47
CA CYS C 59 22.12 1.82 30.43
C CYS C 59 22.20 3.24 29.87
N ASN C 60 22.98 4.10 30.52
CA ASN C 60 23.01 5.52 30.19
C ASN C 60 24.20 5.91 29.32
N TYR C 61 25.10 4.99 29.01
CA TYR C 61 26.28 5.29 28.21
C TYR C 61 26.05 4.91 26.76
N LEU C 62 26.28 5.86 25.85
CA LEU C 62 26.17 5.63 24.43
C LEU C 62 27.46 6.09 23.76
N ALA C 63 27.99 5.25 22.87
CA ALA C 63 29.18 5.60 22.09
C ALA C 63 28.75 6.33 20.83
N LEU C 64 29.34 7.51 20.60
CA LEU C 64 28.97 8.35 19.47
C LEU C 64 30.20 8.62 18.62
N VAL C 65 30.03 8.55 17.30
CA VAL C 65 31.07 8.88 16.34
C VAL C 65 30.64 10.16 15.63
N GLY C 66 31.45 11.20 15.75
CA GLY C 66 31.11 12.50 15.21
C GLY C 66 31.08 12.55 13.70
N GLY C 67 30.80 13.74 13.18
CA GLY C 67 30.75 13.92 11.74
C GLY C 67 32.08 13.67 11.07
N GLY C 68 33.17 14.16 11.68
CA GLY C 68 34.50 13.93 11.14
C GLY C 68 34.92 12.47 11.17
N LYS C 69 34.21 11.63 11.91
CA LYS C 69 34.47 10.19 12.01
C LYS C 69 35.86 9.88 12.55
N LYS C 70 36.49 10.84 13.24
CA LYS C 70 37.82 10.66 13.78
C LYS C 70 37.88 10.78 15.30
N LYS C 71 36.73 10.91 15.96
CA LYS C 71 36.68 11.15 17.39
C LYS C 71 35.54 10.35 18.01
N VAL C 72 35.88 9.33 18.80
CA VAL C 72 34.89 8.57 19.52
C VAL C 72 34.53 9.31 20.81
N MET C 73 33.24 9.46 21.07
CA MET C 73 32.76 10.20 22.23
C MET C 73 31.76 9.34 22.98
N ILE C 74 32.09 9.00 24.22
CA ILE C 74 31.15 8.31 25.11
C ILE C 74 30.28 9.37 25.79
N TRP C 75 28.97 9.22 25.65
CA TRP C 75 28.02 10.23 26.07
C TRP C 75 27.15 9.66 27.19
N ASP C 76 27.11 10.35 28.32
CA ASP C 76 26.31 9.93 29.47
C ASP C 76 24.96 10.65 29.37
N ASP C 77 23.93 9.91 28.95
CA ASP C 77 22.61 10.49 28.81
C ASP C 77 22.01 10.92 30.14
N LEU C 78 22.50 10.36 31.26
CA LEU C 78 22.06 10.82 32.57
C LEU C 78 22.63 12.20 32.87
N LYS C 79 23.97 12.32 32.80
CA LYS C 79 24.63 13.60 33.02
C LYS C 79 24.47 14.56 31.86
N LYS C 80 24.02 14.09 30.69
CA LYS C 80 23.80 14.93 29.52
C LYS C 80 25.09 15.66 29.12
N LYS C 81 26.18 14.89 29.03
CA LYS C 81 27.47 15.45 28.64
C LYS C 81 28.36 14.31 28.16
N THR C 82 29.42 14.68 27.43
CA THR C 82 30.40 13.70 27.00
C THR C 82 31.40 13.45 28.12
N VAL C 83 31.62 12.17 28.42
CA VAL C 83 32.50 11.79 29.52
C VAL C 83 33.86 11.30 29.04
N ILE C 84 33.94 10.70 27.86
CA ILE C 84 35.18 10.17 27.31
C ILE C 84 35.31 10.62 25.86
N GLU C 85 36.52 11.01 25.46
CA GLU C 85 36.79 11.40 24.08
C GLU C 85 38.10 10.77 23.63
N ILE C 86 38.01 9.81 22.73
CA ILE C 86 39.19 9.20 22.09
C ILE C 86 39.19 9.65 20.63
N GLU C 87 40.25 10.32 20.22
CA GLU C 87 40.40 10.75 18.84
C GLU C 87 41.39 9.86 18.11
N PHE C 88 41.23 9.78 16.79
CA PHE C 88 42.08 8.96 15.95
C PHE C 88 42.48 9.74 14.72
N SER C 89 43.68 9.44 14.20
CA SER C 89 44.13 10.09 12.98
C SER C 89 43.39 9.57 11.75
N THR C 90 43.04 8.29 11.75
CA THR C 90 42.24 7.71 10.68
C THR C 90 40.76 7.79 11.04
N GLU C 91 39.90 7.36 10.12
CA GLU C 91 38.47 7.43 10.33
C GLU C 91 37.97 6.22 11.12
N VAL C 92 37.08 6.48 12.08
CA VAL C 92 36.49 5.43 12.89
C VAL C 92 35.33 4.81 12.12
N LYS C 93 35.40 3.49 11.91
CA LYS C 93 34.37 2.80 11.16
C LYS C 93 33.26 2.25 12.03
N ALA C 94 33.57 1.82 13.25
CA ALA C 94 32.57 1.29 14.16
C ALA C 94 33.12 1.32 15.58
N VAL C 95 32.20 1.28 16.54
CA VAL C 95 32.55 1.22 17.96
C VAL C 95 31.66 0.18 18.63
N LYS C 96 32.27 -0.76 19.34
CA LYS C 96 31.54 -1.76 20.11
C LYS C 96 31.82 -1.56 21.59
N LEU C 97 30.81 -1.79 22.42
CA LEU C 97 30.88 -1.48 23.84
C LEU C 97 30.63 -2.71 24.70
N ARG C 98 31.29 -2.73 25.86
CA ARG C 98 31.04 -3.70 26.91
C ARG C 98 31.41 -3.03 28.22
N ARG C 99 30.90 -3.60 29.33
CA ARG C 99 30.99 -2.90 30.61
C ARG C 99 32.43 -2.59 31.00
N ASP C 100 33.40 -3.35 30.51
CA ASP C 100 34.79 -3.17 30.89
C ASP C 100 35.72 -2.85 29.73
N ARG C 101 35.23 -2.82 28.50
CA ARG C 101 36.07 -2.61 27.33
C ARG C 101 35.37 -1.71 26.33
N ILE C 102 36.17 -0.88 25.65
CA ILE C 102 35.70 -0.05 24.55
C ILE C 102 36.48 -0.48 23.31
N VAL C 103 35.77 -1.04 22.34
CA VAL C 103 36.36 -1.59 21.13
C VAL C 103 36.09 -0.63 19.98
N VAL C 104 37.16 -0.08 19.39
CA VAL C 104 37.07 0.87 18.29
C VAL C 104 37.59 0.20 17.03
N VAL C 105 36.80 0.27 15.95
CA VAL C 105 37.11 -0.38 14.69
C VAL C 105 37.56 0.67 13.68
N LEU C 106 38.71 0.45 13.07
CA LEU C 106 39.23 1.29 12.00
C LEU C 106 39.24 0.51 10.70
N ASP C 107 39.54 1.21 9.60
CA ASP C 107 39.49 0.57 8.29
C ASP C 107 40.60 -0.46 8.08
N SER C 108 41.50 -0.64 9.05
CA SER C 108 42.58 -1.60 8.89
C SER C 108 42.97 -2.31 10.18
N MET C 109 42.49 -1.89 11.34
CA MET C 109 42.83 -2.53 12.60
C MET C 109 41.75 -2.20 13.63
N ILE C 110 41.78 -2.95 14.73
CA ILE C 110 40.84 -2.76 15.83
C ILE C 110 41.62 -2.65 17.13
N LYS C 111 41.33 -1.60 17.91
CA LYS C 111 42.04 -1.33 19.16
C LYS C 111 41.08 -1.49 20.32
N VAL C 112 41.52 -2.21 21.34
CA VAL C 112 40.73 -2.47 22.54
C VAL C 112 41.21 -1.54 23.64
N PHE C 113 40.32 -0.70 24.16
CA PHE C 113 40.61 0.21 25.24
C PHE C 113 39.88 -0.21 26.50
N THR C 114 40.18 0.49 27.60
CA THR C 114 39.47 0.31 28.85
C THR C 114 38.31 1.30 28.93
N PHE C 115 37.37 1.01 29.82
CA PHE C 115 36.24 1.90 30.07
C PHE C 115 36.50 2.80 31.26
N THR C 116 37.71 3.38 31.32
CA THR C 116 38.08 4.32 32.36
C THR C 116 38.03 5.74 31.83
N HIS C 117 38.22 6.71 32.75
CA HIS C 117 38.15 8.11 32.38
C HIS C 117 39.16 8.45 31.30
N ASN C 118 40.41 8.01 31.48
CA ASN C 118 41.43 8.08 30.44
C ASN C 118 41.68 6.66 29.93
N PRO C 119 41.06 6.25 28.83
CA PRO C 119 41.15 4.85 28.40
C PRO C 119 42.58 4.44 28.08
N HIS C 120 42.89 3.19 28.41
CA HIS C 120 44.21 2.62 28.24
C HIS C 120 44.12 1.51 27.20
N GLN C 121 44.81 1.70 26.07
CA GLN C 121 44.76 0.73 24.98
C GLN C 121 45.35 -0.60 25.44
N LEU C 122 44.53 -1.66 25.40
CA LEU C 122 44.94 -2.96 25.89
C LEU C 122 45.50 -3.85 24.79
N HIS C 123 44.85 -3.91 23.63
CA HIS C 123 45.30 -4.74 22.54
C HIS C 123 45.09 -4.02 21.22
N VAL C 124 45.80 -4.48 20.19
CA VAL C 124 45.57 -4.09 18.81
C VAL C 124 45.51 -5.35 17.96
N PHE C 125 44.48 -5.47 17.14
CA PHE C 125 44.29 -6.60 16.25
C PHE C 125 44.22 -6.10 14.81
N GLU C 126 44.98 -6.75 13.93
CA GLU C 126 45.04 -6.35 12.53
C GLU C 126 43.92 -7.03 11.75
N THR C 127 43.29 -6.27 10.86
CA THR C 127 42.22 -6.76 10.00
C THR C 127 42.55 -6.42 8.56
N CYS C 128 41.77 -6.99 7.65
CA CYS C 128 41.84 -6.59 6.25
C CYS C 128 41.22 -5.21 6.09
N TYR C 129 41.14 -4.74 4.84
CA TYR C 129 40.45 -3.48 4.59
C TYR C 129 38.99 -3.62 4.97
N ASN C 130 38.57 -2.94 6.03
CA ASN C 130 37.24 -3.09 6.61
C ASN C 130 36.54 -1.74 6.61
N PRO C 131 36.11 -1.24 5.43
CA PRO C 131 35.40 0.04 5.40
C PRO C 131 34.00 -0.04 5.94
N LYS C 132 33.41 -1.24 5.99
CA LYS C 132 32.08 -1.42 6.57
C LYS C 132 32.09 -1.41 8.09
N GLY C 133 33.24 -1.68 8.71
CA GLY C 133 33.30 -1.75 10.16
C GLY C 133 32.83 -3.06 10.72
N LEU C 134 33.05 -4.17 10.02
CA LEU C 134 32.59 -5.47 10.49
C LEU C 134 33.30 -5.84 11.78
N CYS C 135 32.52 -6.03 12.84
CA CYS C 135 33.06 -6.43 14.14
C CYS C 135 31.92 -6.78 15.09
N VAL C 136 32.06 -7.90 15.80
CA VAL C 136 31.09 -8.29 16.83
C VAL C 136 31.83 -8.53 18.13
N LEU C 137 31.17 -8.21 19.23
CA LEU C 137 31.77 -8.29 20.56
C LEU C 137 30.72 -8.76 21.55
N CYS C 138 30.95 -9.92 22.14
CA CYS C 138 30.01 -10.47 23.11
C CYS C 138 30.03 -9.65 24.39
N PRO C 139 28.91 -9.00 24.77
CA PRO C 139 28.88 -8.26 26.04
C PRO C 139 28.62 -9.13 27.24
N ASN C 140 28.20 -10.38 27.04
CA ASN C 140 27.84 -11.25 28.15
C ASN C 140 29.03 -11.41 29.09
N SER C 141 28.74 -11.44 30.39
CA SER C 141 29.81 -11.42 31.39
C SER C 141 30.70 -12.65 31.29
N ASN C 142 30.11 -13.81 31.02
CA ASN C 142 30.88 -15.06 30.95
C ASN C 142 31.53 -15.27 29.60
N ASN C 143 31.49 -14.29 28.68
CA ASN C 143 32.08 -14.45 27.36
C ASN C 143 32.47 -13.08 26.83
N SER C 144 33.75 -12.78 26.88
CA SER C 144 34.30 -11.55 26.29
C SER C 144 34.95 -11.86 24.94
N LEU C 145 34.14 -12.40 24.04
CA LEU C 145 34.60 -12.81 22.73
C LEU C 145 34.59 -11.63 21.77
N LEU C 146 35.60 -11.56 20.90
CA LEU C 146 35.69 -10.53 19.88
C LEU C 146 36.04 -11.20 18.56
N ALA C 147 35.17 -11.03 17.56
CA ALA C 147 35.37 -11.61 16.24
C ALA C 147 35.41 -10.48 15.20
N PHE C 148 36.31 -10.63 14.23
CA PHE C 148 36.53 -9.59 13.24
C PHE C 148 37.10 -10.25 11.98
N PRO C 149 36.99 -9.59 10.82
CA PRO C 149 37.58 -10.16 9.60
C PRO C 149 39.10 -10.11 9.66
N GLY C 150 39.72 -11.28 9.47
CA GLY C 150 41.16 -11.36 9.46
C GLY C 150 41.75 -10.81 8.17
N THR C 151 43.08 -10.87 8.09
CA THR C 151 43.78 -10.36 6.90
C THR C 151 43.54 -11.26 5.70
N HIS C 152 43.31 -12.55 5.92
CA HIS C 152 43.01 -13.47 4.82
C HIS C 152 41.60 -13.17 4.31
N THR C 153 41.51 -12.69 3.07
CA THR C 153 40.25 -12.29 2.47
C THR C 153 39.23 -13.44 2.50
N GLY C 154 38.25 -13.33 3.38
CA GLY C 154 37.25 -14.37 3.58
C GLY C 154 37.36 -15.07 4.92
N HIS C 155 38.43 -14.87 5.66
CA HIS C 155 38.62 -15.50 6.95
C HIS C 155 38.08 -14.62 8.07
N VAL C 156 37.73 -15.26 9.18
CA VAL C 156 37.26 -14.58 10.38
C VAL C 156 38.14 -15.01 11.54
N GLN C 157 38.72 -14.04 12.23
CA GLN C 157 39.57 -14.29 13.39
C GLN C 157 38.79 -14.01 14.67
N LEU C 158 38.84 -14.95 15.61
CA LEU C 158 38.13 -14.83 16.87
C LEU C 158 39.13 -14.80 18.01
N VAL C 159 38.91 -13.90 18.96
CA VAL C 159 39.82 -13.68 20.08
C VAL C 159 39.00 -13.53 21.36
N ASP C 160 39.43 -14.22 22.41
CA ASP C 160 38.84 -14.04 23.74
C ASP C 160 39.54 -12.86 24.41
N LEU C 161 38.77 -11.80 24.70
CA LEU C 161 39.36 -10.62 25.34
C LEU C 161 39.79 -10.88 26.77
N ALA C 162 39.31 -11.96 27.39
CA ALA C 162 39.78 -12.33 28.72
C ALA C 162 41.09 -13.10 28.64
N SER C 163 41.06 -14.28 28.01
CA SER C 163 42.27 -15.07 27.79
C SER C 163 42.90 -14.67 26.45
N THR C 164 43.46 -13.46 26.44
CA THR C 164 44.05 -12.93 25.22
C THR C 164 45.32 -13.66 24.81
N GLU C 165 46.00 -14.32 25.76
CA GLU C 165 47.18 -15.09 25.42
C GLU C 165 46.84 -16.35 24.66
N LYS C 166 45.61 -16.83 24.75
CA LYS C 166 45.21 -18.02 24.02
C LYS C 166 45.28 -17.77 22.52
N PRO C 167 45.81 -18.71 21.74
CA PRO C 167 45.90 -18.52 20.29
C PRO C 167 44.54 -18.24 19.67
N PRO C 168 44.49 -17.39 18.66
CA PRO C 168 43.20 -17.06 18.04
C PRO C 168 42.66 -18.21 17.21
N VAL C 169 41.44 -18.03 16.73
CA VAL C 169 40.74 -19.03 15.92
C VAL C 169 40.51 -18.41 14.54
N ASP C 170 41.23 -18.92 13.54
CA ASP C 170 41.12 -18.44 12.16
C ASP C 170 40.14 -19.34 11.43
N ILE C 171 38.93 -18.85 11.22
CA ILE C 171 37.87 -19.62 10.57
C ILE C 171 37.89 -19.28 9.08
N PRO C 172 38.17 -20.24 8.19
CA PRO C 172 38.07 -20.00 6.74
C PRO C 172 36.62 -20.04 6.26
N ALA C 173 35.92 -18.93 6.49
CA ALA C 173 34.50 -18.84 6.17
C ALA C 173 34.26 -18.87 4.66
N HIS C 174 34.53 -17.78 3.97
CA HIS C 174 34.30 -17.66 2.54
C HIS C 174 35.62 -17.45 1.81
N GLU C 175 35.54 -17.43 0.48
CA GLU C 175 36.70 -17.18 -0.37
C GLU C 175 36.70 -15.79 -0.98
N GLY C 176 35.73 -14.95 -0.60
CA GLY C 176 35.67 -13.58 -1.06
C GLY C 176 35.62 -12.60 0.11
N VAL C 177 35.52 -11.32 -0.25
CA VAL C 177 35.46 -10.27 0.76
C VAL C 177 34.21 -10.46 1.60
N LEU C 178 34.37 -10.38 2.92
CA LEU C 178 33.24 -10.53 3.82
C LEU C 178 32.33 -9.31 3.75
N SER C 179 31.03 -9.54 3.76
CA SER C 179 30.04 -8.48 3.71
C SER C 179 29.29 -8.27 5.01
N CYS C 180 29.19 -9.28 5.86
CA CYS C 180 28.42 -9.17 7.09
C CYS C 180 28.86 -10.26 8.06
N ILE C 181 28.86 -9.93 9.35
CA ILE C 181 29.16 -10.87 10.43
C ILE C 181 28.17 -10.64 11.55
N ALA C 182 27.65 -11.72 12.13
CA ALA C 182 26.69 -11.64 13.21
C ALA C 182 27.06 -12.62 14.30
N LEU C 183 26.79 -12.23 15.55
CA LEU C 183 27.04 -13.07 16.71
C LEU C 183 25.73 -13.31 17.46
N ASN C 184 25.51 -14.55 17.88
CA ASN C 184 24.28 -14.88 18.58
C ASN C 184 24.27 -14.25 19.97
N LEU C 185 23.11 -14.34 20.63
CA LEU C 185 22.94 -13.66 21.91
C LEU C 185 23.82 -14.28 23.00
N GLN C 186 24.09 -15.58 22.92
CA GLN C 186 24.93 -16.25 23.90
C GLN C 186 26.42 -16.16 23.56
N GLY C 187 26.77 -15.64 22.39
CA GLY C 187 28.16 -15.55 22.00
C GLY C 187 28.80 -16.87 21.64
N THR C 188 27.99 -17.89 21.31
CA THR C 188 28.51 -19.21 21.01
C THR C 188 28.53 -19.53 19.52
N ARG C 189 27.72 -18.86 18.72
CA ARG C 189 27.64 -19.12 17.29
C ARG C 189 27.80 -17.82 16.51
N ILE C 190 28.52 -17.88 15.40
CA ILE C 190 28.80 -16.73 14.56
C ILE C 190 28.26 -17.01 13.15
N ALA C 191 27.72 -15.98 12.52
CA ALA C 191 27.22 -16.06 11.14
C ALA C 191 28.11 -15.24 10.22
N THR C 192 28.31 -15.75 9.01
CA THR C 192 29.18 -15.11 8.03
C THR C 192 28.46 -15.00 6.69
N ALA C 193 28.91 -14.04 5.87
CA ALA C 193 28.35 -13.83 4.54
C ALA C 193 29.38 -13.13 3.69
N SER C 194 29.58 -13.63 2.47
CA SER C 194 30.54 -13.05 1.54
C SER C 194 29.88 -11.94 0.73
N GLU C 195 30.65 -11.33 -0.17
CA GLU C 195 30.12 -10.27 -1.02
C GLU C 195 29.24 -10.83 -2.12
N LYS C 196 29.42 -12.09 -2.52
CA LYS C 196 28.53 -12.70 -3.48
C LYS C 196 27.11 -12.80 -2.92
N GLY C 197 26.99 -13.07 -1.63
CA GLY C 197 25.70 -13.07 -0.99
C GLY C 197 24.76 -14.17 -1.47
N THR C 198 25.30 -15.36 -1.70
CA THR C 198 24.50 -16.51 -2.09
C THR C 198 24.43 -17.59 -1.04
N LEU C 199 25.44 -17.69 -0.17
CA LEU C 199 25.50 -18.70 0.86
C LEU C 199 25.86 -18.05 2.18
N ILE C 200 25.19 -18.49 3.26
CA ILE C 200 25.38 -17.95 4.59
C ILE C 200 25.74 -19.11 5.51
N ARG C 201 26.82 -18.93 6.28
CA ARG C 201 27.41 -20.02 7.06
C ARG C 201 27.46 -19.64 8.53
N ILE C 202 27.12 -20.61 9.38
CA ILE C 202 27.16 -20.46 10.83
C ILE C 202 28.25 -21.36 11.38
N PHE C 203 29.11 -20.79 12.24
CA PHE C 203 30.21 -21.52 12.84
C PHE C 203 30.12 -21.49 14.35
N ASP C 204 30.82 -22.41 14.99
CA ASP C 204 30.94 -22.45 16.45
C ASP C 204 32.11 -21.58 16.88
N THR C 205 31.85 -20.64 17.79
CA THR C 205 32.88 -19.68 18.19
C THR C 205 33.95 -20.31 19.06
N SER C 206 33.68 -21.46 19.69
CA SER C 206 34.64 -22.11 20.57
C SER C 206 35.36 -23.28 19.91
N SER C 207 35.12 -23.52 18.62
CA SER C 207 35.76 -24.65 17.94
C SER C 207 36.04 -24.32 16.48
N GLY C 208 35.31 -23.36 15.93
CA GLY C 208 35.53 -22.93 14.56
C GLY C 208 35.14 -23.96 13.51
N HIS C 209 33.99 -24.61 13.68
CA HIS C 209 33.52 -25.61 12.75
C HIS C 209 32.21 -25.16 12.11
N LEU C 210 32.03 -25.53 10.84
CA LEU C 210 30.84 -25.16 10.10
C LEU C 210 29.62 -25.87 10.67
N ILE C 211 28.75 -25.13 11.35
CA ILE C 211 27.58 -25.73 11.98
C ILE C 211 26.48 -25.95 10.96
N GLN C 212 26.19 -24.94 10.15
CA GLN C 212 25.09 -25.03 9.19
C GLN C 212 25.37 -24.08 8.02
N GLU C 213 25.01 -24.52 6.81
CA GLU C 213 25.12 -23.71 5.62
C GLU C 213 23.72 -23.47 5.05
N LEU C 214 23.44 -22.23 4.67
CA LEU C 214 22.13 -21.85 4.18
C LEU C 214 22.26 -21.10 2.86
N ARG C 215 21.24 -21.25 2.01
CA ARG C 215 21.20 -20.64 0.70
C ARG C 215 20.04 -19.65 0.64
N ARG C 216 20.30 -18.43 0.17
CA ARG C 216 19.27 -17.41 0.08
C ARG C 216 18.75 -17.19 -1.33
N GLY C 217 19.56 -17.46 -2.35
CA GLY C 217 19.12 -17.26 -3.72
C GLY C 217 20.25 -17.51 -4.68
N SER C 218 19.90 -17.49 -5.97
CA SER C 218 20.87 -17.70 -7.04
C SER C 218 21.55 -16.39 -7.45
N GLN C 219 20.75 -15.33 -7.62
CA GLN C 219 21.31 -14.04 -8.01
C GLN C 219 22.16 -13.46 -6.90
N ALA C 220 23.31 -12.91 -7.27
CA ALA C 220 24.20 -12.28 -6.29
C ALA C 220 23.50 -11.07 -5.67
N ALA C 221 23.56 -10.98 -4.35
CA ALA C 221 22.92 -9.90 -3.61
C ALA C 221 23.80 -9.49 -2.45
N ASN C 222 23.93 -8.18 -2.24
CA ASN C 222 24.74 -7.65 -1.15
C ASN C 222 23.96 -7.77 0.15
N ILE C 223 24.53 -8.51 1.11
CA ILE C 223 23.88 -8.72 2.40
C ILE C 223 24.15 -7.53 3.30
N TYR C 224 23.11 -7.10 4.03
CA TYR C 224 23.20 -5.95 4.93
C TYR C 224 23.28 -6.35 6.40
N CYS C 225 22.35 -7.16 6.87
CA CYS C 225 22.25 -7.49 8.29
C CYS C 225 21.90 -8.95 8.47
N ILE C 226 22.48 -9.56 9.51
CA ILE C 226 22.17 -10.92 9.92
C ILE C 226 22.00 -10.90 11.44
N ASN C 227 21.08 -11.73 11.95
CA ASN C 227 20.82 -11.74 13.38
C ASN C 227 20.11 -13.03 13.77
N PHE C 228 20.52 -13.60 14.90
CA PHE C 228 19.89 -14.79 15.45
C PHE C 228 18.72 -14.39 16.35
N ASN C 229 17.98 -15.40 16.82
CA ASN C 229 17.03 -15.22 17.89
C ASN C 229 17.69 -15.64 19.20
N GLN C 230 16.92 -15.69 20.29
CA GLN C 230 17.50 -15.98 21.59
C GLN C 230 18.08 -17.39 21.65
N ASP C 231 17.28 -18.39 21.27
CA ASP C 231 17.74 -19.78 21.33
C ASP C 231 18.63 -20.16 20.16
N ALA C 232 18.98 -19.21 19.28
CA ALA C 232 19.82 -19.47 18.11
C ALA C 232 19.24 -20.54 17.20
N SER C 233 17.91 -20.63 17.15
CA SER C 233 17.24 -21.58 16.29
C SER C 233 16.84 -20.99 14.94
N LEU C 234 16.59 -19.68 14.90
CA LEU C 234 16.22 -18.99 13.67
C LEU C 234 17.17 -17.82 13.43
N ILE C 235 17.42 -17.53 12.17
CA ILE C 235 18.19 -16.36 11.77
C ILE C 235 17.40 -15.58 10.74
N CYS C 236 17.66 -14.28 10.67
CA CYS C 236 17.05 -13.41 9.68
C CYS C 236 18.15 -12.66 8.95
N VAL C 237 18.01 -12.55 7.62
CA VAL C 237 19.04 -11.97 6.77
C VAL C 237 18.38 -10.97 5.84
N SER C 238 18.89 -9.73 5.84
CA SER C 238 18.37 -8.68 4.99
C SER C 238 19.19 -8.57 3.71
N SER C 239 18.52 -8.25 2.61
CA SER C 239 19.18 -8.20 1.31
C SER C 239 19.03 -6.84 0.65
N ASP C 240 19.08 -6.81 -0.69
CA ASP C 240 19.19 -5.57 -1.45
C ASP C 240 18.03 -4.61 -1.23
N HIS C 241 16.86 -4.92 -1.78
CA HIS C 241 15.73 -4.00 -1.76
C HIS C 241 14.78 -4.33 -0.61
N GLY C 242 15.28 -4.15 0.60
CA GLY C 242 14.49 -4.43 1.79
C GLY C 242 14.00 -5.85 1.90
N THR C 243 14.67 -6.79 1.23
CA THR C 243 14.28 -8.19 1.24
C THR C 243 14.90 -8.89 2.43
N VAL C 244 14.07 -9.58 3.21
CA VAL C 244 14.51 -10.29 4.41
C VAL C 244 14.12 -11.74 4.28
N HIS C 245 15.09 -12.64 4.49
CA HIS C 245 14.86 -14.07 4.50
C HIS C 245 14.99 -14.59 5.93
N ILE C 246 14.06 -15.44 6.34
CA ILE C 246 14.07 -16.03 7.68
C ILE C 246 14.35 -17.52 7.53
N PHE C 247 15.47 -17.98 8.08
CA PHE C 247 15.90 -19.37 7.98
C PHE C 247 15.72 -20.08 9.31
N ALA C 248 15.84 -21.41 9.24
CA ALA C 248 15.96 -22.25 10.43
C ALA C 248 17.41 -22.68 10.56
N ALA C 249 17.95 -22.58 11.79
CA ALA C 249 19.37 -22.76 12.00
C ALA C 249 19.75 -24.11 12.58
N GLU C 250 18.86 -24.77 13.31
CA GLU C 250 19.17 -26.02 13.99
C GLU C 250 18.62 -27.25 13.29
N ASP C 251 18.04 -27.09 12.11
CA ASP C 251 17.54 -28.22 11.33
C ASP C 251 18.29 -28.30 10.01
N PRO C 252 19.23 -29.22 9.85
CA PRO C 252 19.97 -29.32 8.59
C PRO C 252 19.10 -29.72 7.40
N LYS C 253 17.88 -30.18 7.64
CA LYS C 253 16.95 -30.50 6.57
C LYS C 253 16.39 -29.27 5.86
N SER C 254 16.86 -28.08 6.22
CA SER C 254 16.38 -26.84 5.62
C SER C 254 17.58 -26.05 5.12
N LYS C 255 17.68 -25.90 3.80
CA LYS C 255 18.74 -25.10 3.19
C LYS C 255 18.25 -23.74 2.74
N TRP C 256 16.94 -23.55 2.60
CA TRP C 256 16.34 -22.30 2.16
C TRP C 256 15.61 -21.63 3.31
N SER C 257 15.15 -20.41 3.05
CA SER C 257 14.39 -19.67 4.03
C SER C 257 12.93 -20.09 4.00
N PHE C 258 12.39 -20.44 5.16
CA PHE C 258 10.98 -20.82 5.23
C PHE C 258 10.04 -19.63 5.13
N SER C 259 10.57 -18.40 5.20
CA SER C 259 9.76 -17.20 5.05
C SER C 259 10.62 -16.12 4.40
N LYS C 260 9.96 -15.27 3.61
CA LYS C 260 10.64 -14.18 2.93
C LYS C 260 9.66 -13.05 2.70
N PHE C 261 10.05 -11.83 3.09
CA PHE C 261 9.20 -10.66 2.91
C PHE C 261 10.04 -9.51 2.40
N GLN C 262 9.35 -8.42 2.04
CA GLN C 262 9.98 -7.21 1.57
C GLN C 262 9.26 -6.02 2.17
N VAL C 263 10.02 -5.05 2.67
CA VAL C 263 9.44 -3.86 3.28
C VAL C 263 8.67 -3.10 2.21
N PRO C 264 7.60 -2.38 2.57
CA PRO C 264 6.76 -1.74 1.54
C PRO C 264 7.51 -0.75 0.66
N SER C 265 8.40 0.03 1.24
CA SER C 265 9.15 1.02 0.47
C SER C 265 10.32 0.42 -0.29
N GLY C 266 10.67 -0.83 -0.02
CA GLY C 266 11.81 -1.45 -0.66
C GLY C 266 13.16 -0.90 -0.24
N SER C 267 13.20 0.03 0.72
CA SER C 267 14.45 0.56 1.18
C SER C 267 15.22 -0.50 1.97
N PRO C 268 16.55 -0.53 1.87
CA PRO C 268 17.31 -1.52 2.64
C PRO C 268 17.12 -1.34 4.13
N CYS C 269 17.16 -2.46 4.85
CA CYS C 269 16.81 -2.46 6.26
C CYS C 269 17.75 -3.39 7.03
N ILE C 270 17.72 -3.24 8.35
CA ILE C 270 18.35 -4.18 9.26
C ILE C 270 17.26 -5.00 9.92
N CYS C 271 17.56 -6.26 10.22
CA CYS C 271 16.56 -7.18 10.74
C CYS C 271 16.98 -7.73 12.10
N ALA C 272 15.97 -8.00 12.93
CA ALA C 272 16.16 -8.64 14.23
C ALA C 272 14.82 -9.15 14.70
N PHE C 273 14.86 -10.22 15.49
CA PHE C 273 13.62 -10.82 15.99
C PHE C 273 13.06 -9.98 17.14
N GLY C 274 11.73 -9.96 17.22
CA GLY C 274 11.02 -9.13 18.17
C GLY C 274 10.69 -9.84 19.45
N THR C 275 9.72 -9.28 20.18
CA THR C 275 9.32 -9.85 21.46
C THR C 275 8.68 -11.22 21.28
N GLU C 276 7.68 -11.32 20.41
CA GLU C 276 7.05 -12.60 20.13
C GLU C 276 8.04 -13.51 19.40
N PRO C 277 7.96 -14.82 19.64
CA PRO C 277 8.91 -15.74 18.99
C PRO C 277 8.71 -15.87 17.49
N ASN C 278 7.60 -15.37 16.94
CA ASN C 278 7.34 -15.42 15.51
C ASN C 278 7.36 -14.03 14.88
N ALA C 279 8.07 -13.09 15.47
CA ALA C 279 8.12 -11.71 14.99
C ALA C 279 9.51 -11.37 14.49
N VAL C 280 9.57 -10.61 13.40
CA VAL C 280 10.81 -10.10 12.84
C VAL C 280 10.65 -8.61 12.61
N ILE C 281 11.58 -7.82 13.13
CA ILE C 281 11.49 -6.36 13.07
C ILE C 281 12.53 -5.86 12.07
N ALA C 282 12.14 -4.90 11.25
CA ALA C 282 12.98 -4.37 10.18
C ALA C 282 12.99 -2.85 10.26
N ILE C 283 14.17 -2.27 10.50
CA ILE C 283 14.35 -0.82 10.50
C ILE C 283 15.00 -0.45 9.18
N CYS C 284 14.31 0.35 8.37
CA CYS C 284 14.76 0.69 7.04
C CYS C 284 15.47 2.04 7.02
N ALA C 285 16.22 2.27 5.95
CA ALA C 285 17.03 3.48 5.85
C ALA C 285 16.18 4.72 5.65
N ASP C 286 15.01 4.58 5.03
CA ASP C 286 14.12 5.71 4.79
C ASP C 286 13.28 6.08 6.01
N GLY C 287 13.65 5.62 7.19
CA GLY C 287 12.88 5.91 8.38
C GLY C 287 11.65 5.06 8.56
N SER C 288 11.60 3.89 7.95
CA SER C 288 10.45 3.00 8.02
C SER C 288 10.65 1.94 9.10
N TYR C 289 9.53 1.56 9.72
CA TYR C 289 9.51 0.52 10.73
C TYR C 289 8.52 -0.55 10.28
N TYR C 290 8.98 -1.80 10.21
CA TYR C 290 8.17 -2.90 9.69
C TYR C 290 8.25 -4.07 10.67
N LYS C 291 7.08 -4.61 11.02
CA LYS C 291 6.99 -5.77 11.91
C LYS C 291 6.26 -6.88 11.19
N PHE C 292 6.88 -8.06 11.14
CA PHE C 292 6.41 -9.19 10.36
C PHE C 292 6.15 -10.37 11.29
N LEU C 293 4.93 -10.89 11.27
CA LEU C 293 4.54 -12.05 12.05
C LEU C 293 4.27 -13.22 11.11
N PHE C 294 4.93 -14.35 11.36
CA PHE C 294 4.84 -15.50 10.47
C PHE C 294 4.29 -16.71 11.22
N ASN C 295 3.72 -17.62 10.44
CA ASN C 295 3.28 -18.93 10.92
C ASN C 295 4.38 -19.96 10.71
N PRO C 296 4.25 -21.15 11.31
CA PRO C 296 5.29 -22.17 11.12
C PRO C 296 5.62 -22.49 9.67
N LYS C 297 4.66 -22.33 8.76
CA LYS C 297 4.93 -22.54 7.34
C LYS C 297 5.58 -21.34 6.68
N GLY C 298 5.70 -20.21 7.39
CA GLY C 298 6.37 -19.04 6.86
C GLY C 298 5.48 -18.04 6.17
N GLU C 299 4.19 -18.02 6.47
CA GLU C 299 3.25 -17.10 5.86
C GLU C 299 2.94 -15.96 6.82
N CYS C 300 2.73 -14.77 6.25
CA CYS C 300 2.45 -13.59 7.07
C CYS C 300 1.06 -13.69 7.69
N ILE C 301 0.99 -13.52 9.01
CA ILE C 301 -0.27 -13.51 9.72
C ILE C 301 -0.64 -12.12 10.23
N ARG C 302 0.33 -11.24 10.44
CA ARG C 302 0.07 -9.87 10.88
C ARG C 302 1.22 -8.99 10.45
N ASP C 303 0.90 -7.77 10.03
CA ASP C 303 1.88 -6.89 9.43
C ASP C 303 1.65 -5.49 9.98
N VAL C 304 2.71 -4.89 10.53
CA VAL C 304 2.66 -3.55 11.11
C VAL C 304 3.70 -2.67 10.42
N TYR C 305 3.29 -1.48 9.99
CA TYR C 305 4.17 -0.54 9.33
C TYR C 305 3.97 0.85 9.91
N ALA C 306 5.08 1.57 10.10
CA ALA C 306 5.03 2.93 10.64
C ALA C 306 6.32 3.65 10.29
N GLN C 307 6.34 4.95 10.58
CA GLN C 307 7.50 5.81 10.37
C GLN C 307 8.01 6.23 11.75
N PHE C 308 9.10 5.62 12.19
CA PHE C 308 9.55 5.86 13.57
C PHE C 308 10.13 7.25 13.74
N LEU C 309 10.63 7.86 12.66
CA LEU C 309 11.12 9.23 12.76
C LEU C 309 9.99 10.23 12.97
N GLU C 310 8.74 9.83 12.69
CA GLU C 310 7.61 10.72 12.88
C GLU C 310 6.79 10.30 14.10
N MET C 311 7.46 10.06 15.22
CA MET C 311 6.79 9.64 16.45
C MET C 311 7.15 10.56 17.61
N GLY D 8 23.15 10.81 -6.86
CA GLY D 8 23.89 12.06 -6.77
C GLY D 8 23.00 13.28 -6.61
N LEU D 9 21.69 13.06 -6.66
CA LEU D 9 20.73 14.15 -6.54
C LEU D 9 20.73 14.68 -5.10
N LEU D 10 20.87 16.00 -4.97
CA LEU D 10 20.87 16.65 -3.67
C LEU D 10 19.82 17.74 -3.52
N TYR D 11 19.27 18.26 -4.62
CA TYR D 11 18.25 19.29 -4.56
C TYR D 11 17.51 19.31 -5.89
N ALA D 12 16.24 19.71 -5.84
CA ALA D 12 15.42 19.83 -7.04
C ALA D 12 14.34 20.87 -6.77
N GLY D 13 14.25 21.86 -7.65
CA GLY D 13 13.26 22.91 -7.48
C GLY D 13 12.81 23.46 -8.81
N PHE D 14 11.57 23.93 -8.85
CA PHE D 14 11.02 24.57 -10.03
C PHE D 14 11.51 26.01 -10.11
N ASN D 15 11.42 26.58 -11.31
CA ASN D 15 11.75 28.00 -11.48
C ASN D 15 10.56 28.85 -11.07
N GLN D 16 10.42 30.03 -11.68
CA GLN D 16 9.36 30.95 -11.27
C GLN D 16 8.06 30.74 -12.02
N ASP D 17 8.12 30.25 -13.26
CA ASP D 17 6.92 29.95 -14.03
C ASP D 17 6.61 28.46 -14.08
N HIS D 18 7.35 27.65 -13.32
CA HIS D 18 7.20 26.19 -13.25
C HIS D 18 7.42 25.51 -14.59
N GLY D 19 7.90 26.23 -15.60
CA GLY D 19 8.21 25.62 -16.88
C GLY D 19 9.53 24.87 -16.91
N CYS D 20 10.46 25.24 -16.03
CA CYS D 20 11.74 24.56 -15.92
C CYS D 20 11.98 24.16 -14.47
N PHE D 21 12.86 23.19 -14.27
CA PHE D 21 13.28 22.80 -12.94
C PHE D 21 14.75 22.40 -12.97
N ALA D 22 15.47 22.73 -11.91
CA ALA D 22 16.89 22.47 -11.80
C ALA D 22 17.15 21.40 -10.76
N CYS D 23 18.32 20.75 -10.88
CA CYS D 23 18.72 19.68 -9.98
C CYS D 23 20.16 19.89 -9.56
N GLY D 24 20.40 19.96 -8.25
CA GLY D 24 21.75 20.06 -7.72
C GLY D 24 22.33 18.67 -7.48
N MET D 25 23.52 18.44 -8.02
CA MET D 25 24.19 17.16 -7.93
C MET D 25 25.52 17.31 -7.19
N GLU D 26 26.19 16.18 -6.98
CA GLU D 26 27.52 16.19 -6.38
C GLU D 26 28.60 16.56 -7.39
N ASN D 27 28.36 16.35 -8.69
CA ASN D 27 29.30 16.71 -9.73
C ASN D 27 29.02 18.07 -10.35
N GLY D 28 27.82 18.62 -10.16
CA GLY D 28 27.46 19.90 -10.72
C GLY D 28 25.97 20.17 -10.59
N PHE D 29 25.35 20.68 -11.65
CA PHE D 29 23.92 20.92 -11.66
C PHE D 29 23.35 20.60 -13.02
N ARG D 30 22.03 20.39 -13.06
CA ARG D 30 21.30 20.07 -14.28
C ARG D 30 20.05 20.93 -14.35
N VAL D 31 19.77 21.44 -15.56
CA VAL D 31 18.59 22.26 -15.80
C VAL D 31 17.71 21.54 -16.81
N TYR D 32 16.45 21.32 -16.45
CA TYR D 32 15.50 20.62 -17.30
C TYR D 32 14.31 21.52 -17.62
N ASN D 33 13.66 21.22 -18.74
CA ASN D 33 12.36 21.77 -19.06
C ASN D 33 11.30 20.83 -18.47
N THR D 34 10.40 21.40 -17.67
CA THR D 34 9.42 20.59 -16.93
C THR D 34 8.56 19.76 -17.88
N ASP D 35 7.76 20.41 -18.70
CA ASP D 35 6.86 19.70 -19.60
C ASP D 35 6.81 20.40 -20.95
N PRO D 36 7.19 19.73 -22.05
CA PRO D 36 7.75 18.37 -22.14
C PRO D 36 9.11 18.23 -21.45
N LEU D 37 9.41 17.05 -20.90
CA LEU D 37 10.66 16.86 -20.17
C LEU D 37 11.83 16.80 -21.14
N LYS D 38 12.78 17.71 -20.98
CA LYS D 38 13.97 17.75 -21.83
C LYS D 38 15.13 18.32 -21.04
N GLU D 39 16.28 17.66 -21.12
CA GLU D 39 17.48 18.12 -20.44
C GLU D 39 18.08 19.29 -21.22
N LYS D 40 18.14 20.46 -20.59
CA LYS D 40 18.63 21.67 -21.25
C LYS D 40 20.12 21.87 -21.05
N GLU D 41 20.63 21.62 -19.84
CA GLU D 41 22.03 21.81 -19.55
C GLU D 41 22.47 20.84 -18.46
N LYS D 42 23.75 20.48 -18.49
CA LYS D 42 24.33 19.63 -17.45
C LYS D 42 25.78 20.08 -17.27
N GLN D 43 26.07 20.66 -16.11
CA GLN D 43 27.39 21.20 -15.83
C GLN D 43 28.16 20.27 -14.90
N GLU D 44 29.44 20.08 -15.19
CA GLU D 44 30.32 19.29 -14.34
C GLU D 44 31.19 20.22 -13.50
N PHE D 45 30.53 20.86 -12.53
CA PHE D 45 31.23 21.82 -11.68
C PHE D 45 32.35 21.15 -10.88
N LEU D 46 32.04 20.02 -10.25
CA LEU D 46 33.02 19.23 -9.50
C LEU D 46 33.71 20.06 -8.41
N GLU D 47 33.04 21.09 -7.93
CA GLU D 47 33.56 21.94 -6.85
C GLU D 47 32.71 21.66 -5.61
N GLY D 48 33.10 20.63 -4.86
CA GLY D 48 32.35 20.21 -3.69
C GLY D 48 31.02 19.58 -4.05
N GLY D 49 29.99 20.41 -4.22
CA GLY D 49 28.68 19.93 -4.56
C GLY D 49 27.64 21.02 -4.55
N VAL D 50 26.54 20.84 -5.28
CA VAL D 50 25.47 21.83 -5.36
C VAL D 50 24.31 21.35 -4.49
N GLY D 51 23.93 22.16 -3.51
CA GLY D 51 22.85 21.80 -2.61
C GLY D 51 21.63 22.66 -2.76
N HIS D 52 21.68 23.65 -3.64
CA HIS D 52 20.55 24.54 -3.88
C HIS D 52 20.77 25.28 -5.19
N VAL D 53 19.80 25.18 -6.09
CA VAL D 53 19.86 25.85 -7.39
C VAL D 53 18.67 26.79 -7.49
N GLU D 54 18.95 28.06 -7.78
CA GLU D 54 17.91 29.05 -8.00
C GLU D 54 18.03 29.59 -9.42
N MET D 55 16.92 29.58 -10.15
CA MET D 55 16.88 30.08 -11.51
C MET D 55 16.09 31.39 -11.55
N LEU D 56 16.40 32.22 -12.55
CA LEU D 56 15.67 33.46 -12.79
C LEU D 56 15.00 33.30 -14.15
N PHE D 57 13.84 32.63 -14.15
CA PHE D 57 13.11 32.26 -15.37
C PHE D 57 14.07 31.42 -16.22
N ARG D 58 14.19 31.68 -17.51
CA ARG D 58 15.09 30.93 -18.37
C ARG D 58 16.36 31.70 -18.71
N CYS D 59 16.74 32.66 -17.87
CA CYS D 59 17.91 33.48 -18.13
C CYS D 59 19.18 32.70 -17.81
N ASN D 60 20.33 33.37 -17.89
CA ASN D 60 21.62 32.70 -17.79
C ASN D 60 22.18 32.65 -16.38
N TYR D 61 21.65 33.44 -15.44
CA TYR D 61 22.19 33.50 -14.09
C TYR D 61 21.50 32.46 -13.20
N LEU D 62 22.31 31.69 -12.48
CA LEU D 62 21.82 30.69 -11.55
C LEU D 62 22.52 30.89 -10.21
N ALA D 63 21.75 30.94 -9.13
CA ALA D 63 22.32 31.01 -7.79
C ALA D 63 22.62 29.60 -7.30
N LEU D 64 23.84 29.40 -6.78
CA LEU D 64 24.29 28.09 -6.37
C LEU D 64 24.79 28.14 -4.93
N VAL D 65 24.51 27.08 -4.18
CA VAL D 65 24.98 26.92 -2.81
C VAL D 65 26.02 25.80 -2.82
N GLY D 66 27.25 26.16 -2.45
CA GLY D 66 28.37 25.22 -2.55
C GLY D 66 28.23 24.03 -1.61
N GLY D 67 29.18 23.12 -1.75
CA GLY D 67 29.18 21.93 -0.91
C GLY D 67 29.36 22.26 0.56
N GLY D 68 30.19 23.26 0.87
CA GLY D 68 30.34 23.72 2.23
C GLY D 68 29.13 24.40 2.80
N LYS D 69 28.16 24.75 1.96
CA LYS D 69 26.90 25.38 2.37
C LYS D 69 27.11 26.72 3.06
N LYS D 70 28.31 27.31 2.90
CA LYS D 70 28.62 28.60 3.51
C LYS D 70 28.94 29.67 2.48
N LYS D 71 28.81 29.37 1.19
CA LYS D 71 29.14 30.31 0.12
C LYS D 71 28.02 30.33 -0.90
N VAL D 72 27.59 31.54 -1.27
CA VAL D 72 26.58 31.74 -2.30
C VAL D 72 27.29 32.22 -3.56
N MET D 73 27.07 31.52 -4.69
CA MET D 73 27.78 31.80 -5.93
C MET D 73 26.76 32.00 -7.05
N ILE D 74 26.82 33.15 -7.71
CA ILE D 74 26.02 33.41 -8.90
C ILE D 74 26.79 32.91 -10.11
N TRP D 75 26.16 32.05 -10.91
CA TRP D 75 26.82 31.37 -12.02
C TRP D 75 26.22 31.85 -13.33
N ASP D 76 27.06 32.39 -14.19
CA ASP D 76 26.66 32.84 -15.53
C ASP D 76 26.87 31.70 -16.49
N ASP D 77 25.79 31.00 -16.83
CA ASP D 77 25.90 29.85 -17.73
C ASP D 77 26.27 30.29 -19.15
N LEU D 78 25.93 31.51 -19.55
CA LEU D 78 26.37 32.01 -20.84
C LEU D 78 27.88 32.20 -20.87
N LYS D 79 28.45 32.78 -19.82
CA LYS D 79 29.89 32.96 -19.71
C LYS D 79 30.59 31.74 -19.13
N LYS D 80 29.84 30.77 -18.62
CA LYS D 80 30.39 29.53 -18.05
C LYS D 80 31.44 29.84 -16.98
N LYS D 81 31.08 30.76 -16.07
CA LYS D 81 31.97 31.18 -15.01
C LYS D 81 31.15 31.75 -13.87
N THR D 82 31.77 31.85 -12.70
CA THR D 82 31.14 32.45 -11.53
C THR D 82 31.42 33.94 -11.52
N VAL D 83 30.37 34.73 -11.29
CA VAL D 83 30.47 36.18 -11.35
C VAL D 83 30.38 36.83 -9.97
N ILE D 84 29.65 36.26 -9.02
CA ILE D 84 29.49 36.80 -7.69
C ILE D 84 29.69 35.69 -6.67
N GLU D 85 30.36 35.99 -5.56
CA GLU D 85 30.54 35.05 -4.47
C GLU D 85 30.42 35.79 -3.16
N ILE D 86 29.45 35.40 -2.34
CA ILE D 86 29.22 35.98 -1.02
C ILE D 86 29.40 34.88 0.02
N GLU D 87 30.16 35.17 1.07
CA GLU D 87 30.39 34.24 2.16
C GLU D 87 29.71 34.73 3.43
N PHE D 88 29.28 33.79 4.27
CA PHE D 88 28.59 34.09 5.50
C PHE D 88 29.16 33.25 6.64
N SER D 89 28.93 33.71 7.86
CA SER D 89 29.43 33.00 9.03
C SER D 89 28.62 31.76 9.33
N THR D 90 27.31 31.79 9.07
CA THR D 90 26.44 30.65 9.28
C THR D 90 26.24 29.92 7.94
N GLU D 91 25.43 28.86 7.98
CA GLU D 91 25.13 28.07 6.80
C GLU D 91 23.93 28.65 6.06
N VAL D 92 24.05 28.78 4.75
CA VAL D 92 22.94 29.23 3.92
C VAL D 92 22.04 28.05 3.59
N LYS D 93 20.73 28.28 3.66
CA LYS D 93 19.74 27.24 3.42
C LYS D 93 19.00 27.41 2.09
N ALA D 94 18.73 28.63 1.67
CA ALA D 94 18.06 28.88 0.41
C ALA D 94 18.47 30.26 -0.11
N VAL D 95 18.42 30.41 -1.43
CA VAL D 95 18.73 31.66 -2.10
C VAL D 95 17.65 31.91 -3.14
N LYS D 96 17.08 33.12 -3.13
CA LYS D 96 16.06 33.51 -4.09
C LYS D 96 16.58 34.68 -4.91
N LEU D 97 16.26 34.68 -6.21
CA LEU D 97 16.83 35.62 -7.15
C LEU D 97 15.76 36.54 -7.73
N ARG D 98 16.19 37.75 -8.09
CA ARG D 98 15.36 38.73 -8.76
C ARG D 98 16.30 39.63 -9.55
N ARG D 99 15.78 40.23 -10.63
CA ARG D 99 16.62 41.01 -11.55
C ARG D 99 17.40 42.11 -10.83
N ASP D 100 16.88 42.63 -9.71
CA ASP D 100 17.56 43.70 -9.00
C ASP D 100 17.96 43.33 -7.58
N ARG D 101 17.59 42.15 -7.07
CA ARG D 101 17.86 41.78 -5.69
C ARG D 101 18.34 40.34 -5.60
N ILE D 102 19.17 40.07 -4.60
CA ILE D 102 19.64 38.73 -4.28
C ILE D 102 19.29 38.46 -2.83
N VAL D 103 18.37 37.54 -2.61
CA VAL D 103 17.87 37.22 -1.28
C VAL D 103 18.56 35.96 -0.77
N VAL D 104 19.19 36.05 0.40
CA VAL D 104 19.90 34.95 1.03
C VAL D 104 19.17 34.60 2.32
N VAL D 105 18.91 33.31 2.53
CA VAL D 105 18.16 32.83 3.69
C VAL D 105 19.12 32.08 4.60
N LEU D 106 19.09 32.42 5.89
CA LEU D 106 19.93 31.78 6.89
C LEU D 106 19.04 31.09 7.94
N ASP D 107 19.67 30.56 8.99
CA ASP D 107 18.94 29.82 9.99
C ASP D 107 18.00 30.71 10.80
N SER D 108 18.35 31.99 10.95
CA SER D 108 17.53 32.87 11.78
C SER D 108 17.35 34.26 11.18
N MET D 109 17.78 34.50 9.94
CA MET D 109 17.66 35.81 9.33
C MET D 109 17.70 35.66 7.82
N ILE D 110 17.38 36.76 7.14
CA ILE D 110 17.37 36.82 5.67
C ILE D 110 18.02 38.12 5.25
N LYS D 111 19.05 38.03 4.43
CA LYS D 111 19.80 39.20 3.97
C LYS D 111 19.53 39.45 2.49
N VAL D 112 19.19 40.68 2.15
CA VAL D 112 18.89 41.08 0.78
C VAL D 112 20.07 41.88 0.26
N PHE D 113 20.68 41.41 -0.82
CA PHE D 113 21.84 42.05 -1.43
C PHE D 113 21.47 42.62 -2.80
N THR D 114 22.40 43.39 -3.36
CA THR D 114 22.27 43.93 -4.70
C THR D 114 22.78 42.93 -5.73
N PHE D 115 22.33 43.09 -6.97
CA PHE D 115 22.76 42.23 -8.07
C PHE D 115 23.89 42.88 -8.86
N THR D 116 24.94 43.30 -8.16
CA THR D 116 26.12 43.89 -8.78
C THR D 116 27.33 43.00 -8.53
N HIS D 117 28.44 43.36 -9.17
CA HIS D 117 29.68 42.59 -9.01
C HIS D 117 30.10 42.53 -7.55
N ASN D 118 30.19 43.69 -6.90
CA ASN D 118 30.45 43.75 -5.47
C ASN D 118 29.13 44.01 -4.76
N PRO D 119 28.48 42.99 -4.19
CA PRO D 119 27.14 43.19 -3.62
C PRO D 119 27.16 44.08 -2.39
N HIS D 120 26.02 44.72 -2.13
CA HIS D 120 25.85 45.60 -0.99
C HIS D 120 24.63 45.14 -0.20
N GLN D 121 24.83 44.87 1.09
CA GLN D 121 23.74 44.43 1.94
C GLN D 121 22.74 45.58 2.12
N LEU D 122 21.54 45.41 1.58
CA LEU D 122 20.50 46.43 1.66
C LEU D 122 19.65 46.29 2.91
N HIS D 123 19.09 45.10 3.13
CA HIS D 123 18.21 44.86 4.27
C HIS D 123 18.59 43.54 4.95
N VAL D 124 18.20 43.43 6.21
CA VAL D 124 18.33 42.20 6.99
C VAL D 124 17.05 42.02 7.80
N PHE D 125 16.30 40.96 7.51
CA PHE D 125 15.07 40.66 8.22
C PHE D 125 15.29 39.42 9.09
N GLU D 126 14.98 39.54 10.37
CA GLU D 126 15.13 38.42 11.29
C GLU D 126 13.93 37.49 11.18
N THR D 127 14.19 36.19 11.23
CA THR D 127 13.17 35.17 11.14
C THR D 127 13.28 34.23 12.33
N CYS D 128 12.32 33.32 12.44
CA CYS D 128 12.43 32.23 13.39
C CYS D 128 13.46 31.22 12.87
N TYR D 129 13.60 30.11 13.59
CA TYR D 129 14.49 29.06 13.12
C TYR D 129 13.94 28.47 11.83
N ASN D 130 14.63 28.72 10.71
CA ASN D 130 14.17 28.34 9.39
C ASN D 130 15.19 27.40 8.74
N PRO D 131 15.24 26.14 9.17
CA PRO D 131 16.18 25.20 8.55
C PRO D 131 15.75 24.74 7.17
N LYS D 132 14.46 24.79 6.86
CA LYS D 132 13.97 24.40 5.54
C LYS D 132 14.27 25.43 4.47
N GLY D 133 14.74 26.62 4.85
CA GLY D 133 14.97 27.67 3.87
C GLY D 133 13.70 28.27 3.30
N LEU D 134 12.63 28.31 4.10
CA LEU D 134 11.35 28.81 3.63
C LEU D 134 11.46 30.29 3.28
N CYS D 135 11.14 30.63 2.04
CA CYS D 135 11.17 32.01 1.55
C CYS D 135 10.62 32.02 0.13
N VAL D 136 9.85 33.05 -0.18
CA VAL D 136 9.34 33.26 -1.54
C VAL D 136 9.57 34.72 -1.91
N LEU D 137 9.91 34.95 -3.17
CA LEU D 137 10.22 36.28 -3.68
C LEU D 137 9.60 36.43 -5.06
N CYS D 138 8.67 37.37 -5.20
CA CYS D 138 8.02 37.60 -6.49
C CYS D 138 9.01 38.16 -7.49
N PRO D 139 9.23 37.49 -8.63
CA PRO D 139 10.17 38.02 -9.63
C PRO D 139 9.56 39.05 -10.57
N ASN D 140 8.25 39.30 -10.48
CA ASN D 140 7.59 40.20 -11.40
C ASN D 140 8.14 41.61 -11.27
N SER D 141 8.13 42.33 -12.40
CA SER D 141 8.70 43.68 -12.42
C SER D 141 7.85 44.66 -11.62
N ASN D 142 6.53 44.45 -11.57
CA ASN D 142 5.63 45.34 -10.86
C ASN D 142 5.36 44.91 -9.43
N ASN D 143 5.93 43.79 -8.97
CA ASN D 143 5.68 43.28 -7.63
C ASN D 143 7.00 42.75 -7.08
N SER D 144 7.60 43.49 -6.17
CA SER D 144 8.83 43.09 -5.49
C SER D 144 8.54 42.56 -4.09
N LEU D 145 7.63 41.60 -4.00
CA LEU D 145 7.17 41.10 -2.70
C LEU D 145 8.12 40.04 -2.15
N LEU D 146 8.40 40.13 -0.86
CA LEU D 146 9.22 39.14 -0.16
C LEU D 146 8.45 38.64 1.05
N ALA D 147 8.20 37.33 1.10
CA ALA D 147 7.49 36.70 2.20
C ALA D 147 8.39 35.64 2.82
N PHE D 148 8.42 35.62 4.15
CA PHE D 148 9.29 34.73 4.90
C PHE D 148 8.63 34.42 6.23
N PRO D 149 8.97 33.28 6.85
CA PRO D 149 8.44 32.98 8.19
C PRO D 149 8.94 33.96 9.23
N GLY D 150 8.03 34.78 9.78
CA GLY D 150 8.41 35.73 10.79
C GLY D 150 8.85 35.07 12.08
N THR D 151 9.36 35.89 12.99
CA THR D 151 9.80 35.38 14.29
C THR D 151 8.64 34.84 15.12
N HIS D 152 7.42 35.27 14.84
CA HIS D 152 6.23 34.69 15.44
C HIS D 152 5.97 33.36 14.74
N THR D 153 6.20 32.25 15.45
CA THR D 153 6.13 30.92 14.86
C THR D 153 4.77 30.68 14.22
N GLY D 154 4.80 30.31 12.94
CA GLY D 154 3.60 30.07 12.17
C GLY D 154 3.14 31.25 11.34
N HIS D 155 3.52 32.47 11.73
CA HIS D 155 3.13 33.66 10.99
C HIS D 155 4.07 33.89 9.81
N VAL D 156 3.55 34.59 8.80
CA VAL D 156 4.30 34.96 7.61
C VAL D 156 4.38 36.48 7.55
N GLN D 157 5.57 37.00 7.29
CA GLN D 157 5.80 38.43 7.21
C GLN D 157 6.00 38.84 5.76
N LEU D 158 5.23 39.83 5.32
CA LEU D 158 5.27 40.31 3.94
C LEU D 158 6.02 41.64 3.89
N VAL D 159 6.96 41.75 2.95
CA VAL D 159 7.75 42.96 2.77
C VAL D 159 7.77 43.31 1.29
N ASP D 160 7.58 44.60 1.00
CA ASP D 160 7.71 45.12 -0.36
C ASP D 160 9.14 45.61 -0.55
N LEU D 161 9.94 44.83 -1.29
CA LEU D 161 11.34 45.20 -1.50
C LEU D 161 11.49 46.49 -2.31
N ALA D 162 10.44 46.93 -3.01
CA ALA D 162 10.49 48.22 -3.68
C ALA D 162 10.16 49.35 -2.71
N SER D 163 9.03 49.25 -2.02
CA SER D 163 8.64 50.23 -1.01
C SER D 163 8.89 49.65 0.38
N THR D 164 10.17 49.58 0.72
CA THR D 164 10.58 49.02 2.01
C THR D 164 10.26 49.93 3.19
N GLU D 165 9.75 51.14 2.94
CA GLU D 165 9.51 52.07 4.03
C GLU D 165 8.20 51.77 4.76
N LYS D 166 7.14 51.48 4.02
CA LYS D 166 5.84 51.25 4.65
C LYS D 166 5.89 50.00 5.52
N PRO D 167 5.07 49.94 6.56
CA PRO D 167 5.16 48.84 7.53
C PRO D 167 4.87 47.50 6.88
N PRO D 168 5.57 46.46 7.29
CA PRO D 168 5.31 45.12 6.73
C PRO D 168 3.96 44.58 7.19
N VAL D 169 3.60 43.43 6.62
CA VAL D 169 2.32 42.79 6.89
C VAL D 169 2.59 41.45 7.57
N ASP D 170 2.10 41.29 8.80
CA ASP D 170 2.24 40.05 9.55
C ASP D 170 0.94 39.27 9.45
N ILE D 171 0.96 38.17 8.71
CA ILE D 171 -0.23 37.34 8.51
C ILE D 171 -0.26 36.28 9.61
N PRO D 172 -1.30 36.24 10.44
CA PRO D 172 -1.44 35.15 11.43
C PRO D 172 -1.90 33.85 10.79
N ALA D 173 -1.01 33.23 10.03
CA ALA D 173 -1.33 32.02 9.29
C ALA D 173 -1.57 30.83 10.22
N HIS D 174 -0.51 30.36 10.88
CA HIS D 174 -0.59 29.23 11.79
C HIS D 174 0.12 29.58 13.09
N GLU D 175 0.11 28.63 14.03
CA GLU D 175 0.82 28.79 15.29
C GLU D 175 1.88 27.72 15.52
N GLY D 176 1.95 26.70 14.68
CA GLY D 176 3.06 25.78 14.68
C GLY D 176 4.10 26.15 13.64
N VAL D 177 5.25 25.49 13.73
CA VAL D 177 6.35 25.78 12.81
C VAL D 177 5.88 25.54 11.38
N LEU D 178 6.13 26.52 10.51
CA LEU D 178 5.70 26.41 9.12
C LEU D 178 6.49 25.31 8.41
N SER D 179 5.81 24.63 7.49
CA SER D 179 6.42 23.58 6.69
C SER D 179 6.56 23.93 5.22
N CYS D 180 5.69 24.81 4.70
CA CYS D 180 5.70 25.14 3.29
C CYS D 180 5.03 26.49 3.07
N ILE D 181 5.62 27.30 2.20
CA ILE D 181 5.05 28.56 1.75
C ILE D 181 5.15 28.62 0.24
N ALA D 182 4.07 29.05 -0.41
CA ALA D 182 4.02 29.11 -1.86
C ALA D 182 3.37 30.42 -2.30
N LEU D 183 3.83 30.96 -3.42
CA LEU D 183 3.30 32.19 -3.99
C LEU D 183 2.76 31.91 -5.38
N ASN D 184 1.63 32.54 -5.71
CA ASN D 184 1.08 32.39 -7.04
C ASN D 184 1.93 33.17 -8.05
N LEU D 185 1.70 32.88 -9.34
CA LEU D 185 2.51 33.49 -10.39
C LEU D 185 2.32 35.00 -10.43
N GLN D 186 1.11 35.49 -10.13
CA GLN D 186 0.85 36.92 -10.12
C GLN D 186 1.42 37.61 -8.88
N GLY D 187 1.82 36.87 -7.87
CA GLY D 187 2.32 37.47 -6.65
C GLY D 187 1.25 38.07 -5.76
N THR D 188 -0.02 37.73 -6.01
CA THR D 188 -1.13 38.30 -5.26
C THR D 188 -1.67 37.39 -4.17
N ARG D 189 -1.35 36.09 -4.20
CA ARG D 189 -1.90 35.14 -3.25
C ARG D 189 -0.79 34.23 -2.74
N ILE D 190 -0.81 33.97 -1.44
CA ILE D 190 0.21 33.15 -0.78
C ILE D 190 -0.47 32.01 -0.05
N ALA D 191 0.16 30.84 -0.07
CA ALA D 191 -0.37 29.65 0.58
C ALA D 191 0.56 29.21 1.70
N THR D 192 -0.01 28.77 2.82
CA THR D 192 0.77 28.40 3.99
C THR D 192 0.32 27.05 4.52
N ALA D 193 1.19 26.43 5.31
CA ALA D 193 0.91 25.14 5.94
C ALA D 193 1.90 24.87 7.07
N SER D 194 1.40 24.51 8.25
CA SER D 194 2.27 24.20 9.38
C SER D 194 2.62 22.72 9.39
N GLU D 195 3.68 22.39 10.14
CA GLU D 195 4.13 21.01 10.18
C GLU D 195 3.23 20.13 11.05
N LYS D 196 2.62 20.69 12.09
CA LYS D 196 1.72 19.95 12.96
C LYS D 196 0.25 20.17 12.64
N GLY D 197 -0.07 21.20 11.86
CA GLY D 197 -1.45 21.53 11.59
C GLY D 197 -2.11 20.58 10.62
N THR D 198 -3.42 20.78 10.47
CA THR D 198 -4.23 19.97 9.56
C THR D 198 -4.87 20.81 8.46
N LEU D 199 -4.60 22.11 8.41
CA LEU D 199 -5.27 23.01 7.48
C LEU D 199 -4.25 23.68 6.57
N ILE D 200 -4.65 23.91 5.33
CA ILE D 200 -3.88 24.71 4.37
C ILE D 200 -4.65 25.98 4.08
N ARG D 201 -3.98 27.12 4.19
CA ARG D 201 -4.63 28.41 4.07
C ARG D 201 -3.95 29.26 3.00
N ILE D 202 -4.77 29.98 2.23
CA ILE D 202 -4.29 30.89 1.20
C ILE D 202 -4.75 32.29 1.57
N PHE D 203 -3.84 33.25 1.51
CA PHE D 203 -4.12 34.63 1.88
C PHE D 203 -3.87 35.56 0.70
N ASP D 204 -4.37 36.78 0.83
CA ASP D 204 -4.08 37.84 -0.12
C ASP D 204 -2.85 38.59 0.36
N THR D 205 -1.87 38.75 -0.54
CA THR D 205 -0.58 39.32 -0.15
C THR D 205 -0.63 40.83 0.04
N SER D 206 -1.66 41.51 -0.46
CA SER D 206 -1.79 42.95 -0.30
C SER D 206 -2.74 43.35 0.81
N SER D 207 -3.35 42.38 1.50
CA SER D 207 -4.26 42.67 2.60
C SER D 207 -4.13 41.73 3.78
N GLY D 208 -3.50 40.56 3.63
CA GLY D 208 -3.39 39.62 4.73
C GLY D 208 -4.71 38.98 5.14
N HIS D 209 -5.64 38.84 4.19
CA HIS D 209 -6.96 38.28 4.48
C HIS D 209 -7.07 36.87 3.91
N LEU D 210 -7.76 36.00 4.65
CA LEU D 210 -7.93 34.62 4.23
C LEU D 210 -8.88 34.55 3.03
N ILE D 211 -8.36 34.08 1.90
CA ILE D 211 -9.20 33.91 0.73
C ILE D 211 -9.85 32.53 0.69
N GLN D 212 -9.16 31.51 1.21
CA GLN D 212 -9.71 30.16 1.19
C GLN D 212 -8.96 29.31 2.21
N GLU D 213 -9.71 28.51 2.97
CA GLU D 213 -9.16 27.58 3.94
C GLU D 213 -9.44 26.16 3.48
N LEU D 214 -8.38 25.34 3.39
CA LEU D 214 -8.48 23.98 2.94
C LEU D 214 -7.93 23.03 3.99
N ARG D 215 -8.37 21.78 3.93
CA ARG D 215 -8.00 20.76 4.89
C ARG D 215 -7.18 19.68 4.21
N ARG D 216 -6.06 19.31 4.82
CA ARG D 216 -5.23 18.26 4.28
C ARG D 216 -5.77 16.88 4.67
N GLY D 217 -5.27 15.85 3.99
CA GLY D 217 -5.76 14.51 4.23
C GLY D 217 -5.42 14.01 5.62
N SER D 218 -6.26 13.10 6.13
CA SER D 218 -6.03 12.56 7.45
C SER D 218 -4.81 11.65 7.48
N GLN D 219 -4.70 10.74 6.52
CA GLN D 219 -3.55 9.84 6.48
C GLN D 219 -2.27 10.60 6.12
N ALA D 220 -2.40 11.67 5.33
CA ALA D 220 -1.25 12.51 5.03
C ALA D 220 -0.75 13.20 6.30
N ALA D 221 0.45 13.77 6.21
CA ALA D 221 1.05 14.42 7.37
C ALA D 221 1.96 15.57 6.94
N ASN D 222 3.22 15.26 6.62
CA ASN D 222 4.19 16.28 6.26
C ASN D 222 3.91 16.82 4.87
N ILE D 223 3.87 18.15 4.74
CA ILE D 223 3.67 18.82 3.47
C ILE D 223 5.03 19.20 2.91
N TYR D 224 5.35 18.73 1.71
CA TYR D 224 6.65 18.96 1.10
C TYR D 224 6.64 20.16 0.15
N CYS D 225 5.68 20.21 -0.77
CA CYS D 225 5.64 21.27 -1.76
C CYS D 225 4.19 21.64 -2.05
N ILE D 226 3.97 22.94 -2.30
CA ILE D 226 2.68 23.47 -2.69
C ILE D 226 2.92 24.43 -3.86
N ASN D 227 2.00 24.43 -4.83
CA ASN D 227 2.14 25.29 -6.00
C ASN D 227 0.78 25.59 -6.58
N PHE D 228 0.60 26.84 -7.01
CA PHE D 228 -0.63 27.27 -7.67
C PHE D 228 -0.61 26.88 -9.15
N ASN D 229 -1.75 27.11 -9.80
CA ASN D 229 -1.83 27.01 -11.24
C ASN D 229 -1.77 28.41 -11.84
N GLN D 230 -2.11 28.52 -13.14
CA GLN D 230 -1.98 29.81 -13.82
C GLN D 230 -2.95 30.84 -13.25
N ASP D 231 -4.24 30.53 -13.24
CA ASP D 231 -5.27 31.45 -12.79
C ASP D 231 -5.51 31.40 -11.29
N ALA D 232 -4.61 30.78 -10.53
CA ALA D 232 -4.69 30.70 -9.07
C ALA D 232 -5.98 30.03 -8.58
N SER D 233 -6.63 29.25 -9.44
CA SER D 233 -7.88 28.59 -9.06
C SER D 233 -7.65 27.21 -8.45
N LEU D 234 -6.54 26.56 -8.78
CA LEU D 234 -6.19 25.26 -8.25
C LEU D 234 -4.81 25.30 -7.63
N ILE D 235 -4.58 24.44 -6.64
CA ILE D 235 -3.27 24.22 -6.08
C ILE D 235 -3.03 22.72 -5.98
N CYS D 236 -1.77 22.32 -6.09
CA CYS D 236 -1.37 20.94 -5.92
C CYS D 236 -0.41 20.85 -4.74
N VAL D 237 -0.64 19.87 -3.86
CA VAL D 237 0.12 19.72 -2.63
C VAL D 237 0.70 18.31 -2.60
N SER D 238 2.00 18.22 -2.35
CA SER D 238 2.70 16.94 -2.23
C SER D 238 2.92 16.61 -0.75
N SER D 239 2.68 15.36 -0.38
CA SER D 239 2.81 14.93 1.01
C SER D 239 3.69 13.70 1.13
N ASP D 240 3.38 12.84 2.10
CA ASP D 240 4.21 11.68 2.39
C ASP D 240 4.10 10.64 1.28
N HIS D 241 5.20 9.93 1.04
CA HIS D 241 5.27 8.86 0.04
C HIS D 241 4.87 9.34 -1.35
N GLY D 242 5.25 10.58 -1.67
CA GLY D 242 4.93 11.13 -2.97
C GLY D 242 3.46 11.27 -3.27
N THR D 243 2.62 11.30 -2.24
CA THR D 243 1.18 11.45 -2.43
C THR D 243 0.87 12.92 -2.71
N VAL D 244 0.23 13.18 -3.85
CA VAL D 244 -0.08 14.53 -4.29
C VAL D 244 -1.58 14.71 -4.29
N HIS D 245 -2.06 15.72 -3.56
CA HIS D 245 -3.47 16.09 -3.53
C HIS D 245 -3.67 17.38 -4.32
N ILE D 246 -4.77 17.45 -5.06
CA ILE D 246 -5.10 18.61 -5.88
C ILE D 246 -6.38 19.22 -5.33
N PHE D 247 -6.29 20.47 -4.90
CA PHE D 247 -7.42 21.17 -4.29
C PHE D 247 -7.94 22.26 -5.22
N ALA D 248 -9.11 22.78 -4.87
CA ALA D 248 -9.70 23.94 -5.52
C ALA D 248 -9.51 25.14 -4.59
N ALA D 249 -8.88 26.19 -5.11
CA ALA D 249 -8.47 27.34 -4.29
C ALA D 249 -9.48 28.48 -4.28
N GLU D 250 -10.47 28.47 -5.17
CA GLU D 250 -11.46 29.54 -5.23
C GLU D 250 -12.88 29.11 -4.88
N ASP D 251 -13.20 27.83 -4.99
CA ASP D 251 -14.53 27.36 -4.67
C ASP D 251 -14.75 27.36 -3.16
N PRO D 252 -15.66 28.18 -2.64
CA PRO D 252 -15.85 28.23 -1.17
C PRO D 252 -16.54 27.00 -0.61
N LYS D 253 -17.33 26.28 -1.41
CA LYS D 253 -17.99 25.07 -0.97
C LYS D 253 -17.12 23.83 -1.15
N SER D 254 -15.80 23.98 -1.07
CA SER D 254 -14.87 22.87 -1.22
C SER D 254 -13.75 23.03 -0.20
N LYS D 255 -13.58 22.04 0.67
CA LYS D 255 -12.51 22.06 1.67
C LYS D 255 -11.56 20.88 1.56
N TRP D 256 -11.93 19.82 0.86
CA TRP D 256 -11.08 18.64 0.69
C TRP D 256 -10.60 18.55 -0.75
N SER D 257 -9.60 17.71 -0.97
CA SER D 257 -9.06 17.51 -2.31
C SER D 257 -10.05 16.73 -3.17
N PHE D 258 -10.28 17.22 -4.38
CA PHE D 258 -11.16 16.54 -5.32
C PHE D 258 -10.45 15.43 -6.10
N SER D 259 -9.13 15.40 -6.07
CA SER D 259 -8.37 14.36 -6.75
C SER D 259 -7.05 14.16 -6.02
N LYS D 260 -6.50 12.96 -6.14
CA LYS D 260 -5.25 12.62 -5.47
C LYS D 260 -4.61 11.44 -6.18
N PHE D 261 -3.27 11.44 -6.22
CA PHE D 261 -2.51 10.35 -6.80
C PHE D 261 -1.26 10.12 -5.97
N GLN D 262 -0.60 9.00 -6.23
CA GLN D 262 0.62 8.62 -5.55
C GLN D 262 1.62 8.08 -6.56
N VAL D 263 2.88 8.43 -6.38
CA VAL D 263 3.95 7.93 -7.26
C VAL D 263 4.27 6.49 -6.87
N PRO D 264 4.51 5.61 -7.85
CA PRO D 264 4.80 4.20 -7.50
C PRO D 264 6.02 4.04 -6.63
N SER D 265 7.06 4.85 -6.84
CA SER D 265 8.30 4.69 -6.07
C SER D 265 8.13 5.06 -4.60
N GLY D 266 7.11 5.84 -4.27
CA GLY D 266 6.92 6.26 -2.89
C GLY D 266 7.94 7.25 -2.39
N SER D 267 8.78 7.80 -3.27
CA SER D 267 9.78 8.77 -2.87
C SER D 267 9.16 10.16 -2.76
N PRO D 268 9.65 11.00 -1.84
CA PRO D 268 9.15 12.37 -1.74
C PRO D 268 9.35 13.12 -3.04
N CYS D 269 8.42 14.02 -3.34
CA CYS D 269 8.43 14.69 -4.63
C CYS D 269 7.93 16.13 -4.49
N ILE D 270 8.29 16.94 -5.48
CA ILE D 270 7.75 18.28 -5.65
C ILE D 270 6.74 18.25 -6.79
N CYS D 271 5.71 19.08 -6.68
CA CYS D 271 4.62 19.07 -7.64
C CYS D 271 4.38 20.46 -8.20
N ALA D 272 3.96 20.49 -9.47
CA ALA D 272 3.60 21.72 -10.15
C ALA D 272 2.81 21.36 -11.40
N PHE D 273 1.91 22.26 -11.80
CA PHE D 273 1.11 22.03 -12.99
C PHE D 273 1.98 22.12 -14.25
N GLY D 274 1.52 21.48 -15.32
CA GLY D 274 2.23 21.42 -16.57
C GLY D 274 1.65 22.34 -17.62
N THR D 275 2.00 22.04 -18.88
CA THR D 275 1.51 22.85 -19.99
C THR D 275 0.00 22.75 -20.13
N GLU D 276 -0.52 21.53 -20.07
CA GLU D 276 -1.97 21.35 -20.12
C GLU D 276 -2.60 21.77 -18.80
N PRO D 277 -3.77 22.41 -18.83
CA PRO D 277 -4.37 22.90 -17.58
C PRO D 277 -4.79 21.79 -16.63
N ASN D 278 -4.85 20.54 -17.07
CA ASN D 278 -5.21 19.41 -16.23
C ASN D 278 -4.03 18.47 -16.00
N ALA D 279 -2.81 18.96 -16.14
CA ALA D 279 -1.61 18.16 -15.96
C ALA D 279 -0.90 18.56 -14.67
N VAL D 280 -0.26 17.58 -14.04
CA VAL D 280 0.51 17.79 -12.82
C VAL D 280 1.79 16.99 -12.92
N ILE D 281 2.92 17.66 -12.79
CA ILE D 281 4.24 17.04 -12.89
C ILE D 281 4.80 16.84 -11.50
N ALA D 282 5.26 15.62 -11.20
CA ALA D 282 5.87 15.29 -9.93
C ALA D 282 7.32 14.89 -10.16
N ILE D 283 8.21 15.44 -9.36
CA ILE D 283 9.65 15.20 -9.48
C ILE D 283 10.13 14.64 -8.15
N CYS D 284 10.44 13.35 -8.13
CA CYS D 284 10.78 12.66 -6.90
C CYS D 284 12.28 12.66 -6.68
N ALA D 285 12.67 12.44 -5.41
CA ALA D 285 14.08 12.48 -5.04
C ALA D 285 14.84 11.25 -5.53
N ASP D 286 14.15 10.18 -5.93
CA ASP D 286 14.80 8.99 -6.45
C ASP D 286 15.09 9.10 -7.94
N GLY D 287 14.96 10.29 -8.52
CA GLY D 287 15.22 10.48 -9.93
C GLY D 287 14.08 10.14 -10.85
N SER D 288 12.85 10.10 -10.33
CA SER D 288 11.68 9.70 -11.10
C SER D 288 10.84 10.93 -11.46
N TYR D 289 10.36 10.96 -12.71
CA TYR D 289 9.53 12.03 -13.22
C TYR D 289 8.17 11.45 -13.61
N TYR D 290 7.10 12.10 -13.18
CA TYR D 290 5.75 11.65 -13.48
C TYR D 290 4.91 12.82 -13.99
N LYS D 291 4.00 12.51 -14.91
CA LYS D 291 3.03 13.47 -15.42
C LYS D 291 1.65 12.86 -15.30
N PHE D 292 0.80 13.48 -14.48
CA PHE D 292 -0.54 12.98 -14.21
C PHE D 292 -1.58 13.92 -14.82
N LEU D 293 -2.48 13.36 -15.62
CA LEU D 293 -3.58 14.09 -16.21
C LEU D 293 -4.88 13.67 -15.53
N PHE D 294 -5.65 14.65 -15.09
CA PHE D 294 -6.91 14.40 -14.38
C PHE D 294 -8.06 15.06 -15.13
N ASN D 295 -9.23 14.45 -15.03
CA ASN D 295 -10.46 15.00 -15.56
C ASN D 295 -11.19 15.79 -14.49
N PRO D 296 -12.19 16.59 -14.86
CA PRO D 296 -12.99 17.30 -13.85
C PRO D 296 -13.47 16.41 -12.72
N LYS D 297 -13.80 15.15 -13.01
CA LYS D 297 -14.22 14.23 -11.96
C LYS D 297 -13.06 13.91 -11.02
N GLY D 298 -11.88 13.69 -11.56
CA GLY D 298 -10.70 13.52 -10.72
C GLY D 298 -9.96 12.22 -10.88
N GLU D 299 -10.14 11.55 -12.02
CA GLU D 299 -9.45 10.30 -12.27
C GLU D 299 -8.03 10.56 -12.74
N CYS D 300 -7.10 9.73 -12.28
CA CYS D 300 -5.68 9.88 -12.59
C CYS D 300 -5.32 8.99 -13.77
N ILE D 301 -4.59 9.54 -14.73
CA ILE D 301 -4.10 8.80 -15.89
C ILE D 301 -2.59 8.96 -15.91
N ARG D 302 -1.88 7.92 -15.48
CA ARG D 302 -0.42 7.90 -15.49
C ARG D 302 0.05 7.85 -16.95
N ASP D 303 0.08 9.03 -17.57
CA ASP D 303 0.36 9.12 -19.00
C ASP D 303 1.85 9.04 -19.30
N VAL D 304 2.67 9.73 -18.51
CA VAL D 304 4.10 9.84 -18.78
C VAL D 304 4.88 9.48 -17.53
N TYR D 305 5.93 8.68 -17.70
CA TYR D 305 6.86 8.35 -16.63
C TYR D 305 8.24 8.17 -17.23
N ALA D 306 9.26 8.69 -16.55
CA ALA D 306 10.63 8.61 -17.02
C ALA D 306 11.58 8.76 -15.85
N GLN D 307 12.87 8.66 -16.13
CA GLN D 307 13.95 8.85 -15.15
C GLN D 307 14.82 9.99 -15.66
N PHE D 308 14.64 11.19 -15.07
CA PHE D 308 15.33 12.36 -15.59
C PHE D 308 16.81 12.35 -15.26
N LEU D 309 17.20 11.68 -14.17
CA LEU D 309 18.64 11.51 -13.90
C LEU D 309 19.30 10.62 -14.94
N GLU D 310 18.55 9.69 -15.53
CA GLU D 310 19.11 8.78 -16.52
C GLU D 310 18.63 9.12 -17.92
N UNK E 1 -7.54 -15.81 12.02
CA UNK E 1 -6.12 -15.57 12.18
C UNK E 1 -5.39 -15.62 10.84
N UNK E 2 -5.75 -14.71 9.94
CA UNK E 2 -5.14 -14.61 8.62
C UNK E 2 -4.42 -13.27 8.49
N UNK E 3 -3.94 -12.99 7.28
CA UNK E 3 -3.14 -11.79 7.02
C UNK E 3 -3.94 -10.52 7.27
N UNK E 4 -3.66 -9.85 8.38
CA UNK E 4 -4.26 -8.56 8.72
C UNK E 4 -3.13 -7.56 8.89
N UNK E 5 -3.11 -6.53 8.03
CA UNK E 5 -2.05 -5.53 8.03
C UNK E 5 -2.50 -4.28 8.76
N UNK E 6 -1.62 -3.74 9.61
CA UNK E 6 -1.91 -2.56 10.40
C UNK E 6 -0.85 -1.49 10.15
N UNK E 7 -1.22 -0.23 10.39
CA UNK E 7 -0.33 0.90 10.20
C UNK E 7 -0.54 1.92 11.31
N UNK E 8 0.55 2.30 11.98
CA UNK E 8 0.53 3.29 13.04
C UNK E 8 1.05 4.63 12.52
N UNK E 9 0.50 5.71 13.06
CA UNK E 9 0.81 7.02 12.49
C UNK E 9 1.12 8.06 13.56
N UNK E 10 0.51 7.95 14.74
CA UNK E 10 0.71 8.95 15.78
C UNK E 10 0.54 8.30 17.15
N UNK E 11 1.65 8.09 17.85
CA UNK E 11 1.63 7.48 19.17
C UNK E 11 0.95 8.40 20.19
N ALA F 12 -54.58 -24.34 26.30
CA ALA F 12 -54.52 -22.89 26.15
C ALA F 12 -53.09 -22.40 26.01
N HIS F 13 -52.16 -23.07 26.70
CA HIS F 13 -50.75 -22.71 26.60
C HIS F 13 -50.23 -22.92 25.18
N SER F 14 -50.57 -24.07 24.59
CA SER F 14 -50.18 -24.34 23.21
C SER F 14 -50.86 -23.39 22.23
N LYS F 15 -52.10 -22.98 22.55
CA LYS F 15 -52.78 -21.99 21.72
C LYS F 15 -52.03 -20.66 21.73
N GLU F 16 -51.63 -20.21 22.92
CA GLU F 16 -50.85 -18.99 23.01
C GLU F 16 -49.55 -19.11 22.23
N LEU F 17 -48.88 -20.25 22.33
CA LEU F 17 -47.59 -20.44 21.67
C LEU F 17 -47.69 -20.27 20.16
N ASN F 18 -48.63 -20.97 19.52
CA ASN F 18 -48.80 -20.86 18.07
C ASN F 18 -49.28 -19.48 17.63
N LYS F 19 -49.64 -18.60 18.57
CA LYS F 19 -50.08 -17.24 18.27
C LYS F 19 -49.11 -16.19 18.78
N LEU F 20 -47.90 -16.59 19.18
CA LEU F 20 -46.81 -15.72 19.61
C LEU F 20 -45.70 -15.62 18.57
N PRO F 21 -44.94 -14.53 18.59
CA PRO F 21 -43.82 -14.40 17.66
C PRO F 21 -42.80 -15.51 17.85
N LEU F 22 -42.24 -15.96 16.74
CA LEU F 22 -41.23 -17.01 16.80
C LEU F 22 -40.03 -16.64 17.66
N PRO F 23 -39.52 -15.39 17.68
CA PRO F 23 -38.48 -15.05 18.65
C PRO F 23 -38.89 -15.23 20.10
N SER F 24 -40.20 -15.18 20.40
CA SER F 24 -40.63 -15.43 21.77
C SER F 24 -40.70 -16.91 22.10
N LYS F 25 -40.83 -17.78 21.09
CA LYS F 25 -40.94 -19.22 21.31
C LYS F 25 -39.57 -19.89 21.32
N SER F 26 -38.86 -19.84 20.19
CA SER F 26 -37.56 -20.49 20.04
C SER F 26 -36.53 -19.45 19.63
N VAL F 27 -35.60 -19.13 20.53
CA VAL F 27 -34.62 -18.08 20.28
C VAL F 27 -33.39 -18.35 21.14
N ASP F 28 -32.26 -17.78 20.72
CA ASP F 28 -31.03 -17.73 21.52
C ASP F 28 -30.36 -16.39 21.18
N TRP F 29 -30.66 -15.38 21.98
CA TRP F 29 -30.19 -14.03 21.70
C TRP F 29 -28.68 -13.87 21.81
N THR F 30 -27.96 -14.94 22.18
CA THR F 30 -26.49 -14.94 22.15
C THR F 30 -25.98 -16.01 21.20
N HIS F 31 -26.77 -16.35 20.18
CA HIS F 31 -26.34 -17.34 19.20
C HIS F 31 -25.11 -16.87 18.44
N PHE F 32 -25.07 -15.58 18.10
CA PHE F 32 -23.92 -14.97 17.45
C PHE F 32 -23.08 -14.13 18.40
N GLY F 33 -23.31 -14.25 19.71
CA GLY F 33 -22.58 -13.47 20.69
C GLY F 33 -23.34 -13.25 21.98
N LEU G 20 -16.96 -36.16 -39.42
CA LEU G 20 -15.73 -35.48 -39.80
C LEU G 20 -15.58 -34.18 -39.02
N PRO G 21 -14.42 -33.98 -38.41
CA PRO G 21 -14.19 -32.77 -37.60
C PRO G 21 -14.55 -31.49 -38.35
N LEU G 22 -15.39 -30.67 -37.71
CA LEU G 22 -15.83 -29.44 -38.36
C LEU G 22 -14.70 -28.53 -38.81
N PRO G 23 -13.62 -28.33 -38.03
CA PRO G 23 -12.50 -27.54 -38.56
C PRO G 23 -11.82 -28.19 -39.75
N SER G 24 -12.01 -29.49 -39.99
CA SER G 24 -11.45 -30.12 -41.18
C SER G 24 -12.24 -29.79 -42.44
N LYS G 25 -13.50 -29.38 -42.30
CA LYS G 25 -14.31 -28.96 -43.45
C LYS G 25 -14.09 -27.49 -43.74
N SER G 26 -14.53 -26.61 -42.83
CA SER G 26 -14.38 -25.17 -42.97
C SER G 26 -13.55 -24.65 -41.80
N VAL G 27 -12.54 -23.85 -42.11
CA VAL G 27 -11.65 -23.28 -41.09
C VAL G 27 -10.86 -22.16 -41.73
N ASP G 28 -10.33 -21.27 -40.88
CA ASP G 28 -9.44 -20.20 -41.32
C ASP G 28 -8.52 -19.88 -40.14
N TRP G 29 -7.32 -20.46 -40.16
CA TRP G 29 -6.40 -20.36 -39.01
C TRP G 29 -5.80 -18.98 -38.84
N THR G 30 -6.19 -18.00 -39.64
CA THR G 30 -5.73 -16.62 -39.48
C THR G 30 -6.90 -15.65 -39.37
N HIS G 31 -8.02 -16.12 -38.83
CA HIS G 31 -9.20 -15.26 -38.70
C HIS G 31 -8.97 -14.13 -37.70
N PHE G 32 -8.17 -14.36 -36.66
CA PHE G 32 -7.89 -13.36 -35.65
C PHE G 32 -6.44 -12.89 -35.68
N GLY G 33 -5.83 -12.90 -36.87
CA GLY G 33 -4.46 -12.45 -37.00
C GLY G 33 -3.67 -13.23 -38.04
N GLY G 34 -3.03 -12.52 -38.96
CA GLY G 34 -2.26 -13.15 -40.01
C GLY G 34 -2.70 -12.77 -41.41
N ALA H 12 41.95 4.31 49.67
CA ALA H 12 41.85 3.24 48.70
C ALA H 12 40.58 3.36 47.87
N HIS H 13 39.48 3.76 48.53
CA HIS H 13 38.20 3.89 47.84
C HIS H 13 38.31 4.86 46.67
N SER H 14 38.89 6.04 46.90
CA SER H 14 39.08 7.00 45.81
C SER H 14 39.98 6.44 44.72
N LYS H 15 41.01 5.67 45.12
CA LYS H 15 41.90 5.07 44.13
C LYS H 15 41.17 4.06 43.26
N GLU H 16 40.31 3.25 43.86
CA GLU H 16 39.52 2.29 43.09
C GLU H 16 38.61 3.02 42.11
N LEU H 17 37.86 4.02 42.60
CA LEU H 17 36.90 4.73 41.76
C LEU H 17 37.51 5.25 40.47
N ASN H 18 38.75 5.76 40.55
CA ASN H 18 39.44 6.18 39.34
C ASN H 18 39.73 4.99 38.43
N LYS H 19 40.09 3.85 39.02
CA LYS H 19 40.41 2.65 38.26
C LYS H 19 39.20 1.75 38.04
N LEU H 20 38.00 2.21 38.40
CA LEU H 20 36.85 1.38 38.09
C LEU H 20 36.30 1.71 36.71
N PRO H 21 35.81 0.72 35.98
CA PRO H 21 35.11 0.99 34.72
C PRO H 21 33.97 1.97 34.94
N LEU H 22 33.84 2.94 34.04
CA LEU H 22 32.77 3.93 34.13
C LEU H 22 31.39 3.34 34.33
N PRO H 23 31.01 2.21 33.72
CA PRO H 23 29.73 1.58 34.10
C PRO H 23 29.68 1.19 35.57
N SER H 24 30.77 0.66 36.12
CA SER H 24 30.76 0.30 37.54
C SER H 24 30.73 1.51 38.45
N LYS H 25 31.15 2.68 37.95
CA LYS H 25 31.19 3.88 38.79
C LYS H 25 29.83 4.55 38.86
N SER H 26 29.33 5.03 37.72
CA SER H 26 28.03 5.69 37.65
C SER H 26 27.25 5.08 36.49
N VAL H 27 26.06 4.53 36.78
CA VAL H 27 25.27 3.83 35.77
C VAL H 27 23.83 3.81 36.25
N ASP H 28 22.91 3.62 35.29
CA ASP H 28 21.51 3.30 35.58
C ASP H 28 21.08 2.31 34.50
N TRP H 29 21.15 1.02 34.82
CA TRP H 29 20.89 -0.02 33.85
C TRP H 29 19.43 -0.07 33.38
N THR H 30 18.57 0.78 33.92
CA THR H 30 17.20 0.93 33.43
C THR H 30 16.96 2.34 32.92
N HIS H 31 18.01 3.00 32.44
CA HIS H 31 17.87 4.34 31.90
C HIS H 31 16.99 4.34 30.65
N PHE H 32 17.11 3.31 29.83
CA PHE H 32 16.30 3.16 28.62
C PHE H 32 15.25 2.06 28.76
N GLY H 33 14.97 1.64 29.99
CA GLY H 33 13.98 0.60 30.22
C GLY H 33 14.25 -0.22 31.47
N LYS I 19 26.96 49.95 -8.81
CA LYS I 19 27.18 50.05 -10.24
C LYS I 19 25.85 49.93 -11.00
N LEU I 20 25.56 48.73 -11.50
CA LEU I 20 24.36 48.46 -12.28
C LEU I 20 23.98 47.01 -12.06
N PRO I 21 22.68 46.69 -12.08
CA PRO I 21 22.26 45.28 -11.99
C PRO I 21 22.92 44.43 -13.06
N LEU I 22 23.64 43.39 -12.64
CA LEU I 22 24.35 42.54 -13.61
C LEU I 22 23.45 41.96 -14.69
N PRO I 23 22.23 41.50 -14.41
CA PRO I 23 21.34 41.11 -15.52
C PRO I 23 20.90 42.27 -16.39
N SER I 24 21.01 43.52 -15.92
CA SER I 24 20.69 44.65 -16.78
C SER I 24 21.84 44.97 -17.75
N LYS I 25 23.05 44.50 -17.45
CA LYS I 25 24.21 44.73 -18.32
C LYS I 25 24.36 43.60 -19.33
N SER I 26 24.47 42.35 -18.85
CA SER I 26 24.59 41.19 -19.71
C SER I 26 23.56 40.15 -19.27
N VAL I 27 22.75 39.68 -20.22
CA VAL I 27 21.68 38.74 -19.92
C VAL I 27 21.23 38.09 -21.21
N ASP I 28 20.63 36.90 -21.10
CA ASP I 28 19.99 36.23 -22.23
C ASP I 28 18.78 35.48 -21.65
N TRP I 29 17.62 36.13 -21.67
CA TRP I 29 16.42 35.59 -21.04
C TRP I 29 15.89 34.33 -21.71
N THR I 30 16.51 33.87 -22.80
CA THR I 30 16.12 32.63 -23.46
C THR I 30 17.23 31.59 -23.42
N HIS I 31 18.14 31.69 -22.43
CA HIS I 31 19.26 30.76 -22.35
C HIS I 31 18.79 29.32 -22.19
N PHE I 32 17.73 29.11 -21.41
CA PHE I 32 17.22 27.77 -21.13
C PHE I 32 15.89 27.52 -21.80
N GLY I 33 15.64 28.16 -22.94
CA GLY I 33 14.40 27.97 -23.66
C GLY I 33 13.96 29.18 -24.46
N GLY I 34 13.72 28.99 -25.75
CA GLY I 34 13.30 30.08 -26.61
C GLY I 34 14.41 30.59 -27.52
#